data_8V6O
#
_entry.id   8V6O
#
_cell.length_a   1.00
_cell.length_b   1.00
_cell.length_c   1.00
_cell.angle_alpha   90.00
_cell.angle_beta   90.00
_cell.angle_gamma   90.00
#
_symmetry.space_group_name_H-M   'P 1'
#
loop_
_entity.id
_entity.type
_entity.pdbx_description
1 polymer 'Transient receptor potential cation channel subfamily V member 3'
2 non-polymer '(2S)-3-(hexadecanoyloxy)-2-[(9Z)-octadec-9-enoyloxy]propyl 2-(trimethylammonio)ethyl phosphate'
3 non-polymer '2-aminoethyl diphenylborinate'
4 non-polymer 'SODIUM ION'
5 water water
#
_entity_poly.entity_id   1
_entity_poly.type   'polypeptide(L)'
_entity_poly.pdbx_seq_one_letter_code
;MKAHPKEMVPLMGKRVAAPSGNPAILPEKRPAEITPTKKSAHFFLEIEGFEPNPTVAKTSPPVFSKPMDSNIRQCISGNC
DDMDSPQSPQDDVTETPSNPNSPSAQLAKEEQRRKKRRLKKRIFAAVSEGCVEELVELLVELQELCRRRHDEDVPDFLMH
KLTASDTGKTCLMKALLNINPNTKEIVRILLAFAEENDILGRFINAEYTEEAYEGQTALNIAIERRQGDIAALLIAAGAD
VNAHAKGAFFNPKYQHEGFYFGETPLALAACTNQPEIVQLLMEHEQTDITSRDSRGNNILHALVTVAEDFKTQNDFVKRM
YDMILLRSGNWELETTRNNDGLTPLQLAAKMGKAEILKYILSREIKEKRLRSLSRKFTDWAYGPVSSSLYDLTNVDTTTD
NSVLEITVYNTNIDNRHEMLTLEPLHTLLHMKWKKFAKHMFFLSFCFYFFYNITLTLVSYYRPREEEAIPHPLALTHKMG
WLQLLGRMFVLIWAMCISVKEGIAIFLLRPSDLQSILSDAWFHFVFFIQAVLVILSVFLYLFAYKEYLACLVLAMALGWA
NMLYYTRGFQSMGMYSVMIQKVILHDVLKFLFVYIVFLLGFGVALASLIEKCPKDNKDCSSYGSFSDAVLELFKLTIGLG
DLNIQQNSKYPILFLFLLITYVILTFVLLLNMLIALMGETVENVSKESERIWRLQRARTILEFEKMLPEWLRSRFRMGEL
CKVAEDDFRLCLRINEVKWTEWKTHVSFLNEDPGPVRRTADFNKIQDSSRNNSKTTLNAFEEVEEFPETSVLVPRGSAAA
WSHPQFEK
;
_entity_poly.pdbx_strand_id   A,B,C,D
#
# COMPACT_ATOMS: atom_id res chain seq x y z
N ARG A 117 -9.55 -68.98 19.41
CA ARG A 117 -8.54 -69.79 18.74
C ARG A 117 -8.36 -69.38 17.28
N ARG A 118 -7.90 -70.33 16.45
CA ARG A 118 -7.60 -70.09 15.05
C ARG A 118 -8.85 -69.75 14.22
N LEU A 119 -10.02 -70.17 14.68
CA LEU A 119 -11.26 -69.90 13.94
C LEU A 119 -11.66 -68.44 14.03
N LYS A 120 -11.36 -67.81 15.17
CA LYS A 120 -11.77 -66.42 15.39
C LYS A 120 -10.90 -65.46 14.62
N LYS A 121 -9.59 -65.73 14.54
CA LYS A 121 -8.66 -64.77 13.94
C LYS A 121 -8.77 -64.76 12.42
N ARG A 122 -9.21 -65.87 11.83
CA ARG A 122 -9.32 -65.94 10.38
C ARG A 122 -10.54 -65.19 9.88
N ILE A 123 -11.59 -65.10 10.70
CA ILE A 123 -12.79 -64.38 10.30
C ILE A 123 -12.54 -62.87 10.40
N PHE A 124 -11.77 -62.46 11.42
CA PHE A 124 -11.42 -61.04 11.57
C PHE A 124 -10.47 -60.59 10.46
N ALA A 125 -9.65 -61.51 9.95
CA ALA A 125 -8.69 -61.14 8.92
C ALA A 125 -9.32 -61.15 7.53
N ALA A 126 -10.34 -61.98 7.33
CA ALA A 126 -10.93 -62.13 6.00
C ALA A 126 -11.76 -60.91 5.62
N VAL A 127 -12.25 -60.17 6.62
CA VAL A 127 -13.04 -58.98 6.34
C VAL A 127 -12.14 -57.75 6.26
N SER A 128 -10.82 -57.93 6.39
CA SER A 128 -9.92 -56.78 6.38
C SER A 128 -9.42 -56.47 4.98
N GLU A 129 -8.73 -57.42 4.33
CA GLU A 129 -8.19 -57.17 3.01
C GLU A 129 -9.27 -57.21 1.93
N GLY A 130 -10.22 -58.13 2.04
CA GLY A 130 -11.27 -58.22 1.05
C GLY A 130 -11.45 -59.60 0.45
N CYS A 131 -11.00 -60.62 1.16
CA CYS A 131 -11.17 -62.00 0.69
C CYS A 131 -12.63 -62.41 0.85
N VAL A 132 -13.42 -62.25 -0.22
CA VAL A 132 -14.85 -62.54 -0.15
C VAL A 132 -15.09 -64.04 -0.18
N GLU A 133 -14.35 -64.75 -1.03
CA GLU A 133 -14.57 -66.18 -1.19
C GLU A 133 -14.03 -66.96 0.01
N GLU A 134 -13.03 -66.42 0.70
CA GLU A 134 -12.49 -67.07 1.88
C GLU A 134 -13.46 -66.94 3.06
N LEU A 135 -14.27 -65.89 3.07
CA LEU A 135 -15.18 -65.65 4.18
C LEU A 135 -16.39 -66.60 4.12
N VAL A 136 -16.61 -67.22 2.94
CA VAL A 136 -17.78 -68.06 2.74
C VAL A 136 -17.66 -69.35 3.56
N GLU A 137 -16.55 -70.07 3.41
CA GLU A 137 -16.41 -71.35 4.11
C GLU A 137 -16.11 -71.15 5.59
N LEU A 138 -15.60 -69.96 5.96
CA LEU A 138 -15.38 -69.67 7.37
C LEU A 138 -16.69 -69.46 8.11
N LEU A 139 -17.72 -68.95 7.42
CA LEU A 139 -19.04 -68.85 8.02
C LEU A 139 -19.78 -70.18 7.98
N VAL A 140 -19.40 -71.05 7.03
CA VAL A 140 -19.92 -72.41 7.01
C VAL A 140 -19.31 -73.21 8.16
N GLU A 141 -18.01 -73.03 8.40
CA GLU A 141 -17.33 -73.73 9.49
C GLU A 141 -17.86 -73.25 10.85
N LEU A 142 -18.28 -71.99 10.92
CA LEU A 142 -18.95 -71.51 12.12
C LEU A 142 -20.37 -72.06 12.22
N GLN A 143 -20.95 -72.45 11.09
CA GLN A 143 -22.32 -72.95 11.09
C GLN A 143 -22.35 -74.46 11.35
N GLU A 144 -21.29 -75.18 10.95
CA GLU A 144 -21.23 -76.62 11.16
C GLU A 144 -21.04 -76.96 12.63
N LEU A 145 -20.51 -76.01 13.41
CA LEU A 145 -20.24 -76.26 14.83
C LEU A 145 -21.50 -76.03 15.66
N CYS A 146 -22.56 -75.48 15.06
CA CYS A 146 -23.74 -75.11 15.83
C CYS A 146 -24.57 -76.33 16.24
N ARG A 147 -24.44 -77.44 15.51
CA ARG A 147 -25.25 -78.61 15.81
C ARG A 147 -24.60 -79.52 16.86
N ARG A 148 -24.26 -78.97 18.03
CA ARG A 148 -23.87 -79.79 19.16
C ARG A 148 -24.46 -79.21 20.45
N ARG A 149 -25.30 -78.19 20.31
CA ARG A 149 -25.94 -77.54 21.45
C ARG A 149 -27.44 -77.35 21.17
N HIS A 150 -28.12 -76.62 22.05
CA HIS A 150 -29.50 -76.22 21.85
C HIS A 150 -29.61 -74.71 21.91
N ASP A 151 -30.85 -74.20 21.83
CA ASP A 151 -31.07 -72.80 21.46
C ASP A 151 -30.86 -71.81 22.60
N GLU A 152 -30.37 -72.28 23.74
CA GLU A 152 -30.04 -71.38 24.84
C GLU A 152 -28.63 -70.82 24.67
N ASP A 153 -27.72 -71.65 24.14
CA ASP A 153 -26.31 -71.27 24.05
C ASP A 153 -25.86 -70.87 22.65
N VAL A 154 -26.58 -71.28 21.62
CA VAL A 154 -26.22 -70.98 20.22
C VAL A 154 -26.30 -69.49 19.91
N PRO A 155 -27.36 -68.70 20.32
CA PRO A 155 -27.26 -67.23 20.10
C PRO A 155 -26.20 -66.57 20.98
N ASP A 156 -25.84 -67.21 22.09
CA ASP A 156 -24.82 -66.65 22.98
C ASP A 156 -23.42 -66.92 22.45
N PHE A 157 -23.21 -68.11 21.87
CA PHE A 157 -21.86 -68.52 21.47
C PHE A 157 -21.43 -67.82 20.19
N LEU A 158 -22.37 -67.38 19.36
CA LEU A 158 -22.02 -66.66 18.15
C LEU A 158 -21.58 -65.23 18.46
N MET A 159 -21.97 -64.71 19.63
CA MET A 159 -21.54 -63.37 20.02
C MET A 159 -20.11 -63.38 20.54
N HIS A 160 -19.63 -64.53 20.98
CA HIS A 160 -18.25 -64.62 21.47
C HIS A 160 -17.27 -64.75 20.32
N LYS A 161 -17.69 -65.37 19.22
CA LYS A 161 -16.78 -65.65 18.11
C LYS A 161 -16.84 -64.61 17.00
N LEU A 162 -17.86 -63.76 16.98
CA LEU A 162 -17.94 -62.68 16.00
C LEU A 162 -17.52 -61.33 16.57
N THR A 163 -17.36 -61.24 17.90
CA THR A 163 -16.94 -60.00 18.54
C THR A 163 -15.61 -60.22 19.25
N ALA A 164 -15.08 -59.15 19.82
CA ALA A 164 -13.88 -59.26 20.65
C ALA A 164 -14.29 -59.44 22.11
N SER A 165 -13.32 -59.41 23.02
CA SER A 165 -13.61 -59.60 24.44
C SER A 165 -13.10 -58.42 25.25
N ASP A 166 -12.14 -57.69 24.70
CA ASP A 166 -11.55 -56.55 25.40
C ASP A 166 -12.08 -55.21 24.91
N THR A 167 -12.46 -55.11 23.63
CA THR A 167 -12.97 -53.86 23.07
C THR A 167 -14.43 -53.94 22.67
N GLY A 168 -14.87 -55.05 22.10
CA GLY A 168 -16.23 -55.20 21.62
C GLY A 168 -16.42 -55.00 20.14
N LYS A 169 -15.33 -54.98 19.36
CA LYS A 169 -15.43 -54.76 17.93
C LYS A 169 -15.93 -56.03 17.24
N THR A 170 -16.91 -55.85 16.36
CA THR A 170 -17.56 -56.96 15.66
C THR A 170 -16.89 -57.19 14.31
N CYS A 171 -17.40 -58.18 13.58
CA CYS A 171 -16.94 -58.40 12.21
C CYS A 171 -17.46 -57.32 11.27
N LEU A 172 -18.63 -56.75 11.58
CA LEU A 172 -19.19 -55.70 10.76
C LEU A 172 -18.42 -54.39 10.96
N MET A 173 -17.93 -54.16 12.17
CA MET A 173 -17.15 -52.96 12.45
C MET A 173 -15.76 -53.05 11.82
N LYS A 174 -15.22 -54.27 11.72
CA LYS A 174 -13.89 -54.45 11.14
C LYS A 174 -13.91 -54.23 9.64
N ALA A 175 -15.01 -54.62 8.98
CA ALA A 175 -15.08 -54.48 7.53
C ALA A 175 -15.33 -53.03 7.12
N LEU A 176 -16.01 -52.26 7.98
CA LEU A 176 -16.32 -50.88 7.64
C LEU A 176 -15.17 -49.93 7.96
N LEU A 177 -14.27 -50.31 8.88
CA LEU A 177 -13.08 -49.50 9.12
C LEU A 177 -12.05 -49.67 8.00
N ASN A 178 -12.10 -50.78 7.28
CA ASN A 178 -11.17 -51.06 6.19
C ASN A 178 -11.93 -50.96 4.87
N ILE A 179 -11.92 -49.76 4.30
CA ILE A 179 -12.64 -49.50 3.05
C ILE A 179 -11.87 -50.09 1.89
N ASN A 180 -12.43 -51.12 1.27
CA ASN A 180 -11.89 -51.85 0.14
C ASN A 180 -12.92 -51.84 -0.99
N PRO A 181 -12.56 -52.11 -2.25
CA PRO A 181 -13.55 -52.12 -3.32
C PRO A 181 -14.59 -53.24 -3.26
N ASN A 182 -14.48 -54.19 -2.32
CA ASN A 182 -15.52 -55.18 -2.11
C ASN A 182 -16.26 -54.95 -0.78
N THR A 183 -16.49 -53.69 -0.42
CA THR A 183 -17.08 -53.39 0.88
C THR A 183 -18.60 -53.50 0.84
N LYS A 184 -19.19 -53.52 -0.35
CA LYS A 184 -20.64 -53.57 -0.44
C LYS A 184 -21.15 -55.00 -0.34
N GLU A 185 -20.45 -55.94 -0.98
CA GLU A 185 -20.92 -57.33 -0.98
C GLU A 185 -20.56 -58.02 0.32
N ILE A 186 -19.58 -57.51 1.05
CA ILE A 186 -19.10 -58.21 2.25
C ILE A 186 -20.02 -57.91 3.43
N VAL A 187 -20.81 -56.84 3.33
CA VAL A 187 -21.78 -56.52 4.38
C VAL A 187 -23.04 -57.36 4.19
N ARG A 188 -23.39 -57.65 2.93
CA ARG A 188 -24.59 -58.43 2.62
C ARG A 188 -24.45 -59.88 3.05
N ILE A 189 -23.21 -60.37 3.12
CA ILE A 189 -22.98 -61.76 3.52
C ILE A 189 -23.08 -61.88 5.04
N LEU A 190 -22.51 -60.91 5.77
CA LEU A 190 -22.46 -61.00 7.22
C LEU A 190 -23.82 -60.75 7.85
N LEU A 191 -24.64 -59.89 7.23
CA LEU A 191 -25.95 -59.61 7.80
C LEU A 191 -26.95 -60.72 7.48
N ALA A 192 -26.73 -61.44 6.37
CA ALA A 192 -27.60 -62.55 6.04
C ALA A 192 -27.33 -63.75 6.94
N PHE A 193 -26.11 -63.84 7.46
CA PHE A 193 -25.78 -64.93 8.39
C PHE A 193 -26.43 -64.69 9.75
N ALA A 194 -26.60 -63.42 10.12
CA ALA A 194 -27.22 -63.11 11.41
C ALA A 194 -28.73 -63.27 11.33
N GLU A 195 -29.29 -63.16 10.13
CA GLU A 195 -30.73 -63.34 9.94
C GLU A 195 -31.11 -64.82 10.05
N GLU A 196 -30.24 -65.70 9.55
CA GLU A 196 -30.48 -67.14 9.61
C GLU A 196 -30.38 -67.67 11.02
N ASN A 197 -29.54 -67.03 11.85
CA ASN A 197 -29.42 -67.42 13.25
C ASN A 197 -30.29 -66.57 14.17
N ASP A 198 -31.06 -65.62 13.62
CA ASP A 198 -31.99 -64.74 14.33
C ASP A 198 -31.29 -63.94 15.43
N ILE A 199 -30.11 -63.44 15.07
CA ILE A 199 -29.28 -62.66 15.99
C ILE A 199 -28.94 -61.31 15.35
N LEU A 200 -29.76 -60.87 14.40
CA LEU A 200 -29.47 -59.65 13.66
C LEU A 200 -29.65 -58.41 14.54
N GLY A 201 -30.55 -58.48 15.50
CA GLY A 201 -30.85 -57.35 16.37
C GLY A 201 -29.73 -56.95 17.30
N ARG A 202 -29.02 -57.93 17.86
CA ARG A 202 -27.94 -57.63 18.79
C ARG A 202 -26.60 -57.49 18.07
N PHE A 203 -26.56 -57.89 16.79
CA PHE A 203 -25.32 -57.81 16.02
C PHE A 203 -25.10 -56.41 15.45
N ILE A 204 -26.14 -55.85 14.82
CA ILE A 204 -26.01 -54.53 14.21
C ILE A 204 -26.08 -53.42 15.25
N ASN A 205 -26.62 -53.71 16.43
CA ASN A 205 -26.76 -52.69 17.47
C ASN A 205 -25.73 -52.91 18.58
N ALA A 206 -24.57 -53.45 18.23
CA ALA A 206 -23.50 -53.68 19.18
C ALA A 206 -22.72 -52.39 19.40
N GLU A 207 -22.05 -52.32 20.56
CA GLU A 207 -21.28 -51.15 20.95
C GLU A 207 -19.92 -51.58 21.46
N TYR A 208 -18.96 -50.65 21.42
CA TYR A 208 -17.65 -50.90 22.00
C TYR A 208 -17.74 -50.89 23.53
N THR A 209 -17.05 -51.83 24.17
CA THR A 209 -16.92 -51.84 25.63
C THR A 209 -15.72 -51.03 26.10
N GLU A 210 -14.98 -50.41 25.17
CA GLU A 210 -13.81 -49.60 25.51
C GLU A 210 -14.24 -48.27 26.08
N GLU A 211 -13.48 -47.75 27.06
CA GLU A 211 -13.79 -46.46 27.66
C GLU A 211 -13.65 -45.29 26.70
N ALA A 212 -12.76 -45.36 25.71
CA ALA A 212 -12.60 -44.27 24.75
C ALA A 212 -13.49 -44.42 23.53
N TYR A 213 -14.34 -45.45 23.46
CA TYR A 213 -15.23 -45.63 22.32
C TYR A 213 -16.63 -46.05 22.72
N GLU A 214 -17.05 -45.80 23.95
CA GLU A 214 -18.31 -46.29 24.49
C GLU A 214 -19.50 -45.64 23.81
N GLY A 215 -20.29 -46.45 23.11
CA GLY A 215 -21.50 -46.00 22.44
C GLY A 215 -21.39 -46.02 20.92
N GLN A 216 -20.17 -46.18 20.39
CA GLN A 216 -20.00 -46.19 18.95
C GLN A 216 -20.48 -47.50 18.35
N THR A 217 -21.31 -47.39 17.31
CA THR A 217 -21.90 -48.56 16.67
C THR A 217 -21.36 -48.65 15.24
N ALA A 218 -21.89 -49.62 14.50
CA ALA A 218 -21.48 -49.81 13.12
C ALA A 218 -22.06 -48.75 12.21
N LEU A 219 -23.15 -48.10 12.64
CA LEU A 219 -23.74 -47.03 11.85
C LEU A 219 -22.88 -45.76 11.91
N ASN A 220 -22.22 -45.54 13.04
CA ASN A 220 -21.35 -44.37 13.19
C ASN A 220 -20.08 -44.51 12.36
N ILE A 221 -19.70 -45.75 12.04
CA ILE A 221 -18.50 -45.97 11.24
C ILE A 221 -18.79 -45.73 9.76
N ALA A 222 -19.93 -46.22 9.28
CA ALA A 222 -20.25 -46.15 7.86
C ALA A 222 -20.57 -44.72 7.43
N ILE A 223 -21.08 -43.89 8.35
CA ILE A 223 -21.32 -42.49 8.06
C ILE A 223 -20.01 -41.72 7.89
N GLU A 224 -19.01 -41.99 8.73
CA GLU A 224 -17.75 -41.25 8.70
C GLU A 224 -16.89 -41.64 7.50
N ARG A 225 -17.05 -42.88 7.01
CA ARG A 225 -16.22 -43.36 5.91
C ARG A 225 -16.82 -43.03 4.54
N ARG A 226 -17.82 -42.15 4.51
CA ARG A 226 -18.49 -41.67 3.29
C ARG A 226 -19.10 -42.82 2.49
N GLN A 227 -19.77 -43.73 3.20
CA GLN A 227 -20.46 -44.85 2.58
C GLN A 227 -21.96 -44.66 2.74
N GLY A 228 -22.56 -43.93 1.80
CA GLY A 228 -23.98 -43.63 1.89
C GLY A 228 -24.85 -44.81 1.49
N ASP A 229 -24.31 -45.69 0.63
CA ASP A 229 -25.09 -46.85 0.20
C ASP A 229 -25.11 -47.93 1.27
N ILE A 230 -24.02 -48.08 2.02
CA ILE A 230 -23.97 -49.07 3.08
C ILE A 230 -24.79 -48.60 4.27
N ALA A 231 -24.73 -47.30 4.57
CA ALA A 231 -25.46 -46.74 5.71
C ALA A 231 -26.96 -46.77 5.48
N ALA A 232 -27.38 -46.70 4.21
CA ALA A 232 -28.79 -46.86 3.89
C ALA A 232 -29.23 -48.31 4.05
N LEU A 233 -28.28 -49.25 3.91
CA LEU A 233 -28.60 -50.66 4.03
C LEU A 233 -28.64 -51.08 5.49
N LEU A 234 -27.90 -50.39 6.35
CA LEU A 234 -27.87 -50.74 7.77
C LEU A 234 -29.14 -50.30 8.47
N ILE A 235 -29.69 -49.15 8.09
CA ILE A 235 -30.90 -48.63 8.72
C ILE A 235 -32.10 -49.50 8.38
N ALA A 236 -32.15 -49.99 7.13
CA ALA A 236 -33.23 -50.88 6.72
C ALA A 236 -33.08 -52.25 7.38
N ALA A 237 -31.86 -52.62 7.77
CA ALA A 237 -31.61 -53.86 8.50
C ALA A 237 -31.94 -53.75 9.98
N GLY A 238 -32.13 -52.53 10.50
CA GLY A 238 -32.52 -52.37 11.89
C GLY A 238 -31.45 -51.78 12.79
N ALA A 239 -30.63 -50.88 12.27
CA ALA A 239 -29.60 -50.23 13.07
C ALA A 239 -30.22 -49.11 13.88
N ASP A 240 -29.69 -48.87 15.07
CA ASP A 240 -30.18 -47.80 15.92
C ASP A 240 -29.69 -46.45 15.41
N VAL A 241 -30.64 -45.60 15.00
CA VAL A 241 -30.31 -44.26 14.51
C VAL A 241 -30.16 -43.24 15.63
N ASN A 242 -30.31 -43.66 16.88
CA ASN A 242 -30.17 -42.76 18.02
C ASN A 242 -29.06 -43.23 18.94
N ALA A 243 -27.95 -43.70 18.37
CA ALA A 243 -26.82 -44.16 19.14
C ALA A 243 -26.05 -42.99 19.72
N HIS A 244 -25.65 -43.12 20.99
CA HIS A 244 -24.97 -42.05 21.72
C HIS A 244 -23.53 -42.49 22.00
N ALA A 245 -22.60 -42.03 21.16
CA ALA A 245 -21.18 -42.32 21.36
C ALA A 245 -20.61 -41.45 22.47
N LYS A 246 -20.72 -41.93 23.71
CA LYS A 246 -20.31 -41.17 24.88
C LYS A 246 -18.86 -41.44 25.30
N GLY A 247 -18.04 -41.96 24.39
CA GLY A 247 -16.66 -42.29 24.71
C GLY A 247 -15.78 -41.07 24.91
N ALA A 248 -14.57 -41.30 25.43
CA ALA A 248 -13.64 -40.22 25.73
C ALA A 248 -13.03 -39.58 24.48
N PHE A 249 -12.95 -40.32 23.37
CA PHE A 249 -12.49 -39.75 22.12
C PHE A 249 -13.50 -38.80 21.50
N PHE A 250 -14.79 -39.08 21.66
CA PHE A 250 -15.82 -38.26 21.04
C PHE A 250 -16.24 -37.09 21.92
N ASN A 251 -15.86 -37.10 23.20
CA ASN A 251 -16.07 -35.98 24.11
C ASN A 251 -14.72 -35.64 24.72
N PRO A 252 -13.94 -34.78 24.06
CA PRO A 252 -12.56 -34.50 24.53
C PRO A 252 -12.51 -33.69 25.81
N LYS A 253 -11.29 -33.45 26.32
CA LYS A 253 -11.11 -32.73 27.57
C LYS A 253 -11.02 -31.22 27.39
N TYR A 254 -10.02 -30.71 26.67
CA TYR A 254 -10.00 -29.29 26.36
C TYR A 254 -10.09 -29.03 24.86
N GLN A 255 -9.10 -29.51 24.11
CA GLN A 255 -8.98 -29.28 22.68
C GLN A 255 -8.16 -30.41 22.07
N HIS A 256 -8.52 -30.79 20.84
CA HIS A 256 -7.82 -31.67 19.91
C HIS A 256 -7.33 -33.00 20.47
N GLU A 257 -7.97 -33.52 21.52
CA GLU A 257 -7.78 -34.93 21.87
C GLU A 257 -8.73 -35.84 21.09
N GLY A 258 -9.62 -35.26 20.29
CA GLY A 258 -10.58 -36.04 19.55
C GLY A 258 -11.38 -35.13 18.63
N PHE A 259 -12.64 -35.49 18.46
CA PHE A 259 -13.55 -34.74 17.59
C PHE A 259 -14.97 -34.83 18.15
N TYR A 260 -15.44 -33.74 18.72
CA TYR A 260 -16.82 -33.63 19.20
C TYR A 260 -17.70 -33.17 18.05
N PHE A 261 -18.73 -33.96 17.75
CA PHE A 261 -19.66 -33.64 16.67
C PHE A 261 -21.10 -33.54 17.12
N GLY A 262 -21.46 -34.17 18.24
CA GLY A 262 -22.83 -34.11 18.73
C GLY A 262 -23.30 -35.45 19.27
N GLU A 263 -22.45 -36.46 19.15
CA GLU A 263 -22.63 -37.81 19.68
C GLU A 263 -23.86 -38.54 19.13
N THR A 264 -24.40 -38.09 18.01
CA THR A 264 -25.52 -38.76 17.36
C THR A 264 -25.19 -38.98 15.89
N PRO A 265 -25.79 -40.00 15.26
CA PRO A 265 -25.56 -40.18 13.81
C PRO A 265 -26.13 -39.06 12.94
N LEU A 266 -27.12 -38.32 13.44
CA LEU A 266 -27.63 -37.17 12.70
C LEU A 266 -26.63 -36.03 12.72
N ALA A 267 -25.87 -35.90 13.81
CA ALA A 267 -24.90 -34.82 13.90
C ALA A 267 -23.61 -35.17 13.18
N LEU A 268 -23.30 -36.45 13.05
CA LEU A 268 -22.07 -36.86 12.37
C LEU A 268 -22.19 -36.63 10.86
N ALA A 269 -23.39 -36.85 10.31
CA ALA A 269 -23.60 -36.59 8.89
C ALA A 269 -23.72 -35.09 8.63
N ALA A 270 -24.12 -34.32 9.65
CA ALA A 270 -24.28 -32.88 9.46
C ALA A 270 -22.95 -32.15 9.60
N CYS A 271 -22.12 -32.56 10.56
CA CYS A 271 -20.86 -31.87 10.81
C CYS A 271 -19.75 -32.26 9.85
N THR A 272 -19.92 -33.35 9.09
CA THR A 272 -18.93 -33.78 8.12
C THR A 272 -19.38 -33.52 6.67
N ASN A 273 -20.40 -32.66 6.50
CA ASN A 273 -20.89 -32.20 5.20
C ASN A 273 -21.38 -33.35 4.34
N GLN A 274 -22.42 -34.03 4.82
CA GLN A 274 -23.03 -35.16 4.12
C GLN A 274 -24.53 -34.90 4.00
N PRO A 275 -24.95 -34.07 3.05
CA PRO A 275 -26.36 -33.66 3.03
C PRO A 275 -27.31 -34.74 2.52
N GLU A 276 -26.79 -35.79 1.90
CA GLU A 276 -27.66 -36.85 1.39
C GLU A 276 -28.08 -37.79 2.52
N ILE A 277 -27.26 -37.91 3.56
CA ILE A 277 -27.55 -38.83 4.64
C ILE A 277 -28.39 -38.12 5.72
N VAL A 278 -28.24 -36.79 5.82
CA VAL A 278 -29.07 -36.00 6.73
C VAL A 278 -30.53 -36.04 6.29
N GLN A 279 -30.76 -35.97 4.98
CA GLN A 279 -32.12 -36.08 4.44
C GLN A 279 -32.64 -37.50 4.57
N LEU A 280 -31.74 -38.49 4.62
CA LEU A 280 -32.14 -39.88 4.79
C LEU A 280 -32.56 -40.15 6.23
N LEU A 281 -31.87 -39.53 7.19
CA LEU A 281 -32.15 -39.79 8.60
C LEU A 281 -33.41 -39.08 9.07
N MET A 282 -33.68 -37.87 8.55
CA MET A 282 -34.86 -37.13 9.00
C MET A 282 -36.15 -37.74 8.48
N GLU A 283 -36.12 -38.41 7.33
CA GLU A 283 -37.28 -39.13 6.84
C GLU A 283 -37.55 -40.40 7.63
N HIS A 284 -36.53 -41.02 8.20
CA HIS A 284 -36.70 -42.18 9.07
C HIS A 284 -37.30 -41.74 10.40
N GLU A 285 -38.34 -42.45 10.86
CA GLU A 285 -39.17 -41.94 11.94
C GLU A 285 -38.88 -42.55 13.31
N GLN A 286 -37.79 -43.31 13.46
CA GLN A 286 -37.22 -43.56 14.78
C GLN A 286 -36.17 -42.53 15.16
N THR A 287 -35.88 -41.57 14.29
CA THR A 287 -34.87 -40.56 14.53
C THR A 287 -35.47 -39.47 15.44
N ASP A 288 -34.91 -39.33 16.63
CA ASP A 288 -35.32 -38.28 17.56
C ASP A 288 -34.40 -37.09 17.35
N ILE A 289 -34.93 -36.06 16.69
CA ILE A 289 -34.18 -34.85 16.40
C ILE A 289 -33.89 -34.04 17.66
N THR A 290 -34.79 -34.09 18.65
CA THR A 290 -34.65 -33.34 19.88
C THR A 290 -33.86 -34.10 20.95
N SER A 291 -32.97 -35.00 20.55
CA SER A 291 -32.17 -35.74 21.50
C SER A 291 -31.12 -34.84 22.14
N ARG A 292 -30.83 -35.13 23.41
CA ARG A 292 -29.87 -34.36 24.18
C ARG A 292 -28.81 -35.30 24.73
N ASP A 293 -27.54 -34.98 24.44
CA ASP A 293 -26.43 -35.82 24.86
C ASP A 293 -26.00 -35.54 26.29
N SER A 294 -24.82 -36.03 26.68
CA SER A 294 -24.30 -35.83 28.02
C SER A 294 -23.95 -34.37 28.33
N ARG A 295 -23.70 -33.56 27.30
CA ARG A 295 -23.45 -32.13 27.48
C ARG A 295 -24.72 -31.30 27.38
N GLY A 296 -25.88 -31.94 27.21
CA GLY A 296 -27.13 -31.23 27.06
C GLY A 296 -27.38 -30.67 25.68
N ASN A 297 -26.47 -30.87 24.75
CA ASN A 297 -26.57 -30.30 23.41
C ASN A 297 -27.53 -31.11 22.56
N ASN A 298 -28.14 -30.45 21.58
CA ASN A 298 -28.94 -31.09 20.55
C ASN A 298 -28.30 -30.81 19.19
N ILE A 299 -29.06 -31.09 18.13
CA ILE A 299 -28.56 -31.01 16.76
C ILE A 299 -28.19 -29.56 16.39
N LEU A 300 -28.83 -28.57 17.02
CA LEU A 300 -28.52 -27.19 16.67
C LEU A 300 -27.46 -26.60 17.58
N HIS A 301 -27.29 -27.15 18.78
CA HIS A 301 -26.17 -26.73 19.62
C HIS A 301 -24.83 -27.21 19.05
N ALA A 302 -24.84 -28.40 18.43
CA ALA A 302 -23.59 -29.00 17.99
C ALA A 302 -23.09 -28.36 16.70
N LEU A 303 -23.98 -27.81 15.89
CA LEU A 303 -23.56 -27.13 14.67
C LEU A 303 -22.91 -25.79 14.98
N VAL A 304 -23.31 -25.17 16.10
CA VAL A 304 -22.67 -23.92 16.53
C VAL A 304 -21.27 -24.19 17.06
N THR A 305 -21.07 -25.35 17.70
CA THR A 305 -19.79 -25.67 18.30
C THR A 305 -18.71 -25.95 17.26
N VAL A 306 -19.04 -26.72 16.22
CA VAL A 306 -18.05 -27.08 15.20
C VAL A 306 -17.90 -26.02 14.13
N ALA A 307 -18.65 -24.93 14.18
CA ALA A 307 -18.62 -23.94 13.12
C ALA A 307 -17.36 -23.09 13.20
N GLU A 308 -16.89 -22.65 12.03
CA GLU A 308 -15.72 -21.79 11.93
C GLU A 308 -15.99 -20.71 10.89
N ASP A 309 -14.93 -20.01 10.47
CA ASP A 309 -15.06 -18.92 9.51
C ASP A 309 -15.30 -19.45 8.10
N PHE A 310 -15.66 -18.56 7.17
CA PHE A 310 -15.80 -18.92 5.77
C PHE A 310 -14.47 -19.25 5.13
N LYS A 311 -13.39 -18.57 5.55
CA LYS A 311 -12.06 -18.91 5.06
C LYS A 311 -11.60 -20.26 5.58
N THR A 312 -12.00 -20.60 6.81
CA THR A 312 -11.59 -21.85 7.43
C THR A 312 -12.29 -23.07 6.82
N GLN A 313 -13.62 -23.12 6.84
CA GLN A 313 -14.31 -24.30 6.34
C GLN A 313 -15.05 -24.10 5.04
N ASN A 314 -16.22 -23.45 5.09
CA ASN A 314 -17.11 -23.12 3.98
C ASN A 314 -18.28 -22.39 4.62
N ASP A 315 -19.34 -22.13 3.87
CA ASP A 315 -20.60 -21.78 4.51
C ASP A 315 -21.54 -22.98 4.65
N PHE A 316 -21.02 -24.20 4.85
CA PHE A 316 -21.89 -25.38 4.81
C PHE A 316 -22.58 -25.61 6.15
N VAL A 317 -22.00 -25.13 7.25
CA VAL A 317 -22.63 -25.30 8.56
C VAL A 317 -23.81 -24.35 8.72
N LYS A 318 -23.84 -23.28 7.91
CA LYS A 318 -25.02 -22.43 7.84
C LYS A 318 -26.13 -23.09 7.05
N ARG A 319 -25.76 -23.88 6.03
CA ARG A 319 -26.77 -24.57 5.23
C ARG A 319 -27.32 -25.79 5.95
N MET A 320 -26.49 -26.44 6.78
CA MET A 320 -26.98 -27.54 7.60
C MET A 320 -27.91 -27.04 8.69
N TYR A 321 -27.71 -25.81 9.15
CA TYR A 321 -28.61 -25.20 10.12
C TYR A 321 -29.97 -24.90 9.49
N ASP A 322 -29.97 -24.62 8.18
CA ASP A 322 -31.21 -24.28 7.49
C ASP A 322 -32.04 -25.53 7.24
N MET A 323 -31.38 -26.63 6.85
CA MET A 323 -32.08 -27.85 6.43
C MET A 323 -32.78 -28.54 7.59
N ILE A 324 -32.15 -28.54 8.76
CA ILE A 324 -32.67 -29.28 9.91
C ILE A 324 -33.78 -28.49 10.60
N LEU A 325 -33.66 -27.15 10.60
CA LEU A 325 -34.63 -26.31 11.27
C LEU A 325 -35.96 -26.28 10.51
N LEU A 326 -35.90 -26.32 9.18
CA LEU A 326 -37.14 -26.27 8.40
C LEU A 326 -37.89 -27.59 8.43
N ARG A 327 -37.18 -28.69 8.66
CA ARG A 327 -37.84 -30.00 8.70
C ARG A 327 -38.62 -30.18 10.00
N SER A 328 -38.10 -29.64 11.10
CA SER A 328 -38.81 -29.69 12.38
C SER A 328 -40.05 -28.79 12.37
N GLY A 329 -39.86 -27.52 12.02
CA GLY A 329 -40.97 -26.61 11.89
C GLY A 329 -41.56 -26.13 13.20
N ASN A 330 -40.78 -26.10 14.27
CA ASN A 330 -41.27 -25.71 15.58
C ASN A 330 -40.23 -24.83 16.27
N TRP A 331 -40.64 -24.21 17.38
CA TRP A 331 -39.75 -23.45 18.24
C TRP A 331 -39.31 -24.26 19.46
N GLU A 332 -39.14 -25.57 19.30
CA GLU A 332 -38.68 -26.42 20.38
C GLU A 332 -37.16 -26.55 20.42
N LEU A 333 -36.50 -26.56 19.26
CA LEU A 333 -35.07 -26.78 19.19
C LEU A 333 -34.25 -25.57 19.60
N GLU A 334 -34.69 -24.35 19.26
CA GLU A 334 -33.97 -23.14 19.61
C GLU A 334 -34.36 -22.60 20.99
N THR A 335 -35.25 -23.30 21.70
CA THR A 335 -35.66 -22.93 23.04
C THR A 335 -35.01 -23.80 24.11
N THR A 336 -34.69 -25.05 23.77
CA THR A 336 -34.10 -25.99 24.72
C THR A 336 -32.70 -25.56 25.12
N ARG A 337 -32.44 -25.53 26.42
CA ARG A 337 -31.15 -25.15 26.97
C ARG A 337 -30.36 -26.40 27.35
N ASN A 338 -29.04 -26.31 27.22
CA ASN A 338 -28.16 -27.42 27.57
C ASN A 338 -27.90 -27.48 29.08
N ASN A 339 -26.92 -28.29 29.50
CA ASN A 339 -26.58 -28.40 30.92
C ASN A 339 -25.94 -27.13 31.48
N ASP A 340 -25.33 -26.31 30.63
CA ASP A 340 -24.85 -24.99 31.04
C ASP A 340 -25.97 -23.97 31.12
N GLY A 341 -27.03 -24.14 30.35
CA GLY A 341 -28.16 -23.22 30.38
C GLY A 341 -28.23 -22.24 29.22
N LEU A 342 -27.83 -22.66 28.02
CA LEU A 342 -27.78 -21.77 26.87
C LEU A 342 -28.54 -22.36 25.69
N THR A 343 -29.18 -21.49 24.94
CA THR A 343 -29.85 -21.79 23.68
C THR A 343 -28.83 -21.84 22.56
N PRO A 344 -29.17 -22.36 21.37
CA PRO A 344 -28.23 -22.27 20.24
C PRO A 344 -27.96 -20.84 19.78
N LEU A 345 -28.88 -19.90 20.07
CA LEU A 345 -28.62 -18.50 19.82
C LEU A 345 -27.58 -17.94 20.79
N GLN A 346 -27.54 -18.49 22.01
CA GLN A 346 -26.64 -17.94 23.01
C GLN A 346 -25.27 -18.62 23.01
N LEU A 347 -25.15 -19.79 22.38
CA LEU A 347 -23.81 -20.36 22.19
C LEU A 347 -23.05 -19.61 21.10
N ALA A 348 -23.76 -19.05 20.13
CA ALA A 348 -23.09 -18.28 19.08
C ALA A 348 -22.56 -16.97 19.63
N ALA A 349 -23.21 -16.42 20.65
CA ALA A 349 -22.71 -15.21 21.29
C ALA A 349 -21.62 -15.53 22.30
N LYS A 350 -21.71 -16.68 22.97
CA LYS A 350 -20.72 -17.06 23.95
C LYS A 350 -19.42 -17.54 23.33
N MET A 351 -19.49 -18.38 22.29
CA MET A 351 -18.29 -18.93 21.66
C MET A 351 -17.71 -18.03 20.58
N GLY A 352 -18.43 -16.98 20.18
CA GLY A 352 -17.92 -16.06 19.19
C GLY A 352 -18.08 -16.50 17.76
N LYS A 353 -19.12 -17.27 17.45
CA LYS A 353 -19.34 -17.77 16.10
C LYS A 353 -20.19 -16.76 15.34
N ALA A 354 -19.49 -15.86 14.63
CA ALA A 354 -20.13 -14.66 14.10
C ALA A 354 -20.99 -14.96 12.87
N GLU A 355 -20.58 -15.96 12.07
CA GLU A 355 -21.29 -16.24 10.83
C GLU A 355 -22.59 -17.00 11.09
N ILE A 356 -22.60 -17.85 12.13
CA ILE A 356 -23.84 -18.49 12.54
C ILE A 356 -24.74 -17.49 13.25
N LEU A 357 -24.15 -16.59 14.04
CA LEU A 357 -24.93 -15.59 14.75
C LEU A 357 -25.50 -14.54 13.79
N LYS A 358 -24.86 -14.35 12.64
CA LYS A 358 -25.41 -13.47 11.62
C LYS A 358 -26.63 -14.09 10.95
N TYR A 359 -26.61 -15.42 10.77
CA TYR A 359 -27.69 -16.09 10.05
C TYR A 359 -28.95 -16.20 10.90
N ILE A 360 -28.80 -16.56 12.18
CA ILE A 360 -29.96 -16.76 13.04
C ILE A 360 -30.65 -15.44 13.33
N LEU A 361 -29.88 -14.37 13.54
CA LEU A 361 -30.40 -13.10 14.00
C LEU A 361 -31.05 -12.30 12.88
N SER A 362 -30.85 -12.69 11.62
CA SER A 362 -31.44 -12.04 10.46
C SER A 362 -32.04 -13.07 9.52
N ARG A 363 -32.77 -14.04 10.09
CA ARG A 363 -33.34 -15.15 9.34
C ARG A 363 -34.72 -14.75 8.82
N GLU A 364 -34.87 -14.71 7.50
CA GLU A 364 -36.12 -14.36 6.84
C GLU A 364 -36.52 -15.51 5.93
N ILE A 365 -37.60 -16.20 6.28
CA ILE A 365 -38.07 -17.35 5.51
C ILE A 365 -39.23 -16.87 4.65
N LYS A 366 -39.09 -17.03 3.33
CA LYS A 366 -40.07 -16.50 2.40
C LYS A 366 -41.25 -17.46 2.23
N GLU A 367 -40.98 -18.76 2.24
CA GLU A 367 -41.98 -19.76 1.94
C GLU A 367 -42.97 -19.90 3.09
N LYS A 368 -44.26 -19.95 2.75
CA LYS A 368 -45.34 -19.92 3.71
C LYS A 368 -45.41 -21.21 4.51
N ARG A 369 -46.18 -21.16 5.63
CA ARG A 369 -46.43 -22.20 6.64
C ARG A 369 -45.20 -22.41 7.53
N LEU A 370 -44.08 -21.80 7.18
CA LEU A 370 -42.86 -21.75 7.99
C LEU A 370 -42.45 -20.30 8.17
N ARG A 371 -43.41 -19.39 8.05
CA ARG A 371 -43.18 -17.96 8.21
C ARG A 371 -42.94 -17.57 9.67
N SER A 372 -43.45 -18.35 10.62
CA SER A 372 -43.30 -17.99 12.03
C SER A 372 -41.94 -18.40 12.58
N LEU A 373 -41.09 -19.04 11.79
CA LEU A 373 -39.76 -19.42 12.22
C LEU A 373 -38.75 -18.33 11.88
N SER A 374 -39.24 -17.20 11.37
CA SER A 374 -38.39 -16.09 10.96
C SER A 374 -38.12 -15.16 12.13
N ARG A 375 -36.96 -14.52 12.08
CA ARG A 375 -36.64 -13.44 12.99
C ARG A 375 -36.45 -12.11 12.27
N LYS A 376 -36.69 -12.08 10.95
CA LYS A 376 -36.64 -10.85 10.16
C LYS A 376 -37.92 -10.80 9.34
N PHE A 377 -38.68 -9.73 9.50
CA PHE A 377 -39.96 -9.57 8.80
C PHE A 377 -39.97 -8.25 8.05
N THR A 378 -40.58 -8.27 6.86
CA THR A 378 -40.75 -7.08 6.04
C THR A 378 -42.14 -6.53 6.27
N ASP A 379 -42.23 -5.28 6.72
CA ASP A 379 -43.52 -4.68 7.01
C ASP A 379 -44.17 -4.14 5.74
N TRP A 380 -43.42 -3.36 4.97
CA TRP A 380 -43.90 -2.83 3.71
C TRP A 380 -42.72 -2.60 2.77
N ALA A 381 -43.03 -2.43 1.49
CA ALA A 381 -42.03 -2.16 0.49
C ALA A 381 -42.69 -1.44 -0.68
N TYR A 382 -41.95 -0.50 -1.27
CA TYR A 382 -42.44 0.25 -2.42
C TYR A 382 -41.25 0.58 -3.30
N GLY A 383 -41.00 -0.24 -4.32
CA GLY A 383 -39.88 -0.07 -5.19
C GLY A 383 -38.56 -0.40 -4.49
N PRO A 384 -37.64 0.57 -4.45
CA PRO A 384 -36.36 0.35 -3.76
C PRO A 384 -36.43 0.52 -2.25
N VAL A 385 -37.46 1.18 -1.74
CA VAL A 385 -37.57 1.47 -0.32
C VAL A 385 -38.35 0.37 0.36
N SER A 386 -37.76 -0.20 1.41
CA SER A 386 -38.39 -1.28 2.15
C SER A 386 -38.16 -1.06 3.64
N SER A 387 -39.04 -1.64 4.45
CA SER A 387 -38.98 -1.53 5.91
C SER A 387 -38.90 -2.92 6.51
N SER A 388 -37.94 -3.13 7.40
CA SER A 388 -37.73 -4.43 8.01
C SER A 388 -38.02 -4.38 9.51
N LEU A 389 -38.25 -5.55 10.09
CA LEU A 389 -38.54 -5.69 11.52
C LEU A 389 -37.66 -6.83 12.07
N TYR A 390 -36.81 -6.50 13.03
CA TYR A 390 -35.94 -7.49 13.64
C TYR A 390 -36.49 -7.93 14.99
N ASP A 391 -36.52 -9.25 15.21
CA ASP A 391 -37.05 -9.81 16.44
C ASP A 391 -36.06 -9.56 17.58
N LEU A 392 -36.58 -9.20 18.74
CA LEU A 392 -35.78 -8.88 19.92
C LEU A 392 -36.28 -9.64 21.14
N THR A 393 -36.49 -10.95 21.00
CA THR A 393 -37.02 -11.77 22.07
C THR A 393 -35.98 -12.00 23.16
N ASN A 394 -34.82 -12.52 22.77
CA ASN A 394 -33.73 -12.80 23.69
C ASN A 394 -32.47 -12.02 23.34
N VAL A 395 -32.63 -10.83 22.79
CA VAL A 395 -31.50 -10.04 22.29
C VAL A 395 -31.38 -8.77 23.10
N ASP A 396 -32.47 -8.03 23.24
CA ASP A 396 -32.50 -6.80 24.03
C ASP A 396 -32.34 -7.14 25.51
N THR A 397 -31.66 -6.25 26.23
CA THR A 397 -31.31 -6.49 27.62
C THR A 397 -32.51 -6.33 28.55
N THR A 398 -33.47 -7.25 28.45
CA THR A 398 -34.62 -7.27 29.35
C THR A 398 -34.77 -8.57 30.12
N THR A 399 -33.97 -9.59 29.76
CA THR A 399 -33.95 -10.87 30.44
C THR A 399 -32.61 -11.05 31.14
N ASP A 400 -32.40 -12.24 31.70
CA ASP A 400 -31.15 -12.55 32.41
C ASP A 400 -29.98 -12.66 31.45
N ASN A 401 -30.05 -13.59 30.51
CA ASN A 401 -29.01 -13.71 29.50
C ASN A 401 -29.55 -13.32 28.13
N SER A 402 -29.00 -12.25 27.58
CA SER A 402 -29.39 -11.78 26.25
C SER A 402 -28.16 -11.77 25.37
N VAL A 403 -28.40 -11.69 24.05
CA VAL A 403 -27.31 -11.78 23.08
C VAL A 403 -26.44 -10.54 23.15
N LEU A 404 -27.05 -9.38 23.41
CA LEU A 404 -26.31 -8.13 23.50
C LEU A 404 -25.46 -8.10 24.78
N GLU A 405 -25.93 -8.75 25.84
CA GLU A 405 -25.20 -8.76 27.10
C GLU A 405 -24.04 -9.75 27.07
N ILE A 406 -24.25 -10.89 26.40
CA ILE A 406 -23.21 -11.92 26.33
C ILE A 406 -22.08 -11.47 25.41
N THR A 407 -22.42 -10.80 24.31
CA THR A 407 -21.43 -10.44 23.29
C THR A 407 -20.46 -9.36 23.79
N VAL A 408 -20.98 -8.37 24.52
CA VAL A 408 -20.13 -7.28 25.00
C VAL A 408 -19.21 -7.73 26.12
N TYR A 409 -19.74 -8.49 27.09
CA TYR A 409 -18.99 -8.92 28.26
C TYR A 409 -18.22 -10.21 28.05
N ASN A 410 -17.90 -10.57 26.81
CA ASN A 410 -17.20 -11.83 26.53
C ASN A 410 -15.72 -11.55 26.32
N THR A 411 -14.93 -11.70 27.37
CA THR A 411 -13.49 -11.51 27.30
C THR A 411 -12.74 -12.77 26.91
N ASN A 412 -13.44 -13.80 26.43
CA ASN A 412 -12.81 -15.04 26.01
C ASN A 412 -12.72 -15.17 24.50
N ILE A 413 -13.30 -14.24 23.75
CA ILE A 413 -13.26 -14.25 22.29
C ILE A 413 -12.55 -12.99 21.81
N ASP A 414 -12.04 -13.05 20.58
CA ASP A 414 -11.28 -11.95 20.00
C ASP A 414 -11.95 -11.41 18.74
N ASN A 415 -13.27 -11.55 18.65
CA ASN A 415 -14.01 -11.03 17.50
C ASN A 415 -15.31 -10.35 17.91
N ARG A 416 -15.26 -9.53 18.97
CA ARG A 416 -16.46 -8.81 19.39
C ARG A 416 -16.80 -7.67 18.45
N HIS A 417 -15.81 -7.17 17.70
CA HIS A 417 -16.06 -6.09 16.75
C HIS A 417 -16.82 -6.59 15.53
N GLU A 418 -16.64 -7.87 15.20
CA GLU A 418 -17.33 -8.44 14.05
C GLU A 418 -18.76 -8.83 14.40
N MET A 419 -19.05 -8.99 15.69
CA MET A 419 -20.37 -9.46 16.11
C MET A 419 -21.29 -8.31 16.44
N LEU A 420 -20.75 -7.21 16.99
CA LEU A 420 -21.58 -6.05 17.31
C LEU A 420 -21.79 -5.15 16.10
N THR A 421 -21.15 -5.44 14.97
CA THR A 421 -21.39 -4.74 13.72
C THR A 421 -22.72 -5.14 13.09
N LEU A 422 -23.26 -6.30 13.46
CA LEU A 422 -24.47 -6.85 12.90
C LEU A 422 -25.67 -5.96 13.21
N GLU A 423 -26.62 -5.91 12.27
CA GLU A 423 -27.61 -4.85 12.11
C GLU A 423 -28.55 -4.60 13.30
N PRO A 424 -29.08 -5.61 14.03
CA PRO A 424 -29.79 -5.25 15.27
C PRO A 424 -28.87 -4.96 16.44
N LEU A 425 -27.73 -5.64 16.53
CA LEU A 425 -26.80 -5.41 17.63
C LEU A 425 -26.11 -4.05 17.47
N HIS A 426 -26.00 -3.57 16.23
CA HIS A 426 -25.48 -2.23 16.00
C HIS A 426 -26.51 -1.17 16.36
N THR A 427 -27.77 -1.41 16.03
CA THR A 427 -28.79 -0.38 16.14
C THR A 427 -29.25 -0.22 17.58
N LEU A 428 -29.42 -1.33 18.30
CA LEU A 428 -29.80 -1.27 19.72
C LEU A 428 -28.70 -0.63 20.56
N LEU A 429 -27.44 -0.84 20.17
CA LEU A 429 -26.34 -0.25 20.91
C LEU A 429 -26.20 1.23 20.56
N HIS A 430 -26.75 1.64 19.41
CA HIS A 430 -26.68 3.04 19.01
C HIS A 430 -27.87 3.84 19.53
N MET A 431 -29.04 3.19 19.65
CA MET A 431 -30.23 3.89 20.13
C MET A 431 -30.18 4.10 21.64
N LYS A 432 -29.46 3.24 22.36
CA LYS A 432 -29.28 3.45 23.79
C LYS A 432 -28.35 4.63 24.05
N TRP A 433 -27.42 4.89 23.13
CA TRP A 433 -26.51 6.03 23.28
C TRP A 433 -27.24 7.34 23.06
N LYS A 434 -28.15 7.39 22.09
CA LYS A 434 -28.82 8.65 21.75
C LYS A 434 -29.88 9.02 22.78
N LYS A 435 -30.44 8.04 23.49
CA LYS A 435 -31.50 8.33 24.43
C LYS A 435 -30.99 8.73 25.81
N PHE A 436 -30.16 7.91 26.44
CA PHE A 436 -29.80 8.18 27.83
C PHE A 436 -28.30 8.08 28.09
N ALA A 437 -27.57 7.32 27.28
CA ALA A 437 -26.19 7.00 27.64
C ALA A 437 -25.24 8.15 27.34
N LYS A 438 -25.58 9.00 26.36
CA LYS A 438 -24.76 10.18 26.10
C LYS A 438 -25.00 11.25 27.17
N HIS A 439 -26.23 11.31 27.68
CA HIS A 439 -26.55 12.30 28.70
C HIS A 439 -25.97 11.90 30.05
N MET A 440 -25.94 10.59 30.34
CA MET A 440 -25.36 10.12 31.59
C MET A 440 -23.83 10.21 31.56
N PHE A 441 -23.23 10.10 30.37
CA PHE A 441 -21.78 10.17 30.27
C PHE A 441 -21.30 11.61 30.43
N PHE A 442 -22.06 12.57 29.92
CA PHE A 442 -21.70 13.97 30.09
C PHE A 442 -21.98 14.44 31.51
N LEU A 443 -23.03 13.87 32.14
CA LEU A 443 -23.35 14.24 33.51
C LEU A 443 -22.33 13.66 34.48
N SER A 444 -21.77 12.49 34.15
CA SER A 444 -20.71 11.91 34.96
C SER A 444 -19.42 12.70 34.82
N PHE A 445 -19.23 13.34 33.67
CA PHE A 445 -18.05 14.17 33.46
C PHE A 445 -18.12 15.45 34.28
N CYS A 446 -19.33 15.99 34.45
CA CYS A 446 -19.48 17.30 35.10
C CYS A 446 -19.28 17.20 36.62
N PHE A 447 -19.72 16.10 37.22
CA PHE A 447 -19.53 15.94 38.65
C PHE A 447 -18.11 15.56 38.99
N TYR A 448 -17.36 15.02 38.03
CA TYR A 448 -16.01 14.57 38.32
C TYR A 448 -14.98 15.64 37.96
N PHE A 449 -15.29 16.48 36.97
CA PHE A 449 -14.43 17.61 36.65
C PHE A 449 -14.53 18.69 37.74
N PHE A 450 -15.69 18.80 38.37
CA PHE A 450 -15.84 19.70 39.50
C PHE A 450 -15.20 19.11 40.76
N TYR A 451 -15.06 17.78 40.78
CA TYR A 451 -14.45 17.08 41.90
C TYR A 451 -12.94 17.28 41.95
N ASN A 452 -12.30 17.35 40.78
CA ASN A 452 -10.85 17.48 40.73
C ASN A 452 -10.41 18.91 41.00
N ILE A 453 -11.25 19.88 40.61
CA ILE A 453 -10.92 21.29 40.85
C ILE A 453 -11.04 21.62 42.33
N THR A 454 -12.06 21.07 42.99
CA THR A 454 -12.34 21.41 44.38
C THR A 454 -11.28 20.81 45.31
N LEU A 455 -10.68 19.69 44.92
CA LEU A 455 -9.54 19.14 45.65
C LEU A 455 -8.34 20.07 45.57
N THR A 456 -8.18 20.76 44.44
CA THR A 456 -7.04 21.66 44.28
C THR A 456 -7.26 22.97 45.03
N LEU A 457 -8.52 23.44 45.07
CA LEU A 457 -8.81 24.73 45.67
C LEU A 457 -8.77 24.68 47.19
N VAL A 458 -8.97 23.49 47.77
CA VAL A 458 -8.90 23.39 49.23
C VAL A 458 -7.48 23.04 49.69
N SER A 459 -6.58 22.76 48.76
CA SER A 459 -5.24 22.31 49.13
C SER A 459 -4.15 23.31 48.80
N TYR A 460 -4.34 24.15 47.79
CA TYR A 460 -3.30 25.06 47.35
C TYR A 460 -3.76 26.51 47.27
N TYR A 461 -5.05 26.77 47.45
CA TYR A 461 -5.57 28.14 47.33
C TYR A 461 -5.74 28.74 48.72
N ARG A 462 -5.04 28.20 49.71
CA ARG A 462 -5.11 28.83 51.03
C ARG A 462 -3.74 29.34 51.47
N PRO A 463 -3.51 30.65 51.36
CA PRO A 463 -2.29 31.23 51.93
C PRO A 463 -2.41 31.48 53.42
N ARG A 464 -1.75 30.65 54.22
CA ARG A 464 -1.61 30.87 55.66
C ARG A 464 -0.13 30.87 56.03
N GLU A 465 0.22 31.69 57.02
CA GLU A 465 1.62 31.87 57.41
C GLU A 465 2.24 30.59 57.96
N GLU A 466 1.86 30.18 59.17
CA GLU A 466 2.03 28.77 59.55
C GLU A 466 0.72 28.16 60.03
N GLU A 467 0.20 28.72 61.14
CA GLU A 467 -1.09 28.37 61.77
C GLU A 467 -1.30 26.86 61.99
N ALA A 468 -0.18 26.12 62.12
CA ALA A 468 -0.15 24.67 62.36
C ALA A 468 -1.00 23.88 61.36
N ILE A 469 -0.56 23.81 60.11
CA ILE A 469 -1.32 23.64 58.86
C ILE A 469 -2.54 22.72 58.96
N PRO A 470 -3.74 23.24 58.72
CA PRO A 470 -4.93 22.40 58.77
C PRO A 470 -5.03 21.52 57.53
N HIS A 471 -5.41 20.28 57.76
CA HIS A 471 -5.64 19.35 56.67
C HIS A 471 -6.95 19.69 55.98
N PRO A 472 -7.02 19.61 54.65
CA PRO A 472 -8.28 19.90 53.95
C PRO A 472 -9.35 18.86 54.24
N LEU A 473 -10.58 19.17 53.80
CA LEU A 473 -11.81 18.43 54.06
C LEU A 473 -12.11 18.30 55.55
N ALA A 474 -11.64 19.25 56.37
CA ALA A 474 -11.92 19.24 57.80
C ALA A 474 -13.04 20.24 58.10
N LEU A 475 -14.23 19.73 58.41
CA LEU A 475 -15.42 20.57 58.57
C LEU A 475 -15.36 21.38 59.85
N THR A 476 -15.19 22.69 59.73
CA THR A 476 -15.23 23.63 60.84
C THR A 476 -16.33 24.66 60.61
N HIS A 477 -16.60 25.45 61.64
CA HIS A 477 -17.58 26.52 61.57
C HIS A 477 -16.89 27.80 61.10
N LYS A 478 -17.59 28.93 61.26
CA LYS A 478 -17.19 30.31 60.97
C LYS A 478 -16.49 30.52 59.63
N MET A 479 -16.85 29.72 58.63
CA MET A 479 -16.08 29.60 57.40
C MET A 479 -16.74 30.21 56.18
N GLY A 480 -18.03 29.94 55.96
CA GLY A 480 -18.73 30.50 54.82
C GLY A 480 -19.38 29.38 54.02
N TRP A 481 -20.46 29.73 53.29
CA TRP A 481 -21.21 28.73 52.55
C TRP A 481 -20.54 28.38 51.22
N LEU A 482 -19.53 29.14 50.83
CA LEU A 482 -18.75 28.80 49.63
C LEU A 482 -17.89 27.57 49.89
N GLN A 483 -17.19 27.56 51.03
CA GLN A 483 -16.31 26.44 51.34
C GLN A 483 -17.09 25.29 51.96
N LEU A 484 -18.29 25.58 52.49
CA LEU A 484 -19.10 24.54 53.11
C LEU A 484 -19.71 23.63 52.06
N LEU A 485 -20.18 24.22 50.95
CA LEU A 485 -20.76 23.41 49.88
C LEU A 485 -19.67 22.68 49.11
N GLY A 486 -18.44 23.20 49.16
CA GLY A 486 -17.32 22.56 48.49
C GLY A 486 -16.85 21.29 49.17
N ARG A 487 -16.60 21.36 50.47
CA ARG A 487 -16.05 20.20 51.18
C ARG A 487 -17.12 19.14 51.41
N MET A 488 -18.40 19.54 51.46
CA MET A 488 -19.47 18.56 51.58
C MET A 488 -19.66 17.80 50.26
N PHE A 489 -19.33 18.44 49.14
CA PHE A 489 -19.44 17.75 47.86
C PHE A 489 -18.33 16.72 47.69
N VAL A 490 -17.14 17.03 48.19
CA VAL A 490 -16.00 16.14 48.02
C VAL A 490 -16.12 14.93 48.94
N LEU A 491 -16.64 15.15 50.14
CA LEU A 491 -16.78 14.07 51.12
C LEU A 491 -17.82 13.04 50.69
N ILE A 492 -18.92 13.49 50.10
CA ILE A 492 -19.97 12.57 49.68
C ILE A 492 -19.57 11.84 48.41
N TRP A 493 -18.99 12.56 47.45
CA TRP A 493 -18.67 11.98 46.15
C TRP A 493 -17.52 10.99 46.24
N ALA A 494 -16.67 11.14 47.26
CA ALA A 494 -15.60 10.16 47.48
C ALA A 494 -16.17 8.88 48.08
N MET A 495 -17.25 9.00 48.85
CA MET A 495 -17.87 7.81 49.43
C MET A 495 -18.83 7.15 48.44
N CYS A 496 -19.44 7.93 47.55
CA CYS A 496 -20.36 7.39 46.56
C CYS A 496 -19.62 6.55 45.52
N ILE A 497 -18.34 6.85 45.30
CA ILE A 497 -17.53 6.02 44.40
C ILE A 497 -17.03 4.79 45.14
N SER A 498 -16.58 4.97 46.39
CA SER A 498 -15.96 3.91 47.17
C SER A 498 -16.95 2.80 47.55
N VAL A 499 -18.22 3.18 47.76
CA VAL A 499 -19.26 2.19 48.06
C VAL A 499 -19.63 1.46 46.77
N LYS A 500 -19.83 2.20 45.69
CA LYS A 500 -20.26 1.62 44.42
C LYS A 500 -19.19 0.73 43.80
N GLU A 501 -17.93 1.19 43.85
CA GLU A 501 -16.83 0.32 43.40
C GLU A 501 -16.55 -0.76 44.44
N GLY A 502 -16.98 -0.54 45.68
CA GLY A 502 -16.89 -1.60 46.67
C GLY A 502 -17.89 -2.71 46.43
N ILE A 503 -18.95 -2.42 45.67
CA ILE A 503 -19.89 -3.44 45.24
C ILE A 503 -19.30 -4.17 44.05
N ALA A 504 -18.65 -3.44 43.15
CA ALA A 504 -18.17 -3.98 41.88
C ALA A 504 -17.03 -4.98 42.04
N ILE A 505 -15.92 -4.56 42.66
CA ILE A 505 -14.72 -5.38 42.76
C ILE A 505 -14.94 -6.47 43.81
N PHE A 506 -15.77 -6.18 44.81
CA PHE A 506 -15.85 -7.03 45.99
C PHE A 506 -17.21 -7.71 46.13
N LEU A 507 -17.45 -8.28 47.32
CA LEU A 507 -18.35 -9.39 47.67
C LEU A 507 -19.65 -9.51 46.86
N LEU A 508 -20.35 -8.39 46.65
CA LEU A 508 -21.59 -8.43 45.88
C LEU A 508 -21.28 -8.61 44.40
N ARG A 509 -21.17 -9.89 43.96
CA ARG A 509 -20.73 -10.32 42.63
C ARG A 509 -19.38 -9.68 42.28
N PRO A 510 -18.27 -10.22 42.84
CA PRO A 510 -16.95 -9.59 42.66
C PRO A 510 -16.46 -9.53 41.22
N SER A 511 -16.70 -10.61 40.45
CA SER A 511 -16.43 -10.71 39.02
C SER A 511 -14.97 -10.44 38.62
N ASP A 512 -14.04 -10.57 39.57
CA ASP A 512 -12.65 -10.27 39.28
C ASP A 512 -11.82 -11.51 38.96
N LEU A 513 -12.44 -12.57 38.47
CA LEU A 513 -11.72 -13.76 38.03
C LEU A 513 -10.86 -13.43 36.81
N GLN A 514 -11.51 -13.15 35.68
CA GLN A 514 -10.80 -12.69 34.49
C GLN A 514 -11.60 -11.61 33.77
N SER A 515 -12.73 -11.19 34.34
CA SER A 515 -13.60 -10.25 33.65
C SER A 515 -13.12 -8.81 33.83
N ILE A 516 -12.95 -8.37 35.08
CA ILE A 516 -12.49 -7.01 35.35
C ILE A 516 -11.02 -6.86 34.99
N LEU A 517 -10.22 -7.92 35.18
CA LEU A 517 -8.79 -7.85 34.97
C LEU A 517 -8.37 -7.94 33.51
N SER A 518 -9.32 -7.95 32.57
CA SER A 518 -8.97 -8.02 31.15
C SER A 518 -9.30 -6.76 30.37
N ASP A 519 -10.53 -6.23 30.48
CA ASP A 519 -10.94 -5.08 29.69
C ASP A 519 -11.57 -4.00 30.54
N ALA A 520 -11.44 -4.10 31.87
CA ALA A 520 -12.10 -3.17 32.77
C ALA A 520 -11.18 -2.68 33.88
N TRP A 521 -9.98 -2.21 33.53
CA TRP A 521 -9.02 -1.79 34.54
C TRP A 521 -9.35 -0.45 35.18
N PHE A 522 -10.40 0.24 34.74
CA PHE A 522 -10.71 1.55 35.31
C PHE A 522 -11.45 1.43 36.62
N HIS A 523 -11.94 0.23 36.95
CA HIS A 523 -12.67 0.03 38.21
C HIS A 523 -11.76 0.13 39.42
N PHE A 524 -10.47 -0.17 39.24
CA PHE A 524 -9.54 -0.11 40.36
C PHE A 524 -9.09 1.33 40.62
N VAL A 525 -8.81 2.08 39.55
CA VAL A 525 -8.17 3.40 39.70
C VAL A 525 -9.18 4.44 40.17
N PHE A 526 -10.48 4.23 39.90
CA PHE A 526 -11.49 5.06 40.53
C PHE A 526 -11.69 4.67 41.99
N PHE A 527 -11.40 3.42 42.32
CA PHE A 527 -11.58 2.96 43.69
C PHE A 527 -10.41 3.39 44.58
N ILE A 528 -9.19 3.32 44.05
CA ILE A 528 -8.00 3.70 44.82
C ILE A 528 -8.00 5.20 45.10
N GLN A 529 -8.43 5.99 44.11
CA GLN A 529 -8.49 7.44 44.28
C GLN A 529 -9.57 7.84 45.28
N ALA A 530 -10.63 7.03 45.38
CA ALA A 530 -11.70 7.33 46.32
C ALA A 530 -11.32 6.96 47.76
N VAL A 531 -10.49 5.93 47.92
CA VAL A 531 -10.09 5.50 49.26
C VAL A 531 -9.09 6.48 49.85
N LEU A 532 -8.13 6.95 49.03
CA LEU A 532 -7.02 7.77 49.53
C LEU A 532 -7.49 9.16 49.95
N VAL A 533 -8.66 9.60 49.45
CA VAL A 533 -9.27 10.82 49.96
C VAL A 533 -9.83 10.57 51.35
N ILE A 534 -10.50 9.42 51.53
CA ILE A 534 -11.11 9.09 52.81
C ILE A 534 -10.05 8.67 53.82
N LEU A 535 -9.02 7.95 53.35
CA LEU A 535 -7.99 7.43 54.26
C LEU A 535 -7.11 8.55 54.79
N SER A 536 -6.91 9.62 54.02
CA SER A 536 -6.07 10.72 54.46
C SER A 536 -6.76 11.54 55.54
N VAL A 537 -8.10 11.51 55.57
CA VAL A 537 -8.84 12.16 56.65
C VAL A 537 -8.71 11.34 57.93
N PHE A 538 -8.68 10.02 57.78
CA PHE A 538 -8.57 9.13 58.94
C PHE A 538 -7.19 9.19 59.57
N LEU A 539 -6.16 9.45 58.76
CA LEU A 539 -4.81 9.53 59.31
C LEU A 539 -4.58 10.85 60.03
N TYR A 540 -5.34 11.89 59.67
CA TYR A 540 -5.17 13.19 60.32
C TYR A 540 -5.89 13.23 61.65
N LEU A 541 -7.03 12.54 61.76
CA LEU A 541 -7.76 12.49 63.02
C LEU A 541 -7.09 11.55 64.01
N PHE A 542 -6.25 10.64 63.51
CA PHE A 542 -5.52 9.72 64.37
C PHE A 542 -4.12 10.26 64.67
N ALA A 543 -3.89 11.54 64.29
CA ALA A 543 -2.66 12.29 64.53
C ALA A 543 -1.42 11.60 63.96
N TYR A 544 -1.45 11.30 62.66
CA TYR A 544 -0.31 10.67 62.00
C TYR A 544 0.31 11.66 61.03
N LYS A 545 1.54 11.38 60.61
CA LYS A 545 2.30 12.27 59.73
C LYS A 545 2.13 11.92 58.25
N GLU A 546 1.14 11.12 57.89
CA GLU A 546 0.91 10.74 56.51
C GLU A 546 -0.38 11.30 55.93
N TYR A 547 -0.93 12.38 56.50
CA TYR A 547 -2.16 12.97 55.99
C TYR A 547 -1.93 13.73 54.69
N LEU A 548 -0.74 14.34 54.57
CA LEU A 548 -0.45 15.13 53.37
C LEU A 548 0.06 14.22 52.24
N ALA A 549 0.73 13.13 52.60
CA ALA A 549 1.31 12.24 51.59
C ALA A 549 0.24 11.46 50.85
N CYS A 550 -0.84 11.09 51.54
CA CYS A 550 -1.92 10.36 50.90
C CYS A 550 -2.82 11.29 50.08
N LEU A 551 -2.79 12.58 50.42
CA LEU A 551 -3.64 13.54 49.71
C LEU A 551 -3.05 13.93 48.35
N VAL A 552 -1.72 13.94 48.26
CA VAL A 552 -1.05 14.29 47.00
C VAL A 552 -1.24 13.18 45.97
N LEU A 553 -1.13 11.92 46.41
CA LEU A 553 -1.37 10.79 45.51
C LEU A 553 -2.86 10.68 45.16
N ALA A 554 -3.73 11.23 45.99
CA ALA A 554 -5.16 11.26 45.68
C ALA A 554 -5.44 12.30 44.60
N MET A 555 -4.75 13.44 44.65
CA MET A 555 -4.97 14.49 43.66
C MET A 555 -4.25 14.18 42.36
N ALA A 556 -3.11 13.50 42.44
CA ALA A 556 -2.37 13.16 41.22
C ALA A 556 -3.07 12.05 40.44
N LEU A 557 -3.70 11.12 41.15
CA LEU A 557 -4.46 10.08 40.48
C LEU A 557 -5.82 10.59 40.04
N GLY A 558 -6.30 11.68 40.65
CA GLY A 558 -7.59 12.23 40.27
C GLY A 558 -7.57 12.90 38.92
N TRP A 559 -6.49 13.64 38.63
CA TRP A 559 -6.34 14.23 37.30
C TRP A 559 -5.90 13.18 36.28
N ALA A 560 -5.31 12.09 36.76
CA ALA A 560 -4.93 11.01 35.85
C ALA A 560 -6.13 10.22 35.37
N ASN A 561 -7.21 10.19 36.16
CA ASN A 561 -8.41 9.45 35.78
C ASN A 561 -9.33 10.22 34.86
N MET A 562 -8.90 11.38 34.37
CA MET A 562 -9.66 12.14 33.39
C MET A 562 -9.57 11.55 31.99
N LEU A 563 -8.70 10.57 31.78
CA LEU A 563 -8.58 9.87 30.52
C LEU A 563 -9.68 8.84 30.30
N TYR A 564 -10.48 8.55 31.34
CA TYR A 564 -11.65 7.71 31.15
C TYR A 564 -12.71 8.40 30.31
N TYR A 565 -12.82 9.72 30.41
CA TYR A 565 -13.86 10.46 29.73
C TYR A 565 -13.47 10.87 28.32
N THR A 566 -12.35 10.36 27.80
CA THR A 566 -11.96 10.59 26.41
C THR A 566 -12.75 9.76 25.43
N ARG A 567 -13.50 8.75 25.90
CA ARG A 567 -14.24 7.84 25.04
C ARG A 567 -15.61 8.38 24.64
N GLY A 568 -15.89 9.65 24.86
CA GLY A 568 -17.12 10.25 24.40
C GLY A 568 -17.03 10.65 22.94
N PHE A 569 -15.81 10.90 22.47
CA PHE A 569 -15.56 11.29 21.09
C PHE A 569 -14.70 10.23 20.42
N GLN A 570 -14.81 10.12 19.09
CA GLN A 570 -14.09 9.08 18.37
C GLN A 570 -12.61 9.44 18.22
N SER A 571 -12.33 10.67 17.81
CA SER A 571 -10.94 11.09 17.59
C SER A 571 -10.20 11.24 18.91
N MET A 572 -10.90 11.71 19.94
CA MET A 572 -10.31 11.78 21.27
C MET A 572 -10.17 10.38 21.87
N GLY A 573 -11.08 9.47 21.50
CA GLY A 573 -11.03 8.13 22.06
C GLY A 573 -9.96 7.26 21.44
N MET A 574 -9.80 7.36 20.12
CA MET A 574 -8.77 6.59 19.43
C MET A 574 -7.37 7.05 19.78
N TYR A 575 -7.22 8.33 20.14
CA TYR A 575 -5.91 8.85 20.50
C TYR A 575 -5.48 8.38 21.88
N SER A 576 -6.45 8.16 22.77
CA SER A 576 -6.11 7.73 24.13
C SER A 576 -5.82 6.24 24.19
N VAL A 577 -6.30 5.48 23.21
CA VAL A 577 -5.98 4.05 23.13
C VAL A 577 -4.53 3.87 22.70
N MET A 578 -4.07 4.73 21.78
CA MET A 578 -2.69 4.65 21.31
C MET A 578 -1.70 5.02 22.42
N ILE A 579 -2.11 5.88 23.34
CA ILE A 579 -1.27 6.21 24.49
C ILE A 579 -1.18 5.02 25.45
N GLN A 580 -2.31 4.33 25.63
CA GLN A 580 -2.33 3.16 26.51
C GLN A 580 -1.61 1.98 25.88
N LYS A 581 -1.50 1.98 24.54
CA LYS A 581 -0.83 0.88 23.86
C LYS A 581 0.68 1.05 23.91
N VAL A 582 1.17 2.29 23.82
CA VAL A 582 2.60 2.54 23.89
C VAL A 582 3.14 2.36 25.31
N ILE A 583 2.44 2.88 26.32
CA ILE A 583 2.93 2.81 27.70
C ILE A 583 2.93 1.39 28.25
N LEU A 584 1.84 0.64 28.08
CA LEU A 584 1.71 -0.68 28.66
C LEU A 584 2.50 -1.75 27.92
N HIS A 585 2.88 -1.49 26.66
CA HIS A 585 3.49 -2.54 25.86
C HIS A 585 4.86 -2.16 25.29
N ASP A 586 5.03 -0.89 24.90
CA ASP A 586 6.14 -0.52 24.01
C ASP A 586 7.18 0.36 24.67
N VAL A 587 6.94 0.85 25.89
CA VAL A 587 7.91 1.67 26.59
C VAL A 587 9.02 0.82 27.22
N LEU A 588 8.70 -0.38 27.72
CA LEU A 588 9.72 -1.24 28.32
C LEU A 588 10.71 -1.78 27.28
N LYS A 589 10.32 -1.77 26.00
CA LYS A 589 11.29 -2.02 24.94
C LYS A 589 12.31 -0.89 24.86
N PHE A 590 11.83 0.35 25.02
CA PHE A 590 12.72 1.51 24.94
C PHE A 590 13.59 1.64 26.18
N LEU A 591 13.03 1.35 27.36
CA LEU A 591 13.75 1.60 28.61
C LEU A 591 14.87 0.60 28.82
N PHE A 592 14.62 -0.68 28.52
CA PHE A 592 15.59 -1.72 28.84
C PHE A 592 16.81 -1.66 27.94
N VAL A 593 16.68 -1.00 26.79
CA VAL A 593 17.85 -0.76 25.93
C VAL A 593 18.46 0.60 26.29
N TYR A 594 17.70 1.46 26.97
CA TYR A 594 18.22 2.77 27.34
C TYR A 594 19.14 2.66 28.55
N ILE A 595 18.82 1.78 29.50
CA ILE A 595 19.64 1.64 30.71
C ILE A 595 20.98 0.98 30.40
N VAL A 596 21.01 0.05 29.44
CA VAL A 596 22.29 -0.58 29.09
C VAL A 596 23.14 0.37 28.25
N PHE A 597 22.52 1.41 27.69
CA PHE A 597 23.30 2.48 27.08
C PHE A 597 23.58 3.58 28.11
N LEU A 598 22.76 3.65 29.15
CA LEU A 598 23.03 4.55 30.26
C LEU A 598 24.22 4.07 31.08
N LEU A 599 24.18 2.80 31.49
CA LEU A 599 25.24 2.26 32.35
C LEU A 599 26.48 1.92 31.55
N GLY A 600 26.35 1.80 30.23
CA GLY A 600 27.50 1.61 29.36
C GLY A 600 28.38 2.84 29.32
N PHE A 601 27.76 4.02 29.23
CA PHE A 601 28.51 5.27 29.36
C PHE A 601 28.60 5.70 30.82
N GLY A 602 27.86 5.05 31.71
CA GLY A 602 27.89 5.45 33.11
C GLY A 602 29.16 5.03 33.82
N VAL A 603 29.65 3.83 33.53
CA VAL A 603 30.90 3.36 34.14
C VAL A 603 32.09 3.93 33.39
N ALA A 604 31.85 4.42 32.17
CA ALA A 604 32.93 5.00 31.39
C ALA A 604 33.20 6.44 31.81
N LEU A 605 32.15 7.25 31.96
CA LEU A 605 32.32 8.65 32.31
C LEU A 605 32.67 8.85 33.78
N ALA A 606 32.41 7.85 34.63
CA ALA A 606 32.67 8.01 36.07
C ALA A 606 34.16 7.99 36.39
N SER A 607 34.96 7.36 35.51
CA SER A 607 36.40 7.38 35.71
C SER A 607 37.03 8.67 35.19
N LEU A 608 36.29 9.43 34.40
CA LEU A 608 36.80 10.68 33.83
C LEU A 608 36.53 11.86 34.77
N ILE A 609 35.48 11.77 35.58
CA ILE A 609 35.08 12.87 36.45
C ILE A 609 36.03 12.99 37.63
N GLU A 610 36.63 14.17 37.79
CA GLU A 610 37.46 14.46 38.96
C GLU A 610 36.57 14.56 40.20
N LYS A 611 37.08 14.06 41.32
CA LYS A 611 36.31 13.92 42.55
C LYS A 611 35.92 15.27 43.14
N CYS A 612 34.67 15.37 43.57
CA CYS A 612 34.06 16.51 44.26
C CYS A 612 34.79 17.08 45.49
N PRO A 613 35.48 16.27 46.39
CA PRO A 613 36.08 16.90 47.59
C PRO A 613 37.31 17.78 47.40
N LYS A 614 37.58 18.27 46.18
CA LYS A 614 38.60 19.28 45.91
C LYS A 614 38.52 20.49 46.85
N ASP A 615 37.31 20.96 47.17
CA ASP A 615 37.13 22.10 48.06
C ASP A 615 36.21 21.84 49.26
N ASN A 616 35.18 21.00 49.12
CA ASN A 616 34.22 20.65 50.16
C ASN A 616 33.49 21.84 50.77
N LYS A 617 33.28 22.91 50.00
CA LYS A 617 32.52 24.03 50.51
C LYS A 617 31.08 23.99 49.99
N ASP A 618 30.90 23.52 48.77
CA ASP A 618 29.58 23.27 48.19
C ASP A 618 29.47 21.87 47.60
N CYS A 619 30.11 20.90 48.25
CA CYS A 619 30.18 19.54 47.76
C CYS A 619 29.13 18.66 48.44
N SER A 620 28.09 18.32 47.68
CA SER A 620 27.05 17.44 48.19
C SER A 620 26.74 16.36 47.14
N SER A 621 27.80 15.81 46.55
CA SER A 621 27.65 14.79 45.53
C SER A 621 27.32 13.44 46.19
N TYR A 622 26.97 12.46 45.36
CA TYR A 622 26.59 11.14 45.83
C TYR A 622 27.51 10.04 45.34
N GLY A 623 28.72 10.39 44.90
CA GLY A 623 29.67 9.40 44.44
C GLY A 623 30.17 9.66 43.03
N SER A 624 31.22 8.93 42.63
CA SER A 624 31.77 9.11 41.29
C SER A 624 30.84 8.52 40.23
N PHE A 625 30.22 7.37 40.54
CA PHE A 625 29.29 6.76 39.60
C PHE A 625 27.98 7.53 39.55
N SER A 626 27.58 8.12 40.69
CA SER A 626 26.31 8.83 40.75
C SER A 626 26.37 10.15 40.00
N ASP A 627 27.56 10.74 39.90
CA ASP A 627 27.71 12.00 39.15
C ASP A 627 27.62 11.75 37.65
N ALA A 628 28.06 10.58 37.19
CA ALA A 628 28.11 10.31 35.76
C ALA A 628 26.74 9.94 35.21
N VAL A 629 25.90 9.30 36.04
CA VAL A 629 24.61 8.82 35.55
C VAL A 629 23.58 9.94 35.56
N LEU A 630 23.63 10.80 36.59
CA LEU A 630 22.65 11.88 36.73
C LEU A 630 22.84 12.95 35.66
N GLU A 631 24.06 13.09 35.15
CA GLU A 631 24.30 14.06 34.08
C GLU A 631 23.80 13.54 32.74
N LEU A 632 23.68 12.21 32.61
CA LEU A 632 23.15 11.65 31.37
C LEU A 632 21.63 11.69 31.35
N PHE A 633 20.99 11.79 32.51
CA PHE A 633 19.56 12.08 32.53
C PHE A 633 19.30 13.52 32.12
N LYS A 634 20.10 14.45 32.64
CA LYS A 634 19.88 15.87 32.38
C LYS A 634 20.21 16.23 30.94
N LEU A 635 21.18 15.55 30.36
CA LEU A 635 21.57 15.84 28.98
C LEU A 635 20.57 15.25 28.00
N THR A 636 19.82 14.24 28.42
CA THR A 636 18.78 13.67 27.57
C THR A 636 17.51 14.53 27.61
N ILE A 637 17.08 14.96 28.79
CA ILE A 637 15.87 15.76 28.92
C ILE A 637 16.09 17.22 28.57
N GLY A 638 17.33 17.65 28.36
CA GLY A 638 17.61 19.00 27.95
C GLY A 638 17.99 19.96 29.07
N LEU A 639 18.44 19.46 30.21
CA LEU A 639 18.82 20.29 31.35
C LEU A 639 20.28 20.09 31.72
N GLY A 640 21.13 19.84 30.73
CA GLY A 640 22.53 19.57 30.98
C GLY A 640 23.38 20.82 31.00
N ASP A 641 24.51 20.74 31.72
CA ASP A 641 25.45 21.83 31.85
C ASP A 641 26.83 21.37 31.41
N LEU A 642 27.83 22.23 31.63
CA LEU A 642 29.20 21.98 31.20
C LEU A 642 30.20 22.22 32.34
N ASN A 643 29.73 22.19 33.58
CA ASN A 643 30.61 22.48 34.71
C ASN A 643 31.54 21.30 35.02
N ILE A 644 31.11 20.08 34.71
CA ILE A 644 31.92 18.91 35.02
C ILE A 644 32.88 18.61 33.87
N GLN A 645 32.47 18.92 32.64
CA GLN A 645 33.29 18.73 31.45
C GLN A 645 34.51 19.65 31.47
N GLN A 646 34.37 20.83 32.08
CA GLN A 646 35.53 21.71 32.23
C GLN A 646 36.45 21.21 33.33
N ASN A 647 35.88 20.85 34.48
CA ASN A 647 36.67 20.36 35.62
C ASN A 647 36.73 18.83 35.60
N SER A 648 37.35 18.31 34.56
CA SER A 648 37.51 16.87 34.36
C SER A 648 38.98 16.53 34.20
N LYS A 649 39.27 15.24 34.02
CA LYS A 649 40.63 14.79 33.76
C LYS A 649 41.00 14.99 32.29
N TYR A 650 40.23 14.40 31.38
CA TYR A 650 40.40 14.57 29.94
C TYR A 650 39.17 15.30 29.41
N PRO A 651 39.22 16.62 29.24
CA PRO A 651 38.00 17.36 28.86
C PRO A 651 37.51 17.09 27.45
N ILE A 652 38.41 16.84 26.51
CA ILE A 652 37.98 16.55 25.13
C ILE A 652 37.44 15.13 25.04
N LEU A 653 38.04 14.19 25.76
CA LEU A 653 37.58 12.81 25.75
C LEU A 653 36.27 12.67 26.52
N PHE A 654 36.02 13.58 27.46
CA PHE A 654 34.75 13.56 28.19
C PHE A 654 33.62 14.05 27.30
N LEU A 655 33.94 14.88 26.31
CA LEU A 655 32.90 15.46 25.47
C LEU A 655 32.50 14.51 24.35
N PHE A 656 33.45 13.71 23.85
CA PHE A 656 33.18 12.83 22.72
C PHE A 656 32.27 11.67 23.11
N LEU A 657 32.31 11.26 24.38
CA LEU A 657 31.37 10.24 24.84
C LEU A 657 29.98 10.83 25.04
N LEU A 658 29.90 12.15 25.25
CA LEU A 658 28.60 12.81 25.35
C LEU A 658 27.99 13.00 23.96
N ILE A 659 28.83 13.25 22.96
CA ILE A 659 28.36 13.36 21.57
C ILE A 659 27.91 12.00 21.06
N THR A 660 28.63 10.94 21.44
CA THR A 660 28.25 9.60 21.04
C THR A 660 26.96 9.16 21.74
N TYR A 661 26.74 9.67 22.97
CA TYR A 661 25.55 9.32 23.73
C TYR A 661 24.29 9.93 23.11
N VAL A 662 24.44 11.09 22.47
CA VAL A 662 23.30 11.73 21.80
C VAL A 662 22.95 10.97 20.53
N ILE A 663 23.97 10.49 19.81
CA ILE A 663 23.74 9.76 18.56
C ILE A 663 23.06 8.43 18.84
N LEU A 664 23.51 7.72 19.89
CA LEU A 664 22.87 6.47 20.28
C LEU A 664 21.46 6.71 20.82
N THR A 665 21.24 7.85 21.48
CA THR A 665 19.89 8.16 21.98
C THR A 665 18.95 8.46 20.82
N PHE A 666 19.46 9.13 19.77
CA PHE A 666 18.63 9.46 18.62
C PHE A 666 18.28 8.21 17.81
N VAL A 667 19.18 7.22 17.81
CA VAL A 667 18.90 5.95 17.14
C VAL A 667 17.79 5.21 17.89
N LEU A 668 17.81 5.30 19.23
CA LEU A 668 16.76 4.68 20.04
C LEU A 668 15.41 5.35 19.80
N LEU A 669 15.41 6.67 19.64
CA LEU A 669 14.15 7.39 19.43
C LEU A 669 13.65 7.20 18.00
N LEU A 670 14.54 6.90 17.06
CA LEU A 670 14.14 6.82 15.67
C LEU A 670 13.63 5.43 15.32
N ASN A 671 14.05 4.41 16.06
CA ASN A 671 13.55 3.06 15.82
C ASN A 671 12.28 2.79 16.62
N MET A 672 11.92 3.69 17.54
CA MET A 672 10.63 3.58 18.21
C MET A 672 9.50 3.95 17.26
N LEU A 673 9.77 4.86 16.32
CA LEU A 673 8.76 5.26 15.36
C LEU A 673 8.53 4.17 14.31
N ILE A 674 9.61 3.49 13.92
CA ILE A 674 9.49 2.38 12.97
C ILE A 674 8.81 1.19 13.63
N ALA A 675 9.03 1.00 14.93
CA ALA A 675 8.40 -0.10 15.64
C ALA A 675 6.91 0.15 15.86
N LEU A 676 6.50 1.41 15.96
CA LEU A 676 5.08 1.72 16.09
C LEU A 676 4.39 1.74 14.74
N MET A 677 5.17 1.70 13.65
CA MET A 677 4.64 1.50 12.32
C MET A 677 4.79 0.07 11.85
N GLY A 678 4.58 -0.90 12.74
CA GLY A 678 4.88 -2.28 12.43
C GLY A 678 4.00 -2.86 11.34
N GLU A 679 4.62 -3.00 10.17
CA GLU A 679 4.19 -3.73 8.97
C GLU A 679 3.02 -3.09 8.22
N THR A 680 2.35 -2.09 8.81
CA THR A 680 1.28 -1.32 8.19
C THR A 680 0.99 -0.16 9.14
N VAL A 681 0.86 1.05 8.59
CA VAL A 681 0.46 2.19 9.42
C VAL A 681 -1.05 2.25 9.61
N GLU A 682 -1.80 1.43 8.87
CA GLU A 682 -3.26 1.42 8.98
C GLU A 682 -3.72 0.48 10.08
N ASN A 683 -3.03 -0.65 10.25
CA ASN A 683 -3.46 -1.66 11.22
C ASN A 683 -3.25 -1.18 12.66
N VAL A 684 -2.37 -0.21 12.85
CA VAL A 684 -2.25 0.46 14.15
C VAL A 684 -3.49 1.31 14.40
N SER A 685 -3.98 1.96 13.34
CA SER A 685 -5.19 2.78 13.47
C SER A 685 -6.44 1.90 13.50
N LYS A 686 -6.34 0.66 13.01
CA LYS A 686 -7.48 -0.25 13.07
C LYS A 686 -7.67 -0.80 14.48
N GLU A 687 -6.57 -1.18 15.14
CA GLU A 687 -6.68 -1.83 16.44
C GLU A 687 -7.04 -0.83 17.53
N SER A 688 -6.79 0.45 17.28
CA SER A 688 -7.20 1.48 18.24
C SER A 688 -8.63 1.91 17.99
N GLU A 689 -9.19 1.53 16.84
CA GLU A 689 -10.56 1.91 16.52
C GLU A 689 -11.53 0.80 16.91
N ARG A 690 -11.07 -0.46 16.84
CA ARG A 690 -11.93 -1.58 17.20
C ARG A 690 -12.11 -1.68 18.70
N ILE A 691 -11.04 -1.49 19.47
CA ILE A 691 -11.11 -1.71 20.90
C ILE A 691 -11.62 -0.45 21.61
N TRP A 692 -11.69 0.67 20.88
CA TRP A 692 -12.36 1.85 21.41
C TRP A 692 -13.87 1.65 21.45
N ARG A 693 -14.42 0.99 20.42
CA ARG A 693 -15.87 0.82 20.35
C ARG A 693 -16.36 -0.20 21.36
N LEU A 694 -15.47 -1.07 21.83
CA LEU A 694 -15.84 -1.98 22.91
C LEU A 694 -15.80 -1.28 24.26
N GLN A 695 -15.05 -0.18 24.35
CA GLN A 695 -15.05 0.60 25.59
C GLN A 695 -16.32 1.41 25.72
N ARG A 696 -16.89 1.86 24.60
CA ARG A 696 -18.18 2.53 24.65
C ARG A 696 -19.31 1.52 24.88
N ALA A 697 -19.21 0.34 24.25
CA ALA A 697 -20.26 -0.66 24.36
C ALA A 697 -20.35 -1.23 25.77
N ARG A 698 -19.24 -1.27 26.50
CA ARG A 698 -19.29 -1.62 27.91
C ARG A 698 -19.86 -0.46 28.74
N THR A 699 -19.59 0.77 28.31
CA THR A 699 -20.02 1.95 29.07
C THR A 699 -21.53 2.14 28.97
N ILE A 700 -22.11 1.76 27.82
CA ILE A 700 -23.55 1.91 27.61
C ILE A 700 -24.32 0.94 28.50
N LEU A 701 -23.86 -0.32 28.57
CA LEU A 701 -24.60 -1.33 29.31
C LEU A 701 -24.40 -1.18 30.82
N GLU A 702 -23.33 -0.52 31.24
CA GLU A 702 -23.16 -0.26 32.67
C GLU A 702 -24.00 0.92 33.12
N PHE A 703 -24.30 1.85 32.20
CA PHE A 703 -25.20 2.95 32.54
C PHE A 703 -26.65 2.48 32.61
N GLU A 704 -26.97 1.40 31.91
CA GLU A 704 -28.34 0.89 31.91
C GLU A 704 -28.66 0.19 33.22
N LYS A 705 -27.64 -0.38 33.87
CA LYS A 705 -27.85 -1.04 35.16
C LYS A 705 -27.99 -0.02 36.28
N MET A 706 -27.53 1.22 36.05
CA MET A 706 -27.64 2.25 37.07
C MET A 706 -29.06 2.77 37.18
N LEU A 707 -29.85 2.64 36.11
CA LEU A 707 -31.19 3.18 36.03
C LEU A 707 -32.14 2.38 36.92
N PRO A 708 -33.16 3.01 37.49
CA PRO A 708 -34.15 2.27 38.27
C PRO A 708 -35.11 1.49 37.37
N GLU A 709 -36.04 0.78 38.03
CA GLU A 709 -36.94 -0.13 37.31
C GLU A 709 -37.97 0.65 36.49
N TRP A 710 -38.44 1.79 37.03
CA TRP A 710 -39.48 2.54 36.33
C TRP A 710 -38.91 3.34 35.16
N LEU A 711 -37.59 3.56 35.15
CA LEU A 711 -36.99 4.40 34.11
C LEU A 711 -36.45 3.55 32.97
N ARG A 712 -36.15 2.27 33.22
CA ARG A 712 -35.73 1.38 32.14
C ARG A 712 -36.91 1.04 31.23
N SER A 713 -38.13 1.05 31.78
CA SER A 713 -39.31 0.76 30.97
C SER A 713 -39.65 1.93 30.05
N ARG A 714 -39.23 3.15 30.42
CA ARG A 714 -39.49 4.31 29.59
C ARG A 714 -38.57 4.32 28.36
N PHE A 715 -37.30 3.98 28.54
CA PHE A 715 -36.34 3.95 27.44
C PHE A 715 -36.24 2.59 26.77
N ARG A 716 -37.29 1.77 26.82
CA ARG A 716 -37.25 0.46 26.20
C ARG A 716 -37.55 0.56 24.71
N MET A 717 -36.78 -0.16 23.90
CA MET A 717 -36.94 -0.18 22.46
C MET A 717 -37.86 -1.33 22.07
N GLY A 718 -38.46 -1.19 20.88
CA GLY A 718 -39.33 -2.22 20.34
C GLY A 718 -40.78 -1.76 20.31
N GLU A 719 -41.58 -2.52 19.57
CA GLU A 719 -43.01 -2.26 19.46
C GLU A 719 -43.71 -3.57 19.14
N LEU A 720 -44.97 -3.70 19.54
CA LEU A 720 -45.71 -4.92 19.27
C LEU A 720 -46.10 -4.99 17.81
N CYS A 721 -45.67 -6.06 17.15
CA CYS A 721 -45.93 -6.24 15.73
C CYS A 721 -46.55 -7.61 15.53
N LYS A 722 -47.76 -7.65 14.97
CA LYS A 722 -48.42 -8.93 14.67
C LYS A 722 -47.75 -9.57 13.46
N VAL A 723 -46.78 -10.46 13.69
CA VAL A 723 -46.05 -11.10 12.60
C VAL A 723 -46.74 -12.35 12.10
N ALA A 724 -47.65 -12.93 12.88
CA ALA A 724 -48.40 -14.12 12.48
C ALA A 724 -49.70 -14.21 13.26
N GLU A 725 -50.40 -15.33 13.14
CA GLU A 725 -51.61 -15.54 13.92
C GLU A 725 -51.26 -15.80 15.38
N ASP A 726 -51.70 -14.88 16.26
CA ASP A 726 -51.42 -14.90 17.70
C ASP A 726 -49.92 -14.91 18.00
N ASP A 727 -49.17 -14.04 17.33
CA ASP A 727 -47.72 -13.96 17.50
C ASP A 727 -47.34 -12.48 17.54
N PHE A 728 -47.21 -11.94 18.75
CA PHE A 728 -46.84 -10.55 18.96
C PHE A 728 -45.43 -10.50 19.51
N ARG A 729 -44.53 -9.82 18.79
CA ARG A 729 -43.12 -9.77 19.15
C ARG A 729 -42.68 -8.32 19.23
N LEU A 730 -41.78 -8.03 20.19
CA LEU A 730 -41.20 -6.70 20.29
C LEU A 730 -40.16 -6.52 19.20
N CYS A 731 -40.58 -5.97 18.06
CA CYS A 731 -39.72 -5.80 16.90
C CYS A 731 -39.23 -4.37 16.80
N LEU A 732 -38.08 -4.19 16.17
CA LEU A 732 -37.48 -2.87 15.98
C LEU A 732 -37.34 -2.62 14.48
N ARG A 733 -37.74 -1.43 14.06
CA ARG A 733 -37.82 -1.10 12.64
C ARG A 733 -36.52 -0.50 12.14
N ILE A 734 -36.04 -1.01 10.99
CA ILE A 734 -34.86 -0.48 10.31
C ILE A 734 -35.21 -0.38 8.83
N ASN A 735 -35.11 0.82 8.27
CA ASN A 735 -35.43 1.05 6.88
C ASN A 735 -34.21 0.81 5.99
N GLU A 736 -34.46 0.53 4.72
CA GLU A 736 -33.40 0.19 3.79
C GLU A 736 -33.83 0.57 2.38
N VAL A 737 -32.90 1.19 1.64
CA VAL A 737 -33.12 1.57 0.25
C VAL A 737 -32.12 0.77 -0.60
N LYS A 738 -32.63 -0.16 -1.39
CA LYS A 738 -31.81 -1.04 -2.21
C LYS A 738 -32.18 -0.88 -3.67
N TRP A 739 -31.20 -0.48 -4.49
CA TRP A 739 -31.44 -0.20 -5.89
C TRP A 739 -31.01 -1.32 -6.83
N THR A 740 -30.15 -2.23 -6.38
CA THR A 740 -29.55 -3.23 -7.27
C THR A 740 -30.50 -4.34 -7.68
N GLU A 741 -31.11 -5.04 -6.72
CA GLU A 741 -32.01 -6.15 -7.01
C GLU A 741 -33.43 -5.64 -7.11
N TRP A 742 -34.11 -6.00 -8.19
CA TRP A 742 -35.49 -5.58 -8.45
C TRP A 742 -36.39 -6.81 -8.46
N LYS A 743 -37.23 -6.93 -7.45
CA LYS A 743 -38.16 -8.05 -7.35
C LYS A 743 -39.54 -7.51 -7.01
N THR A 744 -40.56 -8.28 -7.39
CA THR A 744 -41.94 -8.00 -6.98
C THR A 744 -42.07 -8.42 -5.52
N HIS A 745 -42.90 -7.70 -4.77
CA HIS A 745 -42.98 -7.94 -3.33
C HIS A 745 -44.24 -8.72 -2.98
N VAL A 746 -44.04 -9.94 -2.50
CA VAL A 746 -45.16 -10.78 -2.03
C VAL A 746 -45.09 -11.10 -0.55
N SER A 747 -43.94 -10.93 0.11
CA SER A 747 -43.81 -11.19 1.54
C SER A 747 -43.84 -9.85 2.27
N PHE A 748 -44.97 -9.55 2.91
CA PHE A 748 -45.15 -8.28 3.59
C PHE A 748 -46.22 -8.44 4.65
N LEU A 749 -46.18 -7.56 5.65
CA LEU A 749 -47.16 -7.54 6.73
C LEU A 749 -48.28 -6.54 6.48
N ASN A 750 -47.96 -5.37 5.94
CA ASN A 750 -48.94 -4.34 5.60
C ASN A 750 -48.89 -4.08 4.11
N GLU A 751 -50.06 -4.07 3.47
CA GLU A 751 -50.12 -3.78 2.04
C GLU A 751 -50.06 -2.29 1.75
N ASP A 752 -50.26 -1.46 2.77
CA ASP A 752 -50.19 -0.01 2.62
C ASP A 752 -48.81 0.48 3.04
N PRO A 753 -47.98 0.95 2.11
CA PRO A 753 -46.66 1.42 2.49
C PRO A 753 -46.71 2.79 3.16
N GLY A 754 -45.90 2.94 4.21
CA GLY A 754 -45.80 4.20 4.90
C GLY A 754 -45.86 4.07 6.40
N PRO A 755 -45.13 4.92 7.12
CA PRO A 755 -45.19 4.92 8.59
C PRO A 755 -46.51 5.46 9.12
N VAL A 756 -47.56 4.65 9.06
CA VAL A 756 -48.87 5.06 9.55
C VAL A 756 -49.26 4.21 10.77
N ARG B 117 -71.88 -4.57 4.67
CA ARG B 117 -72.23 -5.81 5.37
C ARG B 117 -71.38 -6.99 4.86
N ARG B 118 -71.91 -8.21 5.01
CA ARG B 118 -71.21 -9.43 4.65
C ARG B 118 -70.91 -9.55 3.15
N LEU B 119 -71.69 -8.86 2.32
CA LEU B 119 -71.50 -8.95 0.87
C LEU B 119 -70.24 -8.18 0.45
N LYS B 120 -69.93 -7.10 1.16
CA LYS B 120 -68.81 -6.26 0.77
C LYS B 120 -67.47 -6.90 1.16
N LYS B 121 -67.43 -7.55 2.32
CA LYS B 121 -66.17 -8.07 2.83
C LYS B 121 -65.73 -9.32 2.09
N ARG B 122 -66.69 -10.06 1.52
CA ARG B 122 -66.34 -11.29 0.82
C ARG B 122 -65.75 -10.99 -0.56
N ILE B 123 -66.15 -9.87 -1.16
CA ILE B 123 -65.61 -9.49 -2.47
C ILE B 123 -64.18 -8.96 -2.30
N PHE B 124 -63.93 -8.23 -1.21
CA PHE B 124 -62.59 -7.73 -0.93
C PHE B 124 -61.63 -8.86 -0.59
N ALA B 125 -62.16 -9.95 0.00
CA ALA B 125 -61.30 -11.06 0.40
C ALA B 125 -61.03 -12.01 -0.76
N ALA B 126 -61.97 -12.10 -1.70
CA ALA B 126 -61.84 -13.07 -2.80
C ALA B 126 -60.77 -12.64 -3.78
N VAL B 127 -60.49 -11.33 -3.86
CA VAL B 127 -59.46 -10.84 -4.77
C VAL B 127 -58.10 -10.80 -4.09
N SER B 128 -58.03 -11.25 -2.84
CA SER B 128 -56.76 -11.19 -2.11
C SER B 128 -55.95 -12.48 -2.28
N GLU B 129 -56.50 -13.62 -1.87
CA GLU B 129 -55.75 -14.87 -1.95
C GLU B 129 -55.69 -15.40 -3.39
N GLY B 130 -56.79 -15.27 -4.13
CA GLY B 130 -56.81 -15.76 -5.49
C GLY B 130 -57.96 -16.69 -5.82
N CYS B 131 -59.02 -16.64 -5.02
CA CYS B 131 -60.20 -17.46 -5.29
C CYS B 131 -60.94 -16.92 -6.50
N VAL B 132 -60.65 -17.48 -7.68
CA VAL B 132 -61.24 -16.99 -8.91
C VAL B 132 -62.68 -17.45 -9.04
N GLU B 133 -62.94 -18.73 -8.69
CA GLU B 133 -64.27 -19.29 -8.85
C GLU B 133 -65.24 -18.74 -7.80
N GLU B 134 -64.71 -18.35 -6.63
CA GLU B 134 -65.56 -17.76 -5.60
C GLU B 134 -66.00 -16.36 -5.98
N LEU B 135 -65.18 -15.66 -6.77
CA LEU B 135 -65.50 -14.28 -7.15
C LEU B 135 -66.62 -14.24 -8.19
N VAL B 136 -66.90 -15.36 -8.84
CA VAL B 136 -67.88 -15.40 -9.92
C VAL B 136 -69.29 -15.20 -9.38
N GLU B 137 -69.68 -16.01 -8.38
CA GLU B 137 -71.04 -15.93 -7.86
C GLU B 137 -71.23 -14.70 -6.98
N LEU B 138 -70.13 -14.15 -6.44
CA LEU B 138 -70.23 -12.93 -5.67
C LEU B 138 -70.53 -11.72 -6.56
N LEU B 139 -70.07 -11.75 -7.81
CA LEU B 139 -70.44 -10.69 -8.75
C LEU B 139 -71.83 -10.94 -9.32
N VAL B 140 -72.27 -12.20 -9.33
CA VAL B 140 -73.65 -12.51 -9.71
C VAL B 140 -74.60 -12.04 -8.62
N GLU B 141 -74.22 -12.26 -7.36
CA GLU B 141 -75.05 -11.83 -6.23
C GLU B 141 -75.11 -10.31 -6.15
N LEU B 142 -74.06 -9.63 -6.59
CA LEU B 142 -74.11 -8.18 -6.72
C LEU B 142 -74.96 -7.76 -7.91
N GLN B 143 -75.11 -8.66 -8.89
CA GLN B 143 -75.87 -8.32 -10.10
C GLN B 143 -77.36 -8.62 -9.90
N GLU B 144 -77.68 -9.62 -9.07
CA GLU B 144 -79.07 -9.97 -8.81
C GLU B 144 -79.78 -8.91 -7.98
N LEU B 145 -79.01 -8.11 -7.24
CA LEU B 145 -79.60 -7.09 -6.39
C LEU B 145 -79.91 -5.82 -7.17
N CYS B 146 -79.45 -5.74 -8.43
CA CYS B 146 -79.59 -4.51 -9.19
C CYS B 146 -81.02 -4.28 -9.67
N ARG B 147 -81.81 -5.34 -9.79
CA ARG B 147 -83.18 -5.21 -10.30
C ARG B 147 -84.18 -4.89 -9.20
N ARG B 148 -83.95 -3.82 -8.44
CA ARG B 148 -84.96 -3.29 -7.54
C ARG B 148 -84.93 -1.77 -7.57
N ARG B 149 -84.12 -1.20 -8.46
CA ARG B 149 -83.99 0.25 -8.61
C ARG B 149 -84.05 0.64 -10.08
N HIS B 150 -83.78 1.91 -10.36
CA HIS B 150 -83.65 2.41 -11.73
C HIS B 150 -82.27 3.04 -11.92
N ASP B 151 -82.05 3.61 -13.10
CA ASP B 151 -80.70 3.88 -13.57
C ASP B 151 -80.07 5.14 -12.96
N GLU B 152 -80.72 5.75 -11.98
CA GLU B 152 -80.14 6.90 -11.30
C GLU B 152 -79.27 6.43 -10.14
N ASP B 153 -79.67 5.34 -9.48
CA ASP B 153 -79.01 4.86 -8.28
C ASP B 153 -78.12 3.65 -8.50
N VAL B 154 -78.36 2.88 -9.57
CA VAL B 154 -77.59 1.66 -9.85
C VAL B 154 -76.11 1.96 -10.16
N PRO B 155 -75.72 2.99 -11.00
CA PRO B 155 -74.28 3.29 -11.11
C PRO B 155 -73.69 3.88 -9.84
N ASP B 156 -74.54 4.46 -8.98
CA ASP B 156 -74.07 5.04 -7.74
C ASP B 156 -73.86 3.96 -6.68
N PHE B 157 -74.76 2.97 -6.65
CA PHE B 157 -74.73 1.97 -5.58
C PHE B 157 -73.60 0.97 -5.77
N LEU B 158 -73.15 0.78 -7.02
CA LEU B 158 -72.05 -0.14 -7.27
C LEU B 158 -70.71 0.48 -6.85
N MET B 159 -70.66 1.81 -6.73
CA MET B 159 -69.43 2.46 -6.29
C MET B 159 -69.28 2.37 -4.78
N HIS B 160 -70.39 2.15 -4.06
CA HIS B 160 -70.32 2.01 -2.61
C HIS B 160 -69.88 0.62 -2.20
N LYS B 161 -70.23 -0.39 -3.00
CA LYS B 161 -69.96 -1.78 -2.64
C LYS B 161 -68.68 -2.33 -3.24
N LEU B 162 -68.09 -1.66 -4.23
CA LEU B 162 -66.82 -2.08 -4.80
C LEU B 162 -65.65 -1.26 -4.28
N THR B 163 -65.91 -0.16 -3.57
CA THR B 163 -64.86 0.67 -3.02
C THR B 163 -65.00 0.70 -1.50
N ALA B 164 -64.06 1.37 -0.85
CA ALA B 164 -64.13 1.60 0.59
C ALA B 164 -64.84 2.93 0.86
N SER B 165 -64.86 3.35 2.13
CA SER B 165 -65.52 4.60 2.47
C SER B 165 -64.55 5.53 3.20
N ASP B 166 -63.50 4.97 3.78
CA ASP B 166 -62.52 5.75 4.52
C ASP B 166 -61.23 6.00 3.75
N THR B 167 -60.85 5.11 2.84
CA THR B 167 -59.64 5.26 2.05
C THR B 167 -59.91 5.44 0.58
N GLY B 168 -60.86 4.71 0.01
CA GLY B 168 -61.15 4.78 -1.41
C GLY B 168 -60.57 3.64 -2.22
N LYS B 169 -60.10 2.57 -1.58
CA LYS B 169 -59.49 1.47 -2.30
C LYS B 169 -60.57 0.61 -2.95
N THR B 170 -60.35 0.28 -4.23
CA THR B 170 -61.32 -0.46 -5.02
C THR B 170 -60.98 -1.94 -4.98
N CYS B 171 -61.80 -2.73 -5.68
CA CYS B 171 -61.50 -4.16 -5.83
C CYS B 171 -60.33 -4.38 -6.78
N LEU B 172 -60.16 -3.46 -7.74
CA LEU B 172 -59.04 -3.59 -8.68
C LEU B 172 -57.73 -3.23 -8.00
N MET B 173 -57.76 -2.30 -7.05
CA MET B 173 -56.55 -1.93 -6.32
C MET B 173 -56.16 -3.02 -5.32
N LYS B 174 -57.14 -3.74 -4.79
CA LYS B 174 -56.87 -4.80 -3.82
C LYS B 174 -56.21 -6.00 -4.51
N ALA B 175 -56.62 -6.29 -5.74
CA ALA B 175 -56.07 -7.45 -6.45
C ALA B 175 -54.66 -7.18 -6.94
N LEU B 176 -54.34 -5.92 -7.26
CA LEU B 176 -53.02 -5.60 -7.77
C LEU B 176 -51.99 -5.41 -6.68
N LEU B 177 -52.41 -5.10 -5.44
CA LEU B 177 -51.47 -5.06 -4.33
C LEU B 177 -51.08 -6.46 -3.86
N ASN B 178 -51.91 -7.46 -4.13
CA ASN B 178 -51.64 -8.84 -3.73
C ASN B 178 -51.32 -9.64 -4.99
N ILE B 179 -50.04 -9.71 -5.32
CA ILE B 179 -49.59 -10.40 -6.52
C ILE B 179 -49.63 -11.91 -6.28
N ASN B 180 -50.53 -12.59 -6.97
CA ASN B 180 -50.75 -14.02 -6.91
C ASN B 180 -50.62 -14.59 -8.32
N PRO B 181 -50.43 -15.90 -8.51
CA PRO B 181 -50.34 -16.45 -9.86
C PRO B 181 -51.62 -16.42 -10.69
N ASN B 182 -52.75 -15.99 -10.12
CA ASN B 182 -53.96 -15.77 -10.91
C ASN B 182 -54.30 -14.29 -11.02
N THR B 183 -53.28 -13.43 -11.17
CA THR B 183 -53.53 -11.99 -11.16
C THR B 183 -53.94 -11.49 -12.54
N LYS B 184 -53.74 -12.30 -13.57
CA LYS B 184 -54.07 -11.85 -14.92
C LYS B 184 -55.54 -12.08 -15.24
N GLU B 185 -56.08 -13.23 -14.81
CA GLU B 185 -57.46 -13.56 -15.13
C GLU B 185 -58.43 -12.82 -14.20
N ILE B 186 -57.95 -12.39 -13.03
CA ILE B 186 -58.84 -11.79 -12.05
C ILE B 186 -59.11 -10.32 -12.39
N VAL B 187 -58.26 -9.74 -13.22
CA VAL B 187 -58.49 -8.36 -13.68
C VAL B 187 -59.49 -8.36 -14.83
N ARG B 188 -59.45 -9.39 -15.66
CA ARG B 188 -60.33 -9.49 -16.81
C ARG B 188 -61.79 -9.70 -16.40
N ILE B 189 -62.01 -10.28 -15.22
CA ILE B 189 -63.37 -10.51 -14.74
C ILE B 189 -63.95 -9.23 -14.17
N LEU B 190 -63.13 -8.47 -13.43
CA LEU B 190 -63.64 -7.28 -12.74
C LEU B 190 -63.89 -6.14 -13.72
N LEU B 191 -63.08 -6.05 -14.78
CA LEU B 191 -63.27 -4.97 -15.75
C LEU B 191 -64.41 -5.27 -16.70
N ALA B 192 -64.71 -6.56 -16.92
CA ALA B 192 -65.84 -6.92 -17.78
C ALA B 192 -67.17 -6.67 -17.06
N PHE B 193 -67.15 -6.72 -15.72
CA PHE B 193 -68.35 -6.45 -14.95
C PHE B 193 -68.68 -4.95 -14.97
N ALA B 194 -67.65 -4.11 -15.06
CA ALA B 194 -67.87 -2.68 -15.10
C ALA B 194 -68.32 -2.22 -16.49
N GLU B 195 -67.98 -3.00 -17.51
CA GLU B 195 -68.40 -2.70 -18.87
C GLU B 195 -69.89 -2.99 -19.06
N GLU B 196 -70.38 -4.05 -18.42
CA GLU B 196 -71.78 -4.44 -18.51
C GLU B 196 -72.68 -3.45 -17.77
N ASN B 197 -72.14 -2.82 -16.72
CA ASN B 197 -72.89 -1.82 -15.98
C ASN B 197 -72.57 -0.40 -16.43
N ASP B 198 -71.67 -0.24 -17.42
CA ASP B 198 -71.28 1.03 -18.03
C ASP B 198 -70.71 1.99 -16.98
N ILE B 199 -69.88 1.42 -16.11
CA ILE B 199 -69.24 2.18 -15.03
C ILE B 199 -67.73 1.98 -15.09
N LEU B 200 -67.22 1.64 -16.28
CA LEU B 200 -65.80 1.34 -16.42
C LEU B 200 -64.94 2.59 -16.29
N GLY B 201 -65.49 3.74 -16.69
CA GLY B 201 -64.75 4.99 -16.68
C GLY B 201 -64.41 5.51 -15.29
N ARG B 202 -65.34 5.36 -14.34
CA ARG B 202 -65.10 5.86 -12.99
C ARG B 202 -64.48 4.79 -12.10
N PHE B 203 -64.45 3.55 -12.58
CA PHE B 203 -63.88 2.46 -11.80
C PHE B 203 -62.37 2.40 -11.95
N ILE B 204 -61.89 2.44 -13.19
CA ILE B 204 -60.46 2.34 -13.44
C ILE B 204 -59.74 3.66 -13.14
N ASN B 205 -60.48 4.77 -13.10
CA ASN B 205 -59.87 6.07 -12.85
C ASN B 205 -60.17 6.56 -11.45
N ALA B 206 -60.33 5.63 -10.51
CA ALA B 206 -60.58 5.96 -9.11
C ALA B 206 -59.29 6.32 -8.41
N GLU B 207 -59.41 7.08 -7.33
CA GLU B 207 -58.27 7.55 -6.55
C GLU B 207 -58.53 7.32 -5.07
N TYR B 208 -57.45 7.25 -4.28
CA TYR B 208 -57.57 7.17 -2.84
C TYR B 208 -58.03 8.51 -2.27
N THR B 209 -58.96 8.47 -1.31
CA THR B 209 -59.36 9.65 -0.57
C THR B 209 -58.48 9.90 0.66
N GLU B 210 -57.47 9.06 0.88
CA GLU B 210 -56.58 9.19 2.02
C GLU B 210 -55.59 10.32 1.78
N GLU B 211 -55.24 11.05 2.84
CA GLU B 211 -54.28 12.14 2.72
C GLU B 211 -52.88 11.69 2.36
N ALA B 212 -52.45 10.48 2.75
CA ALA B 212 -51.13 9.99 2.40
C ALA B 212 -51.10 9.22 1.08
N TYR B 213 -52.21 9.12 0.36
CA TYR B 213 -52.24 8.41 -0.91
C TYR B 213 -53.06 9.13 -1.97
N GLU B 214 -53.28 10.44 -1.83
CA GLU B 214 -54.17 11.19 -2.71
C GLU B 214 -53.61 11.29 -4.12
N GLY B 215 -54.33 10.70 -5.08
CA GLY B 215 -53.98 10.74 -6.48
C GLY B 215 -53.52 9.40 -7.03
N GLN B 216 -53.26 8.43 -6.15
CA GLN B 216 -52.79 7.13 -6.61
C GLN B 216 -53.94 6.33 -7.20
N THR B 217 -53.71 5.79 -8.40
CA THR B 217 -54.73 5.04 -9.12
C THR B 217 -54.29 3.59 -9.24
N ALA B 218 -55.08 2.81 -9.97
CA ALA B 218 -54.76 1.40 -10.16
C ALA B 218 -53.63 1.22 -11.16
N LEU B 219 -53.38 2.23 -11.99
CA LEU B 219 -52.28 2.16 -12.94
C LEU B 219 -50.94 2.35 -12.25
N ASN B 220 -50.92 3.15 -11.17
CA ASN B 220 -49.69 3.36 -10.43
C ASN B 220 -49.30 2.13 -9.63
N ILE B 221 -50.27 1.28 -9.32
CA ILE B 221 -49.99 0.06 -8.56
C ILE B 221 -49.38 -1.01 -9.47
N ALA B 222 -49.95 -1.17 -10.67
CA ALA B 222 -49.53 -2.23 -11.57
C ALA B 222 -48.14 -1.98 -12.15
N ILE B 223 -47.76 -0.71 -12.27
CA ILE B 223 -46.41 -0.36 -12.72
C ILE B 223 -45.37 -0.71 -11.65
N GLU B 224 -45.66 -0.47 -10.38
CA GLU B 224 -44.67 -0.70 -9.32
C GLU B 224 -44.50 -2.19 -9.03
N ARG B 225 -45.54 -2.99 -9.28
CA ARG B 225 -45.49 -4.41 -8.97
C ARG B 225 -44.91 -5.25 -10.12
N ARG B 226 -44.29 -4.58 -11.10
CA ARG B 226 -43.63 -5.19 -12.26
C ARG B 226 -44.60 -6.07 -13.07
N GLN B 227 -45.80 -5.54 -13.30
CA GLN B 227 -46.80 -6.22 -14.11
C GLN B 227 -46.99 -5.43 -15.41
N GLY B 228 -46.17 -5.76 -16.40
CA GLY B 228 -46.23 -5.04 -17.67
C GLY B 228 -47.39 -5.49 -18.53
N ASP B 229 -47.84 -6.73 -18.35
CA ASP B 229 -48.96 -7.23 -19.15
C ASP B 229 -50.28 -6.69 -18.64
N ILE B 230 -50.40 -6.51 -17.32
CA ILE B 230 -51.64 -5.97 -16.75
C ILE B 230 -51.73 -4.48 -17.01
N ALA B 231 -50.59 -3.77 -16.92
CA ALA B 231 -50.56 -2.33 -17.14
C ALA B 231 -50.85 -1.98 -18.60
N ALA B 232 -50.50 -2.88 -19.52
CA ALA B 232 -50.86 -2.68 -20.92
C ALA B 232 -52.35 -2.91 -21.13
N LEU B 233 -52.97 -3.72 -20.27
CA LEU B 233 -54.40 -4.00 -20.40
C LEU B 233 -55.24 -2.88 -19.78
N LEU B 234 -54.68 -2.18 -18.80
CA LEU B 234 -55.42 -1.11 -18.14
C LEU B 234 -55.50 0.14 -19.02
N ILE B 235 -54.43 0.42 -19.77
CA ILE B 235 -54.39 1.61 -20.62
C ILE B 235 -55.36 1.45 -21.79
N ALA B 236 -55.45 0.24 -22.33
CA ALA B 236 -56.40 -0.04 -23.41
C ALA B 236 -57.84 -0.02 -22.89
N ALA B 237 -58.02 -0.28 -21.60
CA ALA B 237 -59.34 -0.19 -20.98
C ALA B 237 -59.74 1.24 -20.65
N GLY B 238 -58.82 2.19 -20.68
CA GLY B 238 -59.16 3.58 -20.45
C GLY B 238 -58.65 4.17 -19.15
N ALA B 239 -57.48 3.72 -18.70
CA ALA B 239 -56.89 4.25 -17.48
C ALA B 239 -56.21 5.59 -17.77
N ASP B 240 -56.23 6.49 -16.80
CA ASP B 240 -55.59 7.79 -16.96
C ASP B 240 -54.08 7.64 -16.84
N VAL B 241 -53.37 7.96 -17.93
CA VAL B 241 -51.91 7.89 -17.93
C VAL B 241 -51.27 9.16 -17.40
N ASN B 242 -52.06 10.14 -16.97
CA ASN B 242 -51.52 11.38 -16.42
C ASN B 242 -52.00 11.59 -14.98
N ALA B 243 -52.02 10.52 -14.20
CA ALA B 243 -52.44 10.58 -12.81
C ALA B 243 -51.34 11.22 -11.96
N HIS B 244 -51.75 12.09 -11.05
CA HIS B 244 -50.84 12.84 -10.21
C HIS B 244 -51.01 12.39 -8.76
N ALA B 245 -50.14 11.49 -8.31
CA ALA B 245 -50.16 11.02 -6.93
C ALA B 245 -49.56 12.06 -6.00
N LYS B 246 -50.40 13.00 -5.52
CA LYS B 246 -49.95 14.12 -4.71
C LYS B 246 -50.01 13.83 -3.22
N GLY B 247 -50.05 12.56 -2.83
CA GLY B 247 -50.15 12.20 -1.42
C GLY B 247 -48.89 12.47 -0.63
N ALA B 248 -48.99 12.38 0.70
CA ALA B 248 -47.87 12.67 1.58
C ALA B 248 -46.78 11.61 1.55
N PHE B 249 -47.13 10.37 1.20
CA PHE B 249 -46.12 9.32 1.05
C PHE B 249 -45.27 9.52 -0.20
N PHE B 250 -45.86 10.04 -1.27
CA PHE B 250 -45.14 10.20 -2.53
C PHE B 250 -44.39 11.51 -2.62
N ASN B 251 -44.70 12.46 -1.74
CA ASN B 251 -43.98 13.73 -1.61
C ASN B 251 -43.54 13.87 -0.16
N PRO B 252 -42.37 13.31 0.21
CA PRO B 252 -41.96 13.30 1.62
C PRO B 252 -41.58 14.67 2.16
N LYS B 253 -41.24 14.73 3.45
CA LYS B 253 -40.90 15.99 4.10
C LYS B 253 -39.42 16.34 3.99
N TYR B 254 -38.51 15.53 4.55
CA TYR B 254 -37.10 15.77 4.33
C TYR B 254 -36.44 14.62 3.59
N GLN B 255 -36.46 13.43 4.20
CA GLN B 255 -35.79 12.24 3.68
C GLN B 255 -36.48 11.01 4.25
N HIS B 256 -36.54 9.96 3.41
CA HIS B 256 -36.94 8.58 3.71
C HIS B 256 -38.24 8.40 4.51
N GLU B 257 -39.18 9.36 4.40
CA GLU B 257 -40.54 9.07 4.83
C GLU B 257 -41.36 8.45 3.71
N GLY B 258 -40.77 8.30 2.52
CA GLY B 258 -41.49 7.76 1.39
C GLY B 258 -40.55 7.58 0.22
N PHE B 259 -41.10 7.79 -0.97
CA PHE B 259 -40.35 7.66 -2.22
C PHE B 259 -40.90 8.62 -3.24
N TYR B 260 -40.16 9.70 -3.50
CA TYR B 260 -40.50 10.65 -4.55
C TYR B 260 -39.92 10.16 -5.87
N PHE B 261 -40.78 10.01 -6.86
CA PHE B 261 -40.36 9.56 -8.19
C PHE B 261 -40.73 10.52 -9.31
N GLY B 262 -41.71 11.39 -9.10
CA GLY B 262 -42.10 12.33 -10.13
C GLY B 262 -43.60 12.50 -10.23
N GLU B 263 -44.33 11.71 -9.45
CA GLU B 263 -45.78 11.75 -9.28
C GLU B 263 -46.57 11.49 -10.56
N THR B 264 -45.93 10.87 -11.57
CA THR B 264 -46.59 10.51 -12.81
C THR B 264 -46.29 9.05 -13.12
N PRO B 265 -47.18 8.37 -13.85
CA PRO B 265 -46.88 6.98 -14.25
C PRO B 265 -45.70 6.85 -15.22
N LEU B 266 -45.38 7.92 -15.95
CA LEU B 266 -44.20 7.89 -16.81
C LEU B 266 -42.93 7.94 -15.99
N ALA B 267 -42.97 8.63 -14.85
CA ALA B 267 -41.77 8.74 -14.00
C ALA B 267 -41.61 7.51 -13.12
N LEU B 268 -42.70 6.82 -12.81
CA LEU B 268 -42.61 5.63 -11.97
C LEU B 268 -41.98 4.47 -12.73
N ALA B 269 -42.27 4.37 -14.03
CA ALA B 269 -41.66 3.33 -14.85
C ALA B 269 -40.22 3.69 -15.19
N ALA B 270 -39.89 4.98 -15.16
CA ALA B 270 -38.53 5.40 -15.49
C ALA B 270 -37.60 5.28 -14.28
N CYS B 271 -38.08 5.65 -13.10
CA CYS B 271 -37.25 5.64 -11.90
C CYS B 271 -37.09 4.25 -11.29
N THR B 272 -37.91 3.28 -11.69
CA THR B 272 -37.81 1.92 -11.17
C THR B 272 -37.24 0.96 -12.22
N ASN B 273 -36.60 1.49 -13.26
CA ASN B 273 -35.90 0.74 -14.31
C ASN B 273 -36.82 -0.24 -15.03
N GLN B 274 -37.81 0.32 -15.71
CA GLN B 274 -38.79 -0.45 -16.48
C GLN B 274 -38.85 0.11 -17.89
N PRO B 275 -37.88 -0.25 -18.74
CA PRO B 275 -37.80 0.41 -20.06
C PRO B 275 -38.85 -0.06 -21.05
N GLU B 276 -39.54 -1.16 -20.77
CA GLU B 276 -40.57 -1.65 -21.69
C GLU B 276 -41.86 -0.86 -21.52
N ILE B 277 -42.11 -0.34 -20.32
CA ILE B 277 -43.35 0.39 -20.06
C ILE B 277 -43.18 1.86 -20.41
N VAL B 278 -41.95 2.37 -20.33
CA VAL B 278 -41.66 3.75 -20.74
C VAL B 278 -41.88 3.91 -22.25
N GLN B 279 -41.47 2.89 -23.02
CA GLN B 279 -41.71 2.91 -24.46
C GLN B 279 -43.19 2.71 -24.78
N LEU B 280 -43.92 2.06 -23.86
CA LEU B 280 -45.35 1.86 -24.06
C LEU B 280 -46.12 3.14 -23.79
N LEU B 281 -45.68 3.92 -22.80
CA LEU B 281 -46.40 5.14 -22.44
C LEU B 281 -46.15 6.27 -23.43
N MET B 282 -44.93 6.37 -23.98
CA MET B 282 -44.62 7.46 -24.91
C MET B 282 -45.33 7.28 -26.25
N GLU B 283 -45.59 6.04 -26.66
CA GLU B 283 -46.37 5.81 -27.87
C GLU B 283 -47.85 6.13 -27.69
N HIS B 284 -48.37 6.01 -26.47
CA HIS B 284 -49.74 6.39 -26.18
C HIS B 284 -49.85 7.91 -26.17
N GLU B 285 -50.87 8.44 -26.86
CA GLU B 285 -50.90 9.86 -27.19
C GLU B 285 -51.81 10.70 -26.30
N GLN B 286 -52.32 10.15 -25.20
CA GLN B 286 -52.82 10.97 -24.11
C GLN B 286 -51.76 11.26 -23.07
N THR B 287 -50.54 10.76 -23.26
CA THR B 287 -49.46 10.96 -22.30
C THR B 287 -48.84 12.33 -22.54
N ASP B 288 -48.94 13.21 -21.54
CA ASP B 288 -48.33 14.53 -21.59
C ASP B 288 -46.96 14.43 -20.93
N ILE B 289 -45.92 14.43 -21.77
CA ILE B 289 -44.54 14.34 -21.30
C ILE B 289 -44.10 15.59 -20.57
N THR B 290 -44.64 16.75 -20.95
CA THR B 290 -44.27 18.03 -20.36
C THR B 290 -45.12 18.38 -19.14
N SER B 291 -45.66 17.39 -18.44
CA SER B 291 -46.45 17.63 -17.25
C SER B 291 -45.58 18.11 -16.10
N ARG B 292 -46.16 18.98 -15.27
CA ARG B 292 -45.46 19.56 -14.14
C ARG B 292 -46.27 19.28 -12.88
N ASP B 293 -45.62 18.68 -11.89
CA ASP B 293 -46.27 18.31 -10.63
C ASP B 293 -46.34 19.48 -9.67
N SER B 294 -46.67 19.19 -8.40
CA SER B 294 -46.76 20.21 -7.36
C SER B 294 -45.43 20.86 -7.03
N ARG B 295 -44.31 20.18 -7.30
CA ARG B 295 -42.98 20.76 -7.11
C ARG B 295 -42.45 21.45 -8.36
N GLY B 296 -43.24 21.52 -9.42
CA GLY B 296 -42.81 22.10 -10.68
C GLY B 296 -41.94 21.22 -11.53
N ASN B 297 -41.64 20.01 -11.08
CA ASN B 297 -40.74 19.11 -11.79
C ASN B 297 -41.46 18.44 -12.96
N ASN B 298 -40.67 18.09 -13.97
CA ASN B 298 -41.14 17.27 -15.09
C ASN B 298 -40.35 15.97 -15.12
N ILE B 299 -40.46 15.25 -16.23
CA ILE B 299 -39.86 13.93 -16.37
C ILE B 299 -38.33 13.98 -16.30
N LEU B 300 -37.74 15.11 -16.68
CA LEU B 300 -36.28 15.19 -16.66
C LEU B 300 -35.77 15.79 -15.35
N HIS B 301 -36.60 16.56 -14.63
CA HIS B 301 -36.21 17.00 -13.30
C HIS B 301 -36.21 15.84 -12.31
N ALA B 302 -37.13 14.89 -12.50
CA ALA B 302 -37.29 13.82 -11.51
C ALA B 302 -36.21 12.76 -11.65
N LEU B 303 -35.65 12.60 -12.85
CA LEU B 303 -34.56 11.64 -13.04
C LEU B 303 -33.26 12.15 -12.42
N VAL B 304 -33.09 13.47 -12.34
CA VAL B 304 -31.93 14.05 -11.68
C VAL B 304 -32.04 13.88 -10.17
N THR B 305 -33.26 13.93 -9.63
CA THR B 305 -33.46 13.86 -8.19
C THR B 305 -33.18 12.46 -7.65
N VAL B 306 -33.67 11.42 -8.33
CA VAL B 306 -33.48 10.05 -7.85
C VAL B 306 -32.14 9.45 -8.24
N ALA B 307 -31.31 10.18 -8.98
CA ALA B 307 -30.06 9.61 -9.48
C ALA B 307 -29.03 9.50 -8.37
N GLU B 308 -28.16 8.49 -8.48
CA GLU B 308 -27.08 8.28 -7.53
C GLU B 308 -25.84 7.88 -8.30
N ASP B 309 -24.84 7.37 -7.58
CA ASP B 309 -23.56 6.98 -8.18
C ASP B 309 -23.69 5.68 -8.96
N PHE B 310 -22.66 5.35 -9.74
CA PHE B 310 -22.62 4.07 -10.44
C PHE B 310 -22.44 2.90 -9.50
N LYS B 311 -21.71 3.10 -8.39
CA LYS B 311 -21.58 2.05 -7.38
C LYS B 311 -22.90 1.86 -6.65
N THR B 312 -23.67 2.93 -6.45
CA THR B 312 -24.92 2.85 -5.72
C THR B 312 -26.02 2.17 -6.52
N GLN B 313 -26.37 2.67 -7.72
CA GLN B 313 -27.47 2.07 -8.46
C GLN B 313 -27.06 1.30 -9.71
N ASN B 314 -26.71 2.02 -10.78
CA ASN B 314 -26.27 1.52 -12.08
C ASN B 314 -26.04 2.78 -12.92
N ASP B 315 -25.81 2.62 -14.21
CA ASP B 315 -25.95 3.77 -15.10
C ASP B 315 -27.30 3.81 -15.80
N PHE B 316 -28.38 3.35 -15.16
CA PHE B 316 -29.66 3.23 -15.87
C PHE B 316 -30.42 4.54 -15.90
N VAL B 317 -30.17 5.44 -14.94
CA VAL B 317 -30.85 6.73 -14.94
C VAL B 317 -30.26 7.65 -16.01
N LYS B 318 -29.05 7.35 -16.45
CA LYS B 318 -28.48 8.05 -17.61
C LYS B 318 -29.10 7.55 -18.90
N ARG B 319 -29.45 6.25 -18.94
CA ARG B 319 -30.07 5.69 -20.14
C ARG B 319 -31.55 6.08 -20.24
N MET B 320 -32.21 6.25 -19.10
CA MET B 320 -33.58 6.74 -19.11
C MET B 320 -33.65 8.21 -19.52
N TYR B 321 -32.58 8.96 -19.23
CA TYR B 321 -32.50 10.34 -19.67
C TYR B 321 -32.34 10.42 -21.18
N ASP B 322 -31.69 9.42 -21.76
CA ASP B 322 -31.43 9.40 -23.20
C ASP B 322 -32.70 9.05 -23.98
N MET B 323 -33.47 8.09 -23.47
CA MET B 323 -34.62 7.54 -24.18
C MET B 323 -35.77 8.55 -24.26
N ILE B 324 -35.96 9.32 -23.20
CA ILE B 324 -37.11 10.22 -23.13
C ILE B 324 -36.82 11.51 -23.88
N LEU B 325 -35.55 11.95 -23.87
CA LEU B 325 -35.18 13.19 -24.53
C LEU B 325 -35.21 13.06 -26.06
N LEU B 326 -34.84 11.88 -26.57
CA LEU B 326 -34.82 11.69 -28.02
C LEU B 326 -36.24 11.53 -28.58
N ARG B 327 -37.18 11.07 -27.77
CA ARG B 327 -38.54 10.88 -28.25
C ARG B 327 -39.26 12.22 -28.39
N SER B 328 -38.97 13.17 -27.49
CA SER B 328 -39.55 14.50 -27.57
C SER B 328 -38.98 15.27 -28.76
N GLY B 329 -37.65 15.35 -28.84
CA GLY B 329 -37.01 16.01 -29.96
C GLY B 329 -37.08 17.51 -29.97
N ASN B 330 -37.20 18.15 -28.80
CA ASN B 330 -37.33 19.58 -28.72
C ASN B 330 -36.48 20.10 -27.56
N TRP B 331 -36.32 21.42 -27.50
CA TRP B 331 -35.68 22.09 -26.38
C TRP B 331 -36.69 22.68 -25.40
N GLU B 332 -37.84 22.01 -25.22
CA GLU B 332 -38.85 22.46 -24.28
C GLU B 332 -38.66 21.88 -22.89
N LEU B 333 -38.18 20.64 -22.78
CA LEU B 333 -38.04 19.95 -21.51
C LEU B 333 -36.87 20.43 -20.69
N GLU B 334 -35.73 20.74 -21.32
CA GLU B 334 -34.56 21.21 -20.60
C GLU B 334 -34.55 22.72 -20.41
N THR B 335 -35.60 23.41 -20.85
CA THR B 335 -35.74 24.85 -20.67
C THR B 335 -36.73 25.21 -19.58
N THR B 336 -37.72 24.35 -19.34
CA THR B 336 -38.74 24.61 -18.34
C THR B 336 -38.15 24.57 -16.93
N ARG B 337 -38.46 25.59 -16.14
CA ARG B 337 -37.99 25.72 -14.77
C ARG B 337 -39.09 25.29 -13.81
N ASN B 338 -38.69 24.73 -12.68
CA ASN B 338 -39.64 24.30 -11.65
C ASN B 338 -40.08 25.46 -10.77
N ASN B 339 -40.75 25.16 -9.65
CA ASN B 339 -41.20 26.20 -8.74
C ASN B 339 -40.05 26.90 -8.02
N ASP B 340 -38.90 26.25 -7.89
CA ASP B 340 -37.70 26.88 -7.37
C ASP B 340 -37.00 27.74 -8.42
N GLY B 341 -37.16 27.42 -9.70
CA GLY B 341 -36.57 28.19 -10.76
C GLY B 341 -35.33 27.58 -11.39
N LEU B 342 -35.27 26.26 -11.52
CA LEU B 342 -34.09 25.59 -12.02
C LEU B 342 -34.46 24.64 -13.17
N THR B 343 -33.56 24.56 -14.14
CA THR B 343 -33.61 23.62 -15.26
C THR B 343 -33.11 22.25 -14.80
N PRO B 344 -33.31 21.18 -15.59
CA PRO B 344 -32.69 19.89 -15.23
C PRO B 344 -31.16 19.92 -15.29
N LEU B 345 -30.58 20.85 -16.06
CA LEU B 345 -29.14 21.03 -16.04
C LEU B 345 -28.68 21.67 -14.73
N GLN B 346 -29.55 22.51 -14.13
CA GLN B 346 -29.14 23.23 -12.92
C GLN B 346 -29.47 22.47 -11.65
N LEU B 347 -30.36 21.46 -11.72
CA LEU B 347 -30.54 20.59 -10.56
C LEU B 347 -29.36 19.65 -10.39
N ALA B 348 -28.70 19.29 -11.49
CA ALA B 348 -27.53 18.42 -11.38
C ALA B 348 -26.35 19.15 -10.77
N ALA B 349 -26.28 20.47 -10.96
CA ALA B 349 -25.24 21.26 -10.33
C ALA B 349 -25.61 21.60 -8.89
N LYS B 350 -26.90 21.79 -8.60
CA LYS B 350 -27.33 22.13 -7.25
C LYS B 350 -27.31 20.92 -6.32
N MET B 351 -27.80 19.77 -6.76
CA MET B 351 -27.86 18.59 -5.91
C MET B 351 -26.58 17.77 -5.91
N GLY B 352 -25.64 18.07 -6.81
CA GLY B 352 -24.37 17.37 -6.84
C GLY B 352 -24.40 16.04 -7.56
N LYS B 353 -25.25 15.90 -8.57
CA LYS B 353 -25.36 14.64 -9.31
C LYS B 353 -24.38 14.67 -10.47
N ALA B 354 -23.18 14.13 -10.21
CA ALA B 354 -22.05 14.34 -11.11
C ALA B 354 -22.16 13.50 -12.38
N GLU B 355 -22.75 12.31 -12.28
CA GLU B 355 -22.79 11.42 -13.43
C GLU B 355 -23.86 11.86 -14.43
N ILE B 356 -24.95 12.44 -13.94
CA ILE B 356 -25.96 13.03 -14.83
C ILE B 356 -25.43 14.34 -15.41
N LEU B 357 -24.68 15.10 -14.60
CA LEU B 357 -24.14 16.37 -15.08
C LEU B 357 -23.01 16.14 -16.09
N LYS B 358 -22.35 14.98 -16.01
CA LYS B 358 -21.34 14.64 -17.01
C LYS B 358 -21.99 14.29 -18.35
N TYR B 359 -23.16 13.66 -18.31
CA TYR B 359 -23.80 13.21 -19.53
C TYR B 359 -24.44 14.37 -20.30
N ILE B 360 -25.11 15.28 -19.60
CA ILE B 360 -25.81 16.38 -20.26
C ILE B 360 -24.80 17.36 -20.86
N LEU B 361 -23.73 17.62 -20.15
CA LEU B 361 -22.78 18.67 -20.52
C LEU B 361 -21.84 18.25 -21.64
N SER B 362 -21.79 16.96 -21.97
CA SER B 362 -20.96 16.42 -23.04
C SER B 362 -21.79 15.47 -23.91
N ARG B 363 -23.00 15.88 -24.25
CA ARG B 363 -23.93 15.06 -25.01
C ARG B 363 -23.70 15.28 -26.50
N GLU B 364 -23.32 14.22 -27.20
CA GLU B 364 -23.07 14.26 -28.63
C GLU B 364 -23.95 13.21 -29.29
N ILE B 365 -24.94 13.67 -30.07
CA ILE B 365 -25.89 12.79 -30.75
C ILE B 365 -25.42 12.65 -32.19
N LYS B 366 -25.16 11.41 -32.61
CA LYS B 366 -24.60 11.17 -33.94
C LYS B 366 -25.69 11.12 -35.00
N GLU B 367 -26.85 10.57 -34.65
CA GLU B 367 -27.91 10.32 -35.61
C GLU B 367 -28.59 11.63 -36.00
N LYS B 368 -28.82 11.81 -37.31
CA LYS B 368 -29.30 13.05 -37.88
C LYS B 368 -30.76 13.30 -37.50
N ARG B 369 -31.21 14.55 -37.73
CA ARG B 369 -32.52 15.14 -37.44
C ARG B 369 -32.73 15.36 -35.94
N LEU B 370 -31.81 14.86 -35.12
CA LEU B 370 -31.74 15.11 -33.69
C LEU B 370 -30.35 15.63 -33.33
N ARG B 371 -29.68 16.22 -34.32
CA ARG B 371 -28.35 16.79 -34.16
C ARG B 371 -28.36 18.07 -33.34
N SER B 372 -29.47 18.80 -33.34
CA SER B 372 -29.53 20.08 -32.63
C SER B 372 -29.79 19.90 -31.13
N LEU B 373 -29.96 18.66 -30.67
CA LEU B 373 -30.15 18.40 -29.26
C LEU B 373 -28.81 18.12 -28.57
N SER B 374 -27.73 18.26 -29.31
CA SER B 374 -26.39 18.00 -28.81
C SER B 374 -25.82 19.23 -28.12
N ARG B 375 -24.95 18.98 -27.15
CA ARG B 375 -24.14 20.03 -26.54
C ARG B 375 -22.66 19.82 -26.79
N LYS B 376 -22.29 18.79 -27.56
CA LYS B 376 -20.90 18.54 -27.95
C LYS B 376 -20.89 18.34 -29.45
N PHE B 377 -20.10 19.14 -30.16
CA PHE B 377 -20.01 19.09 -31.61
C PHE B 377 -18.56 18.92 -32.04
N THR B 378 -18.37 18.13 -33.10
CA THR B 378 -17.05 17.92 -33.68
C THR B 378 -16.91 18.83 -34.88
N ASP B 379 -15.90 19.70 -34.85
CA ASP B 379 -15.71 20.65 -35.95
C ASP B 379 -14.97 20.00 -37.11
N TRP B 380 -13.85 19.33 -36.82
CA TRP B 380 -13.09 18.63 -37.83
C TRP B 380 -12.34 17.47 -37.18
N ALA B 381 -11.87 16.56 -38.03
CA ALA B 381 -11.11 15.41 -37.56
C ALA B 381 -10.24 14.92 -38.72
N TYR B 382 -9.03 14.48 -38.36
CA TYR B 382 -8.10 13.95 -39.36
C TYR B 382 -7.27 12.87 -38.69
N GLY B 383 -7.69 11.61 -38.84
CA GLY B 383 -7.02 10.51 -38.20
C GLY B 383 -7.25 10.49 -36.70
N PRO B 384 -6.16 10.52 -35.92
CA PRO B 384 -6.30 10.55 -34.46
C PRO B 384 -6.59 11.93 -33.89
N VAL B 385 -6.36 13.00 -34.65
CA VAL B 385 -6.52 14.36 -34.15
C VAL B 385 -7.93 14.83 -34.49
N SER B 386 -8.64 15.31 -33.47
CA SER B 386 -10.00 15.79 -33.64
C SER B 386 -10.19 17.06 -32.82
N SER B 387 -11.16 17.88 -33.22
CA SER B 387 -11.47 19.13 -32.56
C SER B 387 -12.93 19.12 -32.13
N SER B 388 -13.17 19.44 -30.85
CA SER B 388 -14.52 19.41 -30.31
C SER B 388 -14.98 20.83 -29.94
N LEU B 389 -16.29 20.99 -29.81
CA LEU B 389 -16.91 22.26 -29.44
C LEU B 389 -17.93 22.00 -28.35
N TYR B 390 -17.73 22.63 -27.19
CA TYR B 390 -18.64 22.46 -26.07
C TYR B 390 -19.58 23.66 -25.96
N ASP B 391 -20.87 23.38 -25.80
CA ASP B 391 -21.87 24.43 -25.71
C ASP B 391 -21.77 25.12 -24.35
N LEU B 392 -21.89 26.45 -24.35
CA LEU B 392 -21.77 27.27 -23.15
C LEU B 392 -22.95 28.22 -23.02
N THR B 393 -24.17 27.70 -23.18
CA THR B 393 -25.36 28.54 -23.14
C THR B 393 -25.67 28.99 -21.71
N ASN B 394 -25.79 28.04 -20.79
CA ASN B 394 -26.09 28.32 -19.40
C ASN B 394 -24.99 27.82 -18.48
N VAL B 395 -23.74 27.83 -18.96
CA VAL B 395 -22.62 27.26 -18.21
C VAL B 395 -21.64 28.37 -17.83
N ASP B 396 -21.25 29.16 -18.82
CA ASP B 396 -20.34 30.29 -18.59
C ASP B 396 -21.05 31.37 -17.79
N THR B 397 -20.30 32.05 -16.93
CA THR B 397 -20.86 33.02 -16.01
C THR B 397 -21.24 34.33 -16.71
N THR B 398 -22.27 34.28 -17.55
CA THR B 398 -22.80 35.47 -18.20
C THR B 398 -24.28 35.71 -17.90
N THR B 399 -24.95 34.75 -17.27
CA THR B 399 -26.33 34.86 -16.87
C THR B 399 -26.42 34.89 -15.34
N ASP B 400 -27.65 34.86 -14.83
CA ASP B 400 -27.88 34.89 -13.38
C ASP B 400 -27.44 33.59 -12.73
N ASN B 401 -28.05 32.47 -13.13
CA ASN B 401 -27.64 31.18 -12.60
C ASN B 401 -26.99 30.36 -13.71
N SER B 402 -25.70 30.06 -13.53
CA SER B 402 -24.96 29.25 -14.47
C SER B 402 -24.42 28.02 -13.75
N VAL B 403 -24.01 27.01 -14.52
CA VAL B 403 -23.57 25.74 -13.96
C VAL B 403 -22.25 25.92 -13.23
N LEU B 404 -21.39 26.79 -13.76
CA LEU B 404 -20.09 27.04 -13.13
C LEU B 404 -20.25 27.83 -11.84
N GLU B 405 -21.28 28.67 -11.76
CA GLU B 405 -21.49 29.48 -10.55
C GLU B 405 -22.15 28.65 -9.46
N ILE B 406 -23.07 27.76 -9.84
CA ILE B 406 -23.77 26.93 -8.86
C ILE B 406 -22.83 25.89 -8.27
N THR B 407 -21.96 25.31 -9.10
CA THR B 407 -21.12 24.19 -8.65
C THR B 407 -20.05 24.65 -7.66
N VAL B 408 -19.46 25.82 -7.88
CA VAL B 408 -18.40 26.30 -6.99
C VAL B 408 -18.96 26.76 -5.65
N TYR B 409 -20.06 27.51 -5.66
CA TYR B 409 -20.63 28.08 -4.45
C TYR B 409 -21.62 27.15 -3.75
N ASN B 410 -21.52 25.84 -3.96
CA ASN B 410 -22.46 24.88 -3.37
C ASN B 410 -21.81 24.25 -2.14
N THR B 411 -22.10 24.80 -0.97
CA THR B 411 -21.58 24.26 0.28
C THR B 411 -22.48 23.19 0.89
N ASN B 412 -23.45 22.68 0.14
CA ASN B 412 -24.35 21.63 0.61
C ASN B 412 -24.00 20.26 0.05
N ILE B 413 -23.03 20.18 -0.87
CA ILE B 413 -22.61 18.91 -1.43
C ILE B 413 -21.14 18.68 -1.09
N ASP B 414 -20.72 17.43 -1.16
CA ASP B 414 -19.36 17.03 -0.80
C ASP B 414 -18.63 16.40 -1.99
N ASN B 415 -19.02 16.76 -3.21
CA ASN B 415 -18.36 16.25 -4.40
C ASN B 415 -18.12 17.34 -5.44
N ARG B 416 -17.66 18.52 -5.01
CA ARG B 416 -17.38 19.59 -5.97
C ARG B 416 -16.10 19.31 -6.76
N HIS B 417 -15.21 18.48 -6.22
CA HIS B 417 -13.98 18.16 -6.93
C HIS B 417 -14.26 17.22 -8.10
N GLU B 418 -15.31 16.40 -7.98
CA GLU B 418 -15.65 15.47 -9.05
C GLU B 418 -16.42 16.18 -10.17
N MET B 419 -17.00 17.34 -9.87
CA MET B 419 -17.86 18.01 -10.84
C MET B 419 -17.08 19.06 -11.62
N LEU B 420 -16.11 19.72 -10.98
CA LEU B 420 -15.30 20.71 -11.67
C LEU B 420 -14.15 20.09 -12.45
N THR B 421 -13.94 18.79 -12.33
CA THR B 421 -12.97 18.04 -13.13
C THR B 421 -13.45 17.86 -14.57
N LEU B 422 -14.75 17.97 -14.80
CA LEU B 422 -15.36 17.75 -16.11
C LEU B 422 -14.88 18.79 -17.12
N GLU B 423 -14.76 18.35 -18.38
CA GLU B 423 -13.95 18.97 -19.41
C GLU B 423 -14.27 20.43 -19.77
N PRO B 424 -15.53 20.89 -19.86
CA PRO B 424 -15.72 22.34 -20.00
C PRO B 424 -15.60 23.10 -18.68
N LEU B 425 -16.02 22.50 -17.57
CA LEU B 425 -15.91 23.19 -16.29
C LEU B 425 -14.46 23.28 -15.82
N HIS B 426 -13.62 22.35 -16.29
CA HIS B 426 -12.19 22.43 -16.02
C HIS B 426 -11.54 23.51 -16.87
N THR B 427 -11.94 23.61 -18.14
CA THR B 427 -11.23 24.46 -19.09
C THR B 427 -11.60 25.93 -18.90
N LEU B 428 -12.89 26.20 -18.66
CA LEU B 428 -13.34 27.58 -18.40
C LEU B 428 -12.76 28.11 -17.09
N LEU B 429 -12.57 27.23 -16.12
CA LEU B 429 -11.99 27.66 -14.84
C LEU B 429 -10.48 27.84 -14.98
N HIS B 430 -9.87 27.22 -15.99
CA HIS B 430 -8.44 27.35 -16.21
C HIS B 430 -8.11 28.52 -17.12
N MET B 431 -9.00 28.82 -18.07
CA MET B 431 -8.74 29.94 -18.98
C MET B 431 -8.98 31.28 -18.31
N LYS B 432 -9.85 31.32 -17.30
CA LYS B 432 -10.03 32.55 -16.54
C LYS B 432 -8.81 32.86 -15.68
N TRP B 433 -8.10 31.81 -15.26
CA TRP B 433 -6.89 32.00 -14.46
C TRP B 433 -5.76 32.56 -15.30
N LYS B 434 -5.62 32.08 -16.54
CA LYS B 434 -4.49 32.51 -17.38
C LYS B 434 -4.68 33.92 -17.91
N LYS B 435 -5.93 34.37 -18.05
CA LYS B 435 -6.16 35.69 -18.63
C LYS B 435 -6.08 36.82 -17.61
N PHE B 436 -6.86 36.75 -16.53
CA PHE B 436 -6.94 37.90 -15.63
C PHE B 436 -6.78 37.53 -14.16
N ALA B 437 -7.10 36.29 -13.79
CA ALA B 437 -7.21 35.96 -12.37
C ALA B 437 -5.83 35.75 -11.73
N LYS B 438 -4.83 35.36 -12.52
CA LYS B 438 -3.48 35.24 -11.98
C LYS B 438 -2.86 36.62 -11.81
N HIS B 439 -3.21 37.55 -12.71
CA HIS B 439 -2.67 38.90 -12.63
C HIS B 439 -3.32 39.69 -11.50
N MET B 440 -4.60 39.45 -11.25
CA MET B 440 -5.29 40.15 -10.16
C MET B 440 -4.87 39.58 -8.81
N PHE B 441 -4.48 38.31 -8.77
CA PHE B 441 -4.08 37.69 -7.50
C PHE B 441 -2.69 38.17 -7.10
N PHE B 442 -1.81 38.35 -8.08
CA PHE B 442 -0.47 38.86 -7.79
C PHE B 442 -0.52 40.35 -7.48
N LEU B 443 -1.45 41.07 -8.11
CA LEU B 443 -1.58 42.51 -7.84
C LEU B 443 -2.19 42.74 -6.45
N SER B 444 -3.06 41.84 -6.02
CA SER B 444 -3.62 41.92 -4.66
C SER B 444 -2.56 41.61 -3.62
N PHE B 445 -1.59 40.78 -3.98
CA PHE B 445 -0.50 40.45 -3.08
C PHE B 445 0.44 41.64 -2.89
N CYS B 446 0.63 42.43 -3.94
CA CYS B 446 1.62 43.51 -3.90
C CYS B 446 1.13 44.69 -3.07
N PHE B 447 -0.17 44.98 -3.13
CA PHE B 447 -0.71 46.08 -2.33
C PHE B 447 -0.86 45.69 -0.87
N TYR B 448 -0.90 44.39 -0.57
CA TYR B 448 -1.12 43.97 0.81
C TYR B 448 0.20 43.66 1.51
N PHE B 449 1.21 43.23 0.74
CA PHE B 449 2.55 43.05 1.30
C PHE B 449 3.20 44.39 1.59
N PHE B 450 2.86 45.42 0.81
CA PHE B 450 3.34 46.77 1.10
C PHE B 450 2.55 47.38 2.25
N TYR B 451 1.34 46.87 2.47
CA TYR B 451 0.49 47.36 3.55
C TYR B 451 0.99 46.91 4.92
N ASN B 452 1.54 45.69 4.99
CA ASN B 452 1.99 45.15 6.27
C ASN B 452 3.34 45.73 6.68
N ILE B 453 4.18 46.05 5.69
CA ILE B 453 5.48 46.64 5.99
C ILE B 453 5.33 48.07 6.48
N THR B 454 4.40 48.81 5.89
CA THR B 454 4.24 50.23 6.20
C THR B 454 3.64 50.42 7.59
N LEU B 455 2.84 49.45 8.05
CA LEU B 455 2.36 49.45 9.43
C LEU B 455 3.50 49.26 10.42
N THR B 456 4.52 48.49 10.03
CA THR B 456 5.65 48.25 10.92
C THR B 456 6.60 49.44 10.94
N LEU B 457 6.75 50.11 9.79
CA LEU B 457 7.71 51.20 9.69
C LEU B 457 7.22 52.47 10.39
N VAL B 458 5.91 52.61 10.53
CA VAL B 458 5.40 53.79 11.23
C VAL B 458 5.23 53.53 12.72
N SER B 459 5.45 52.30 13.17
CA SER B 459 5.20 51.95 14.56
C SER B 459 6.47 51.61 15.33
N TYR B 460 7.51 51.12 14.67
CA TYR B 460 8.72 50.68 15.35
C TYR B 460 9.98 51.31 14.80
N TYR B 461 9.90 52.04 13.68
CA TYR B 461 11.09 52.61 13.08
C TYR B 461 11.21 54.09 13.46
N ARG B 462 10.57 54.48 14.56
CA ARG B 462 10.74 55.86 15.01
C ARG B 462 11.38 55.91 16.39
N PRO B 463 12.68 56.20 16.46
CA PRO B 463 13.32 56.43 17.76
C PRO B 463 13.08 57.84 18.28
N ARG B 464 12.22 57.98 19.28
CA ARG B 464 12.02 59.24 19.99
C ARG B 464 12.24 58.99 21.48
N GLU B 465 12.77 60.01 22.17
CA GLU B 465 13.13 59.87 23.57
C GLU B 465 11.91 59.65 24.47
N GLU B 466 11.09 60.68 24.67
CA GLU B 466 9.71 60.45 25.09
C GLU B 466 8.72 61.13 24.15
N GLU B 467 8.79 62.46 24.12
CA GLU B 467 8.00 63.36 23.26
C GLU B 467 6.48 63.10 23.27
N ALA B 468 6.00 62.51 24.38
CA ALA B 468 4.59 62.19 24.62
C ALA B 468 3.97 61.38 23.49
N ILE B 469 4.36 60.11 23.36
CA ILE B 469 4.41 59.27 22.16
C ILE B 469 3.27 59.48 21.17
N PRO B 470 3.57 59.92 19.94
CA PRO B 470 2.51 60.11 18.94
C PRO B 470 2.03 58.77 18.39
N HIS B 471 0.73 58.66 18.24
CA HIS B 471 0.14 57.47 17.64
C HIS B 471 0.38 57.50 16.14
N PRO B 472 0.68 56.36 15.51
CA PRO B 472 0.88 56.34 14.05
C PRO B 472 -0.40 56.61 13.29
N LEU B 473 -0.24 56.81 11.98
CA LEU B 473 -1.27 57.24 11.03
C LEU B 473 -1.91 58.57 11.41
N ALA B 474 -1.17 59.44 12.11
CA ALA B 474 -1.65 60.77 12.46
C ALA B 474 -1.05 61.80 11.51
N LEU B 475 -1.88 62.33 10.61
CA LEU B 475 -1.39 63.21 9.55
C LEU B 475 -1.01 64.58 10.09
N THR B 476 0.28 64.88 10.09
CA THR B 476 0.82 66.18 10.46
C THR B 476 1.60 66.77 9.29
N HIS B 477 1.96 68.03 9.43
CA HIS B 477 2.79 68.72 8.44
C HIS B 477 4.27 68.52 8.77
N LYS B 478 5.12 69.34 8.12
CA LYS B 478 6.58 69.43 8.27
C LYS B 478 7.31 68.08 8.31
N MET B 479 6.78 67.08 7.61
CA MET B 479 7.20 65.70 7.79
C MET B 479 7.99 65.13 6.62
N GLY B 480 7.53 65.32 5.39
CA GLY B 480 8.23 64.80 4.23
C GLY B 480 7.29 63.97 3.38
N TRP B 481 7.60 63.88 2.09
CA TRP B 481 6.72 63.18 1.16
C TRP B 481 6.94 61.66 1.22
N LEU B 482 7.98 61.21 1.91
CA LEU B 482 8.19 59.78 2.13
C LEU B 482 7.15 59.23 3.10
N GLN B 483 6.95 59.94 4.21
CA GLN B 483 6.00 59.48 5.23
C GLN B 483 4.58 59.89 4.87
N LEU B 484 4.44 60.89 4.01
CA LEU B 484 3.12 61.36 3.60
C LEU B 484 2.45 60.35 2.67
N LEU B 485 3.22 59.80 1.73
CA LEU B 485 2.66 58.81 0.81
C LEU B 485 2.45 57.48 1.52
N GLY B 486 3.17 57.25 2.61
CA GLY B 486 3.02 56.03 3.38
C GLY B 486 1.75 55.97 4.19
N ARG B 487 1.47 57.03 4.97
CA ARG B 487 0.30 57.01 5.84
C ARG B 487 -0.98 57.22 5.06
N MET B 488 -0.90 57.88 3.90
CA MET B 488 -2.07 58.04 3.05
C MET B 488 -2.44 56.71 2.38
N PHE B 489 -1.44 55.86 2.15
CA PHE B 489 -1.73 54.56 1.55
C PHE B 489 -2.39 53.62 2.56
N VAL B 490 -1.99 53.73 3.82
CA VAL B 490 -2.53 52.82 4.85
C VAL B 490 -3.95 53.22 5.21
N LEU B 491 -4.22 54.53 5.24
CA LEU B 491 -5.54 55.03 5.62
C LEU B 491 -6.59 54.68 4.57
N ILE B 492 -6.23 54.76 3.29
CA ILE B 492 -7.20 54.47 2.22
C ILE B 492 -7.42 52.96 2.11
N TRP B 493 -6.33 52.18 2.17
CA TRP B 493 -6.43 50.74 1.93
C TRP B 493 -7.12 50.03 3.10
N ALA B 494 -7.10 50.64 4.29
CA ALA B 494 -7.84 50.08 5.40
C ALA B 494 -9.34 50.33 5.24
N MET B 495 -9.69 51.45 4.59
CA MET B 495 -11.10 51.74 4.36
C MET B 495 -11.63 51.02 3.13
N CYS B 496 -10.77 50.77 2.14
CA CYS B 496 -11.18 50.08 0.93
C CYS B 496 -11.49 48.61 1.22
N ILE B 497 -10.88 48.05 2.26
CA ILE B 497 -11.20 46.68 2.66
C ILE B 497 -12.46 46.68 3.52
N SER B 498 -12.56 47.65 4.44
CA SER B 498 -13.65 47.70 5.41
C SER B 498 -15.00 48.00 4.76
N VAL B 499 -14.99 48.79 3.68
CA VAL B 499 -16.22 49.08 2.94
C VAL B 499 -16.61 47.86 2.12
N LYS B 500 -15.64 47.27 1.41
CA LYS B 500 -15.89 46.14 0.53
C LYS B 500 -16.30 44.89 1.29
N GLU B 501 -15.63 44.62 2.42
CA GLU B 501 -16.06 43.52 3.28
C GLU B 501 -17.32 43.91 4.05
N GLY B 502 -17.57 45.20 4.19
CA GLY B 502 -18.83 45.65 4.77
C GLY B 502 -20.01 45.41 3.85
N ILE B 503 -19.74 45.27 2.55
CA ILE B 503 -20.76 44.89 1.58
C ILE B 503 -20.97 43.38 1.66
N ALA B 504 -19.88 42.64 1.81
CA ALA B 504 -19.91 41.18 1.73
C ALA B 504 -20.63 40.53 2.90
N ILE B 505 -20.18 40.79 4.14
CA ILE B 505 -20.72 40.13 5.32
C ILE B 505 -22.09 40.73 5.66
N PHE B 506 -22.31 41.99 5.30
CA PHE B 506 -23.46 42.73 5.82
C PHE B 506 -24.42 43.11 4.69
N LEU B 507 -25.36 44.02 5.02
CA LEU B 507 -26.69 44.25 4.43
C LEU B 507 -26.84 44.02 2.94
N LEU B 508 -25.89 44.49 2.13
CA LEU B 508 -25.97 44.28 0.69
C LEU B 508 -25.64 42.84 0.35
N ARG B 509 -26.66 41.96 0.35
CA ARG B 509 -26.57 40.51 0.21
C ARG B 509 -25.59 39.94 1.23
N PRO B 510 -26.02 39.80 2.51
CA PRO B 510 -25.09 39.37 3.59
C PRO B 510 -24.51 37.98 3.40
N SER B 511 -25.33 37.03 2.95
CA SER B 511 -24.94 35.67 2.58
C SER B 511 -24.26 34.87 3.70
N ASP B 512 -24.46 35.28 4.96
CA ASP B 512 -23.79 34.62 6.06
C ASP B 512 -24.67 33.60 6.77
N LEU B 513 -25.65 33.03 6.07
CA LEU B 513 -26.47 31.96 6.63
C LEU B 513 -25.62 30.72 6.85
N GLN B 514 -25.16 30.09 5.77
CA GLN B 514 -24.23 28.98 5.87
C GLN B 514 -23.18 29.04 4.77
N SER B 515 -23.21 30.11 3.96
CA SER B 515 -22.32 30.19 2.81
C SER B 515 -20.93 30.68 3.21
N ILE B 516 -20.86 31.83 3.87
CA ILE B 516 -19.57 32.38 4.30
C ILE B 516 -19.00 31.57 5.45
N LEU B 517 -19.88 31.06 6.33
CA LEU B 517 -19.45 30.36 7.53
C LEU B 517 -19.00 28.92 7.29
N SER B 518 -18.94 28.47 6.04
CA SER B 518 -18.51 27.11 5.74
C SER B 518 -17.17 27.02 5.02
N ASP B 519 -16.98 27.76 3.93
CA ASP B 519 -15.76 27.64 3.14
C ASP B 519 -15.15 29.02 2.85
N ALA B 520 -15.60 30.05 3.55
CA ALA B 520 -15.15 31.41 3.26
C ALA B 520 -14.82 32.18 4.53
N TRP B 521 -14.02 31.60 5.42
CA TRP B 521 -13.72 32.25 6.70
C TRP B 521 -12.74 33.41 6.58
N PHE B 522 -12.19 33.67 5.38
CA PHE B 522 -11.21 34.74 5.25
C PHE B 522 -11.87 36.10 5.16
N HIS B 523 -13.18 36.14 4.94
CA HIS B 523 -13.90 37.41 4.83
C HIS B 523 -13.96 38.15 6.17
N PHE B 524 -13.92 37.40 7.27
CA PHE B 524 -13.99 38.02 8.59
C PHE B 524 -12.63 38.59 9.00
N VAL B 525 -11.55 37.84 8.74
CA VAL B 525 -10.25 38.20 9.28
C VAL B 525 -9.63 39.36 8.50
N PHE B 526 -10.02 39.54 7.23
CA PHE B 526 -9.64 40.76 6.52
C PHE B 526 -10.48 41.94 6.99
N PHE B 527 -11.70 41.67 7.49
CA PHE B 527 -12.57 42.74 7.95
C PHE B 527 -12.17 43.21 9.34
N ILE B 528 -11.81 42.27 10.22
CA ILE B 528 -11.43 42.62 11.59
C ILE B 528 -10.13 43.40 11.61
N GLN B 529 -9.19 43.00 10.73
CA GLN B 529 -7.91 43.69 10.66
C GLN B 529 -8.06 45.09 10.08
N ALA B 530 -9.07 45.29 9.23
CA ALA B 530 -9.29 46.61 8.64
C ALA B 530 -9.98 47.55 9.62
N VAL B 531 -10.81 47.01 10.51
CA VAL B 531 -11.52 47.85 11.48
C VAL B 531 -10.56 48.34 12.57
N LEU B 532 -9.68 47.44 13.04
CA LEU B 532 -8.83 47.75 14.19
C LEU B 532 -7.76 48.78 13.84
N VAL B 533 -7.46 48.94 12.56
CA VAL B 533 -6.60 50.05 12.14
C VAL B 533 -7.37 51.36 12.22
N ILE B 534 -8.63 51.35 11.79
CA ILE B 534 -9.45 52.57 11.81
C ILE B 534 -9.91 52.86 13.23
N LEU B 535 -10.22 51.83 14.01
CA LEU B 535 -10.75 52.02 15.36
C LEU B 535 -9.68 52.55 16.30
N SER B 536 -8.42 52.20 16.07
CA SER B 536 -7.34 52.66 16.94
C SER B 536 -7.04 54.14 16.72
N VAL B 537 -7.36 54.65 15.53
CA VAL B 537 -7.24 56.09 15.28
C VAL B 537 -8.35 56.84 16.00
N PHE B 538 -9.54 56.22 16.06
CA PHE B 538 -10.69 56.85 16.71
C PHE B 538 -10.51 56.89 18.22
N LEU B 539 -9.81 55.91 18.79
CA LEU B 539 -9.61 55.90 20.23
C LEU B 539 -8.54 56.90 20.65
N TYR B 540 -7.63 57.25 19.73
CA TYR B 540 -6.58 58.21 20.07
C TYR B 540 -7.09 59.65 19.99
N LEU B 541 -8.01 59.91 19.05
CA LEU B 541 -8.58 61.25 18.93
C LEU B 541 -9.60 61.50 20.04
N PHE B 542 -10.13 60.44 20.64
CA PHE B 542 -11.07 60.56 21.74
C PHE B 542 -10.36 60.48 23.08
N ALA B 543 -9.02 60.54 23.04
CA ALA B 543 -8.12 60.54 24.20
C ALA B 543 -8.33 59.34 25.11
N TYR B 544 -8.23 58.14 24.57
CA TYR B 544 -8.37 56.93 25.36
C TYR B 544 -7.02 56.22 25.43
N LYS B 545 -6.89 55.30 26.37
CA LYS B 545 -5.65 54.58 26.61
C LYS B 545 -5.56 53.25 25.86
N GLU B 546 -6.42 53.03 24.87
CA GLU B 546 -6.42 51.79 24.10
C GLU B 546 -6.00 51.98 22.64
N TYR B 547 -5.29 53.06 22.33
CA TYR B 547 -4.86 53.30 20.96
C TYR B 547 -3.71 52.38 20.56
N LEU B 548 -2.85 52.05 21.52
CA LEU B 548 -1.70 51.19 21.22
C LEU B 548 -2.09 49.72 21.26
N ALA B 549 -3.07 49.37 22.09
CA ALA B 549 -3.47 47.98 22.25
C ALA B 549 -4.21 47.46 21.02
N CYS B 550 -4.99 48.34 20.38
CA CYS B 550 -5.73 47.93 19.18
C CYS B 550 -4.80 47.90 17.96
N LEU B 551 -3.69 48.64 18.03
CA LEU B 551 -2.77 48.70 16.89
C LEU B 551 -1.90 47.46 16.82
N VAL B 552 -1.57 46.88 17.98
CA VAL B 552 -0.72 45.68 18.01
C VAL B 552 -1.50 44.48 17.49
N LEU B 553 -2.77 44.36 17.86
CA LEU B 553 -3.60 43.28 17.35
C LEU B 553 -3.93 43.49 15.87
N ALA B 554 -3.86 44.73 15.40
CA ALA B 554 -4.04 45.01 13.97
C ALA B 554 -2.81 44.56 13.18
N MET B 555 -1.62 44.75 13.74
CA MET B 555 -0.41 44.37 13.04
C MET B 555 -0.14 42.88 13.15
N ALA B 556 -0.56 42.26 14.27
CA ALA B 556 -0.36 40.83 14.44
C ALA B 556 -1.30 40.03 13.56
N LEU B 557 -2.51 40.53 13.37
CA LEU B 557 -3.46 39.87 12.47
C LEU B 557 -3.14 40.20 11.02
N GLY B 558 -2.41 41.28 10.77
CA GLY B 558 -2.06 41.65 9.41
C GLY B 558 -1.03 40.72 8.80
N TRP B 559 -0.03 40.33 9.59
CA TRP B 559 0.95 39.35 9.11
C TRP B 559 0.37 37.94 9.16
N ALA B 560 -0.66 37.73 9.96
CA ALA B 560 -1.32 36.43 10.01
C ALA B 560 -2.16 36.19 8.77
N ASN B 561 -2.65 37.26 8.13
CA ASN B 561 -3.50 37.11 6.96
C ASN B 561 -2.70 36.95 5.67
N MET B 562 -1.39 36.80 5.76
CA MET B 562 -0.55 36.51 4.61
C MET B 562 -0.67 35.07 4.13
N LEU B 563 -1.34 34.21 4.90
CA LEU B 563 -1.58 32.83 4.52
C LEU B 563 -2.72 32.70 3.51
N TYR B 564 -3.47 33.77 3.25
CA TYR B 564 -4.45 33.75 2.18
C TYR B 564 -3.78 33.68 0.81
N TYR B 565 -2.62 34.29 0.66
CA TYR B 565 -1.94 34.35 -0.62
C TYR B 565 -1.06 33.14 -0.90
N THR B 566 -1.14 32.10 -0.08
CA THR B 566 -0.43 30.86 -0.33
C THR B 566 -1.09 30.01 -1.41
N ARG B 567 -2.32 30.34 -1.80
CA ARG B 567 -3.07 29.56 -2.77
C ARG B 567 -2.76 29.91 -4.21
N GLY B 568 -1.69 30.66 -4.46
CA GLY B 568 -1.27 30.94 -5.81
C GLY B 568 -0.44 29.82 -6.38
N PHE B 569 0.20 29.03 -5.51
CA PHE B 569 1.02 27.91 -5.89
C PHE B 569 0.41 26.63 -5.33
N GLN B 570 0.69 25.51 -5.99
CA GLN B 570 0.09 24.24 -5.57
C GLN B 570 0.77 23.68 -4.33
N SER B 571 2.11 23.66 -4.34
CA SER B 571 2.86 23.11 -3.22
C SER B 571 2.78 24.01 -1.99
N MET B 572 2.76 25.33 -2.23
CA MET B 572 2.55 26.27 -1.13
C MET B 572 1.10 26.21 -0.64
N GLY B 573 0.17 25.92 -1.55
CA GLY B 573 -1.24 25.91 -1.18
C GLY B 573 -1.63 24.66 -0.41
N MET B 574 -1.10 23.50 -0.83
CA MET B 574 -1.40 22.25 -0.15
C MET B 574 -0.77 22.20 1.24
N TYR B 575 0.34 22.90 1.43
CA TYR B 575 1.02 22.91 2.72
C TYR B 575 0.25 23.75 3.73
N SER B 576 -0.43 24.80 3.26
CA SER B 576 -1.15 25.68 4.18
C SER B 576 -2.49 25.08 4.58
N VAL B 577 -3.02 24.16 3.77
CA VAL B 577 -4.26 23.46 4.13
C VAL B 577 -3.98 22.47 5.27
N MET B 578 -2.81 21.84 5.24
CA MET B 578 -2.45 20.88 6.28
C MET B 578 -2.22 21.58 7.62
N ILE B 579 -1.79 22.85 7.58
CA ILE B 579 -1.63 23.63 8.81
C ILE B 579 -3.00 23.99 9.38
N GLN B 580 -3.94 24.31 8.49
CA GLN B 580 -5.29 24.66 8.94
C GLN B 580 -6.05 23.42 9.39
N LYS B 581 -5.63 22.24 8.93
CA LYS B 581 -6.31 21.01 9.32
C LYS B 581 -5.84 20.54 10.70
N VAL B 582 -4.56 20.74 11.00
CA VAL B 582 -4.04 20.34 12.31
C VAL B 582 -4.51 21.29 13.42
N ILE B 583 -4.48 22.60 13.17
CA ILE B 583 -4.84 23.57 14.20
C ILE B 583 -6.32 23.53 14.55
N LEU B 584 -7.20 23.53 13.54
CA LEU B 584 -8.64 23.61 13.77
C LEU B 584 -9.24 22.29 14.26
N HIS B 585 -8.55 21.17 14.03
CA HIS B 585 -9.15 19.86 14.32
C HIS B 585 -8.33 19.01 15.27
N ASP B 586 -7.00 19.06 15.19
CA ASP B 586 -6.16 18.02 15.77
C ASP B 586 -5.30 18.51 16.93
N VAL B 587 -5.26 19.81 17.19
CA VAL B 587 -4.50 20.34 18.31
C VAL B 587 -5.24 20.17 19.63
N LEU B 588 -6.57 20.27 19.65
CA LEU B 588 -7.33 20.10 20.89
C LEU B 588 -7.31 18.65 21.37
N LYS B 589 -7.00 17.70 20.48
CA LYS B 589 -6.72 16.34 20.92
C LYS B 589 -5.42 16.30 21.72
N PHE B 590 -4.42 17.05 21.27
CA PHE B 590 -3.13 17.07 21.95
C PHE B 590 -3.19 17.85 23.25
N LEU B 591 -3.92 18.97 23.27
CA LEU B 591 -3.89 19.86 24.43
C LEU B 591 -4.65 19.25 25.61
N PHE B 592 -5.80 18.64 25.35
CA PHE B 592 -6.66 18.17 26.44
C PHE B 592 -6.07 16.96 27.15
N VAL B 593 -5.15 16.26 26.50
CA VAL B 593 -4.42 15.18 27.16
C VAL B 593 -3.13 15.74 27.76
N TYR B 594 -2.70 16.91 27.31
CA TYR B 594 -1.48 17.51 27.85
C TYR B 594 -1.73 18.15 29.20
N ILE B 595 -2.91 18.77 29.38
CA ILE B 595 -3.22 19.45 30.64
C ILE B 595 -3.44 18.44 31.77
N VAL B 596 -4.02 17.28 31.45
CA VAL B 596 -4.23 16.28 32.50
C VAL B 596 -2.92 15.57 32.84
N PHE B 597 -1.92 15.70 31.97
CA PHE B 597 -0.57 15.28 32.33
C PHE B 597 0.21 16.44 32.94
N LEU B 598 -0.21 17.66 32.64
CA LEU B 598 0.36 18.85 33.29
C LEU B 598 -0.08 18.92 34.75
N LEU B 599 -1.39 18.83 34.98
CA LEU B 599 -1.92 18.97 36.34
C LEU B 599 -1.73 17.69 37.15
N GLY B 600 -1.47 16.58 36.47
CA GLY B 600 -1.15 15.33 37.15
C GLY B 600 0.20 15.42 37.84
N PHE B 601 1.18 15.99 37.15
CA PHE B 601 2.46 16.27 37.79
C PHE B 601 2.47 17.63 38.46
N GLY B 602 1.43 18.44 38.24
CA GLY B 602 1.39 19.77 38.82
C GLY B 602 1.07 19.74 40.30
N VAL B 603 0.14 18.89 40.71
CA VAL B 603 -0.20 18.77 42.13
C VAL B 603 0.80 17.88 42.84
N ALA B 604 1.58 17.11 42.06
CA ALA B 604 2.58 16.24 42.67
C ALA B 604 3.86 17.02 42.99
N LEU B 605 4.33 17.83 42.04
CA LEU B 605 5.57 18.57 42.24
C LEU B 605 5.39 19.77 43.16
N ALA B 606 4.16 20.24 43.38
CA ALA B 606 3.93 21.42 44.20
C ALA B 606 4.14 21.13 45.69
N SER B 607 4.00 19.86 46.08
CA SER B 607 4.26 19.49 47.47
C SER B 607 5.74 19.26 47.71
N LEU B 608 6.53 19.14 46.64
CA LEU B 608 7.97 18.92 46.79
C LEU B 608 8.74 20.24 46.86
N ILE B 609 8.18 21.30 46.26
CA ILE B 609 8.86 22.59 46.19
C ILE B 609 8.84 23.28 47.54
N GLU B 610 10.02 23.62 48.06
CA GLU B 610 10.11 24.40 49.28
C GLU B 610 9.65 25.83 49.01
N LYS B 611 8.96 26.42 49.98
CA LYS B 611 8.30 27.71 49.82
C LYS B 611 9.30 28.85 49.63
N CYS B 612 9.00 29.72 48.67
CA CYS B 612 9.73 30.95 48.33
C CYS B 612 10.04 31.93 49.48
N PRO B 613 9.17 32.16 50.53
CA PRO B 613 9.54 33.18 51.54
C PRO B 613 10.68 32.86 52.50
N LYS B 614 11.55 31.90 52.18
CA LYS B 614 12.79 31.66 52.93
C LYS B 614 13.63 32.92 53.17
N ASP B 615 13.70 33.80 52.17
CA ASP B 615 14.46 35.05 52.31
C ASP B 615 13.68 36.32 52.02
N ASN B 616 12.71 36.29 51.09
CA ASN B 616 11.86 37.42 50.70
C ASN B 616 12.63 38.64 50.20
N LYS B 617 13.81 38.43 49.61
CA LYS B 617 14.55 39.57 49.06
C LYS B 617 14.35 39.65 47.54
N ASP B 618 14.22 38.50 46.88
CA ASP B 618 13.89 38.41 45.47
C ASP B 618 12.73 37.45 45.23
N CYS B 619 11.77 37.42 46.15
CA CYS B 619 10.66 36.48 46.11
C CYS B 619 9.43 37.13 45.51
N SER B 620 9.11 36.77 44.28
CA SER B 620 7.92 37.27 43.61
C SER B 620 7.16 36.11 42.98
N SER B 621 7.05 35.01 43.72
CA SER B 621 6.36 33.82 43.23
C SER B 621 4.84 34.03 43.31
N TYR B 622 4.11 33.10 42.70
CA TYR B 622 2.65 33.18 42.65
C TYR B 622 1.98 32.01 43.37
N GLY B 623 2.69 31.31 44.24
CA GLY B 623 2.11 30.19 44.98
C GLY B 623 2.87 28.90 44.80
N SER B 624 2.55 27.90 45.63
CA SER B 624 3.23 26.61 45.54
C SER B 624 2.79 25.85 44.30
N PHE B 625 1.50 25.93 43.96
CA PHE B 625 0.99 25.26 42.76
C PHE B 625 1.45 26.00 41.50
N SER B 626 1.58 27.32 41.58
CA SER B 626 1.94 28.10 40.40
C SER B 626 3.41 27.91 40.05
N ASP B 627 4.25 27.59 41.03
CA ASP B 627 5.66 27.35 40.76
C ASP B 627 5.86 26.00 40.05
N ALA B 628 5.00 25.04 40.35
CA ALA B 628 5.19 23.70 39.79
C ALA B 628 4.70 23.61 38.36
N VAL B 629 3.69 24.40 38.00
CA VAL B 629 3.11 24.30 36.67
C VAL B 629 3.92 25.10 35.66
N LEU B 630 4.43 26.26 36.08
CA LEU B 630 5.17 27.13 35.17
C LEU B 630 6.54 26.53 34.81
N GLU B 631 7.08 25.69 35.68
CA GLU B 631 8.35 25.04 35.37
C GLU B 631 8.15 23.89 34.38
N LEU B 632 6.93 23.36 34.31
CA LEU B 632 6.66 22.29 33.36
C LEU B 632 6.38 22.85 31.97
N PHE B 633 5.99 24.13 31.88
CA PHE B 633 5.94 24.79 30.59
C PHE B 633 7.35 25.05 30.06
N LYS B 634 8.24 25.52 30.94
CA LYS B 634 9.58 25.90 30.53
C LYS B 634 10.42 24.67 30.18
N LEU B 635 10.17 23.55 30.87
CA LEU B 635 10.93 22.34 30.60
C LEU B 635 10.46 21.67 29.32
N THR B 636 9.21 21.94 28.90
CA THR B 636 8.73 21.41 27.64
C THR B 636 9.24 22.22 26.45
N ILE B 637 9.19 23.55 26.54
CA ILE B 637 9.63 24.40 25.44
C ILE B 637 11.15 24.55 25.39
N GLY B 638 11.88 24.05 26.38
CA GLY B 638 13.32 24.08 26.38
C GLY B 638 13.96 25.24 27.11
N LEU B 639 13.25 25.87 28.05
CA LEU B 639 13.77 26.99 28.81
C LEU B 639 13.80 26.69 30.31
N GLY B 640 14.04 25.43 30.66
CA GLY B 640 14.01 25.02 32.05
C GLY B 640 15.36 25.18 32.74
N ASP B 641 15.31 25.34 34.06
CA ASP B 641 16.49 25.48 34.89
C ASP B 641 16.49 24.42 35.98
N LEU B 642 17.44 24.55 36.91
CA LEU B 642 17.62 23.57 37.98
C LEU B 642 17.74 24.26 39.34
N ASN B 643 17.23 25.49 39.46
CA ASN B 643 17.35 26.22 40.71
C ASN B 643 16.37 25.72 41.76
N ILE B 644 15.24 25.19 41.34
CA ILE B 644 14.23 24.71 42.28
C ILE B 644 14.50 23.27 42.69
N GLN B 645 15.06 22.48 41.77
CA GLN B 645 15.42 21.08 42.01
C GLN B 645 16.52 20.97 43.06
N GLN B 646 17.41 21.97 43.10
CA GLN B 646 18.43 21.98 44.14
C GLN B 646 17.84 22.40 45.48
N ASN B 647 17.05 23.47 45.49
CA ASN B 647 16.43 23.97 46.72
C ASN B 647 15.02 23.39 46.88
N SER B 648 14.98 22.06 47.03
CA SER B 648 13.73 21.33 47.19
C SER B 648 13.79 20.51 48.48
N LYS B 649 12.71 19.79 48.75
CA LYS B 649 12.65 18.89 49.89
C LYS B 649 13.36 17.57 49.59
N TYR B 650 12.90 16.87 48.55
CA TYR B 650 13.52 15.64 48.08
C TYR B 650 14.08 15.91 46.69
N PRO B 651 15.38 16.21 46.57
CA PRO B 651 15.92 16.62 45.25
C PRO B 651 15.98 15.49 44.22
N ILE B 652 16.22 14.26 44.65
CA ILE B 652 16.27 13.15 43.70
C ILE B 652 14.86 12.75 43.27
N LEU B 653 13.90 12.82 44.21
CA LEU B 653 12.52 12.48 43.87
C LEU B 653 11.87 13.58 43.03
N PHE B 654 12.38 14.80 43.14
CA PHE B 654 11.88 15.90 42.31
C PHE B 654 12.35 15.73 40.87
N LEU B 655 13.49 15.07 40.68
CA LEU B 655 14.06 14.95 39.35
C LEU B 655 13.41 13.80 38.58
N PHE B 656 13.03 12.73 39.28
CA PHE B 656 12.48 11.55 38.61
C PHE B 656 11.09 11.80 38.05
N LEU B 657 10.34 12.73 38.65
CA LEU B 657 9.05 13.11 38.07
C LEU B 657 9.24 14.01 36.87
N LEU B 658 10.39 14.69 36.79
CA LEU B 658 10.69 15.50 35.61
C LEU B 658 11.15 14.63 34.46
N ILE B 659 11.87 13.53 34.76
CA ILE B 659 12.28 12.58 33.76
C ILE B 659 11.07 11.82 33.21
N THR B 660 10.13 11.49 34.10
CA THR B 660 8.90 10.81 33.70
C THR B 660 8.02 11.74 32.87
N TYR B 661 8.07 13.04 33.15
CA TYR B 661 7.28 14.02 32.42
C TYR B 661 7.76 14.17 30.99
N VAL B 662 9.06 14.00 30.76
CA VAL B 662 9.60 14.08 29.41
C VAL B 662 9.20 12.85 28.60
N ILE B 663 9.18 11.68 29.24
CA ILE B 663 8.83 10.44 28.56
C ILE B 663 7.35 10.46 28.16
N LEU B 664 6.48 10.92 29.07
CA LEU B 664 5.07 11.06 28.74
C LEU B 664 4.82 12.13 27.69
N THR B 665 5.63 13.20 27.69
CA THR B 665 5.49 14.22 26.66
C THR B 665 5.91 13.70 25.30
N PHE B 666 6.94 12.86 25.27
CA PHE B 666 7.41 12.31 24.00
C PHE B 666 6.42 11.30 23.44
N VAL B 667 5.70 10.59 24.31
CA VAL B 667 4.65 9.68 23.85
C VAL B 667 3.50 10.46 23.24
N LEU B 668 3.19 11.63 23.82
CA LEU B 668 2.16 12.51 23.27
C LEU B 668 2.55 13.05 21.91
N LEU B 669 3.83 13.38 21.74
CA LEU B 669 4.29 13.93 20.46
C LEU B 669 4.43 12.84 19.40
N LEU B 670 4.62 11.59 19.83
CA LEU B 670 4.88 10.52 18.88
C LEU B 670 3.57 9.91 18.38
N ASN B 671 2.49 10.02 19.15
CA ASN B 671 1.20 9.52 18.69
C ASN B 671 0.44 10.59 17.91
N MET B 672 0.92 11.83 17.92
CA MET B 672 0.35 12.85 17.05
C MET B 672 0.73 12.60 15.60
N LEU B 673 1.91 12.02 15.37
CA LEU B 673 2.34 11.72 14.01
C LEU B 673 1.60 10.52 13.45
N ILE B 674 1.31 9.53 14.30
CA ILE B 674 0.54 8.37 13.86
C ILE B 674 -0.92 8.76 13.62
N ALA B 675 -1.43 9.72 14.39
CA ALA B 675 -2.81 10.16 14.20
C ALA B 675 -2.95 11.00 12.94
N LEU B 676 -1.90 11.70 12.52
CA LEU B 676 -1.96 12.45 11.27
C LEU B 676 -1.68 11.56 10.06
N MET B 677 -1.23 10.34 10.31
CA MET B 677 -1.13 9.32 9.28
C MET B 677 -2.30 8.34 9.32
N GLY B 678 -3.51 8.83 9.58
CA GLY B 678 -4.64 7.96 9.82
C GLY B 678 -5.05 7.15 8.61
N GLU B 679 -4.69 5.87 8.68
CA GLU B 679 -5.11 4.75 7.83
C GLU B 679 -4.55 4.77 6.41
N THR B 680 -3.94 5.88 5.98
CA THR B 680 -3.27 6.05 4.70
C THR B 680 -2.53 7.37 4.75
N VAL B 681 -1.27 7.39 4.31
CA VAL B 681 -0.53 8.65 4.22
C VAL B 681 -0.87 9.41 2.94
N GLU B 682 -1.57 8.76 2.01
CA GLU B 682 -1.93 9.40 0.74
C GLU B 682 -3.23 10.17 0.86
N ASN B 683 -4.19 9.66 1.64
CA ASN B 683 -5.51 10.29 1.74
C ASN B 683 -5.44 11.61 2.51
N VAL B 684 -4.39 11.79 3.32
CA VAL B 684 -4.14 13.10 3.93
C VAL B 684 -3.69 14.08 2.86
N SER B 685 -2.87 13.60 1.91
CA SER B 685 -2.42 14.45 0.82
C SER B 685 -3.51 14.63 -0.23
N LYS B 686 -4.49 13.73 -0.26
CA LYS B 686 -5.60 13.89 -1.19
C LYS B 686 -6.58 14.96 -0.72
N GLU B 687 -6.88 14.97 0.58
CA GLU B 687 -7.90 15.89 1.08
C GLU B 687 -7.37 17.32 1.15
N SER B 688 -6.05 17.47 1.17
CA SER B 688 -5.46 18.81 1.13
C SER B 688 -5.29 19.29 -0.29
N GLU B 689 -5.43 18.38 -1.26
CA GLU B 689 -5.28 18.76 -2.66
C GLU B 689 -6.64 19.06 -3.28
N ARG B 690 -7.68 18.39 -2.81
CA ARG B 690 -9.02 18.61 -3.34
C ARG B 690 -9.60 19.92 -2.86
N ILE B 691 -9.42 20.23 -1.58
CA ILE B 691 -10.06 21.42 -1.02
C ILE B 691 -9.21 22.66 -1.28
N TRP B 692 -7.96 22.47 -1.72
CA TRP B 692 -7.16 23.59 -2.20
C TRP B 692 -7.69 24.12 -3.52
N ARG B 693 -8.12 23.21 -4.41
CA ARG B 693 -8.57 23.63 -5.73
C ARG B 693 -9.93 24.32 -5.66
N LEU B 694 -10.69 24.07 -4.61
CA LEU B 694 -11.93 24.80 -4.40
C LEU B 694 -11.67 26.20 -3.85
N GLN B 695 -10.51 26.39 -3.21
CA GLN B 695 -10.14 27.73 -2.73
C GLN B 695 -9.70 28.61 -3.88
N ARG B 696 -9.08 28.02 -4.91
CA ARG B 696 -8.75 28.79 -6.10
C ARG B 696 -10.00 29.05 -6.94
N ALA B 697 -10.90 28.05 -7.03
CA ALA B 697 -12.09 28.18 -7.86
C ALA B 697 -13.05 29.23 -7.31
N ARG B 698 -13.06 29.40 -5.98
CA ARG B 698 -13.81 30.51 -5.40
C ARG B 698 -13.11 31.83 -5.66
N THR B 699 -11.77 31.82 -5.68
CA THR B 699 -11.00 33.05 -5.82
C THR B 699 -11.10 33.60 -7.25
N ILE B 700 -11.26 32.70 -8.23
CA ILE B 700 -11.36 33.12 -9.63
C ILE B 700 -12.70 33.81 -9.88
N LEU B 701 -13.78 33.25 -9.34
CA LEU B 701 -15.11 33.80 -9.61
C LEU B 701 -15.38 35.07 -8.80
N GLU B 702 -14.65 35.27 -7.70
CA GLU B 702 -14.79 36.51 -6.95
C GLU B 702 -14.01 37.64 -7.61
N PHE B 703 -12.94 37.30 -8.35
CA PHE B 703 -12.21 38.32 -9.09
C PHE B 703 -12.97 38.76 -10.34
N GLU B 704 -13.85 37.89 -10.85
CA GLU B 704 -14.61 38.23 -12.04
C GLU B 704 -15.72 39.22 -11.71
N LYS B 705 -16.23 39.17 -10.48
CA LYS B 705 -17.27 40.12 -10.07
C LYS B 705 -16.68 41.50 -9.80
N MET B 706 -15.37 41.57 -9.57
CA MET B 706 -14.72 42.85 -9.31
C MET B 706 -14.58 43.68 -10.57
N LEU B 707 -14.55 43.01 -11.73
CA LEU B 707 -14.31 43.64 -13.03
C LEU B 707 -15.52 44.47 -13.44
N PRO B 708 -15.33 45.56 -14.16
CA PRO B 708 -16.47 46.34 -14.67
C PRO B 708 -17.14 45.64 -15.85
N GLU B 709 -18.18 46.30 -16.35
CA GLU B 709 -19.01 45.71 -17.41
C GLU B 709 -18.26 45.68 -18.74
N TRP B 710 -17.47 46.70 -19.03
CA TRP B 710 -16.78 46.77 -20.31
C TRP B 710 -15.58 45.85 -20.35
N LEU B 711 -15.08 45.42 -19.20
CA LEU B 711 -13.88 44.61 -19.16
C LEU B 711 -14.20 43.12 -19.10
N ARG B 712 -15.40 42.77 -18.62
CA ARG B 712 -15.82 41.37 -18.64
C ARG B 712 -16.12 40.92 -20.06
N SER B 713 -16.53 41.84 -20.93
CA SER B 713 -16.82 41.49 -22.31
C SER B 713 -15.53 41.26 -23.11
N ARG B 714 -14.43 41.86 -22.65
CA ARG B 714 -13.16 41.64 -23.33
C ARG B 714 -12.58 40.26 -23.03
N PHE B 715 -12.67 39.81 -21.79
CA PHE B 715 -12.17 38.51 -21.39
C PHE B 715 -13.22 37.40 -21.48
N ARG B 716 -14.22 37.55 -22.35
CA ARG B 716 -15.25 36.53 -22.47
C ARG B 716 -14.78 35.41 -23.40
N MET B 717 -15.04 34.17 -22.98
CA MET B 717 -14.67 33.00 -23.75
C MET B 717 -15.82 32.58 -24.66
N GLY B 718 -15.48 31.86 -25.71
CA GLY B 718 -16.45 31.35 -26.66
C GLY B 718 -16.33 32.03 -28.01
N GLU B 719 -17.01 31.43 -28.98
CA GLU B 719 -17.03 31.96 -30.34
C GLU B 719 -18.30 31.48 -31.02
N LEU B 720 -18.81 32.26 -31.97
CA LEU B 720 -20.03 31.87 -32.67
C LEU B 720 -19.74 30.73 -33.64
N CYS B 721 -20.46 29.62 -33.45
CA CYS B 721 -20.26 28.44 -34.29
C CYS B 721 -21.62 28.02 -34.83
N LYS B 722 -21.75 27.97 -36.15
CA LYS B 722 -22.98 27.50 -36.77
C LYS B 722 -23.07 25.99 -36.65
N VAL B 723 -23.76 25.52 -35.61
CA VAL B 723 -23.88 24.07 -35.37
C VAL B 723 -25.04 23.46 -36.12
N ALA B 724 -26.02 24.25 -36.56
CA ALA B 724 -27.17 23.75 -37.31
C ALA B 724 -27.75 24.89 -38.15
N GLU B 725 -28.92 24.65 -38.74
CA GLU B 725 -29.60 25.70 -39.49
C GLU B 725 -30.19 26.72 -38.54
N ASP B 726 -29.71 27.97 -38.63
CA ASP B 726 -30.08 29.09 -37.75
C ASP B 726 -29.87 28.77 -36.27
N ASP B 727 -28.69 28.23 -35.94
CA ASP B 727 -28.36 27.87 -34.56
C ASP B 727 -26.91 28.29 -34.32
N PHE B 728 -26.73 29.47 -33.72
CA PHE B 728 -25.42 30.00 -33.41
C PHE B 728 -25.23 29.96 -31.89
N ARG B 729 -24.20 29.25 -31.44
CA ARG B 729 -23.95 29.04 -30.03
C ARG B 729 -22.52 29.47 -29.70
N LEU B 730 -22.34 30.05 -28.52
CA LEU B 730 -21.01 30.40 -28.04
C LEU B 730 -20.31 29.14 -27.58
N CYS B 731 -19.54 28.53 -28.47
CA CYS B 731 -18.86 27.27 -28.21
C CYS B 731 -17.39 27.52 -27.92
N LEU B 732 -16.78 26.61 -27.16
CA LEU B 732 -15.37 26.69 -26.80
C LEU B 732 -14.67 25.45 -27.33
N ARG B 733 -13.51 25.66 -27.96
CA ARG B 733 -12.82 24.60 -28.66
C ARG B 733 -11.82 23.89 -27.75
N ILE B 734 -11.86 22.56 -27.76
CA ILE B 734 -10.91 21.73 -27.04
C ILE B 734 -10.44 20.62 -27.98
N ASN B 735 -9.14 20.54 -28.23
CA ASN B 735 -8.59 19.55 -29.13
C ASN B 735 -8.29 18.26 -28.38
N GLU B 736 -8.23 17.16 -29.13
CA GLU B 736 -8.04 15.84 -28.55
C GLU B 736 -7.36 14.93 -29.56
N VAL B 737 -6.38 14.17 -29.10
CA VAL B 737 -5.65 13.20 -29.91
C VAL B 737 -5.92 11.82 -29.32
N LYS B 738 -6.67 10.99 -30.05
CA LYS B 738 -7.07 9.68 -29.58
C LYS B 738 -6.57 8.62 -30.56
N TRP B 739 -5.75 7.70 -30.06
CA TRP B 739 -5.11 6.68 -30.88
C TRP B 739 -5.79 5.32 -30.83
N THR B 740 -6.58 5.05 -29.79
CA THR B 740 -7.12 3.72 -29.55
C THR B 740 -8.24 3.33 -30.51
N GLU B 741 -9.30 4.13 -30.60
CA GLU B 741 -10.44 3.81 -31.44
C GLU B 741 -10.24 4.45 -32.81
N TRP B 742 -10.40 3.64 -33.86
CA TRP B 742 -10.24 4.10 -35.24
C TRP B 742 -11.57 3.98 -35.96
N LYS B 743 -12.17 5.12 -36.28
CA LYS B 743 -13.43 5.15 -36.99
C LYS B 743 -13.34 6.15 -38.14
N THR B 744 -14.16 5.93 -39.17
CA THR B 744 -14.31 6.91 -40.24
C THR B 744 -15.17 8.06 -39.71
N HIS B 745 -14.90 9.26 -40.19
CA HIS B 745 -15.56 10.44 -39.63
C HIS B 745 -16.67 10.92 -40.56
N VAL B 746 -17.91 10.83 -40.09
CA VAL B 746 -19.06 11.34 -40.83
C VAL B 746 -19.78 12.47 -40.11
N SER B 747 -19.57 12.67 -38.81
CA SER B 747 -20.20 13.74 -38.06
C SER B 747 -19.19 14.86 -37.88
N PHE B 748 -19.34 15.94 -38.65
CA PHE B 748 -18.40 17.04 -38.60
C PHE B 748 -19.09 18.30 -39.11
N LEU B 749 -18.56 19.45 -38.70
CA LEU B 749 -19.07 20.75 -39.13
C LEU B 749 -18.31 21.31 -40.32
N ASN B 750 -16.99 21.15 -40.35
CA ASN B 750 -16.15 21.60 -41.45
C ASN B 750 -15.45 20.40 -42.07
N GLU B 751 -15.50 20.29 -43.40
CA GLU B 751 -14.83 19.20 -44.08
C GLU B 751 -13.33 19.46 -44.26
N ASP B 752 -12.90 20.71 -44.07
CA ASP B 752 -11.51 21.07 -44.17
C ASP B 752 -10.88 21.10 -42.78
N PRO B 753 -9.98 20.17 -42.47
CA PRO B 753 -9.37 20.15 -41.14
C PRO B 753 -8.31 21.23 -41.01
N GLY B 754 -8.30 21.89 -39.85
CA GLY B 754 -7.30 22.88 -39.55
C GLY B 754 -7.89 24.15 -38.96
N PRO B 755 -7.14 24.79 -38.05
CA PRO B 755 -7.60 26.07 -37.48
C PRO B 755 -7.54 27.21 -38.48
N VAL B 756 -8.50 27.26 -39.39
CA VAL B 756 -8.55 28.33 -40.39
C VAL B 756 -9.78 29.20 -40.16
N ARG C 117 -20.96 29.47 -62.60
CA ARG C 117 -22.39 29.75 -62.52
C ARG C 117 -23.16 28.59 -61.89
N ARG C 118 -24.46 28.48 -62.22
CA ARG C 118 -25.34 27.48 -61.65
C ARG C 118 -24.95 26.04 -62.00
N LEU C 119 -24.24 25.86 -63.13
CA LEU C 119 -23.85 24.51 -63.55
C LEU C 119 -22.74 23.95 -62.66
N LYS C 120 -21.87 24.83 -62.16
CA LYS C 120 -20.74 24.37 -61.36
C LYS C 120 -21.17 23.98 -59.95
N LYS C 121 -22.10 24.73 -59.37
CA LYS C 121 -22.47 24.51 -57.97
C LYS C 121 -23.33 23.26 -57.80
N ARG C 122 -24.06 22.87 -58.85
CA ARG C 122 -24.92 21.70 -58.76
C ARG C 122 -24.12 20.41 -58.83
N ILE C 123 -22.98 20.44 -59.52
CA ILE C 123 -22.13 19.25 -59.62
C ILE C 123 -21.38 19.04 -58.30
N PHE C 124 -20.96 20.15 -57.67
CA PHE C 124 -20.29 20.06 -56.37
C PHE C 124 -21.25 19.59 -55.28
N ALA C 125 -22.54 19.90 -55.42
CA ALA C 125 -23.51 19.54 -54.40
C ALA C 125 -24.00 18.11 -54.58
N ALA C 126 -24.01 17.63 -55.82
CA ALA C 126 -24.56 16.29 -56.09
C ALA C 126 -23.64 15.19 -55.59
N VAL C 127 -22.35 15.48 -55.46
CA VAL C 127 -21.41 14.49 -54.96
C VAL C 127 -21.28 14.58 -53.44
N SER C 128 -22.05 15.47 -52.81
CA SER C 128 -21.94 15.64 -51.36
C SER C 128 -22.90 14.74 -50.61
N GLU C 129 -24.21 14.89 -50.84
CA GLU C 129 -25.19 14.09 -50.12
C GLU C 129 -25.26 12.66 -50.64
N GLY C 130 -25.17 12.48 -51.95
CA GLY C 130 -25.22 11.15 -52.52
C GLY C 130 -26.24 10.96 -53.61
N CYS C 131 -26.65 12.06 -54.25
CA CYS C 131 -27.58 11.99 -55.36
C CYS C 131 -26.89 11.42 -56.59
N VAL C 132 -27.01 10.10 -56.78
CA VAL C 132 -26.31 9.43 -57.88
C VAL C 132 -27.02 9.70 -59.20
N GLU C 133 -28.35 9.66 -59.18
CA GLU C 133 -29.12 9.82 -60.41
C GLU C 133 -29.12 11.28 -60.88
N GLU C 134 -28.98 12.22 -59.94
CA GLU C 134 -28.92 13.63 -60.31
C GLU C 134 -27.59 13.97 -60.97
N LEU C 135 -26.53 13.22 -60.62
CA LEU C 135 -25.21 13.52 -61.16
C LEU C 135 -25.09 13.05 -62.62
N VAL C 136 -26.02 12.19 -63.06
CA VAL C 136 -25.95 11.62 -64.40
C VAL C 136 -26.22 12.70 -65.46
N GLU C 137 -27.34 13.41 -65.33
CA GLU C 137 -27.71 14.39 -66.34
C GLU C 137 -26.86 15.65 -66.22
N LEU C 138 -26.28 15.89 -65.04
CA LEU C 138 -25.38 17.03 -64.89
C LEU C 138 -24.07 16.81 -65.64
N LEU C 139 -23.63 15.55 -65.75
CA LEU C 139 -22.45 15.27 -66.55
C LEU C 139 -22.80 15.20 -68.04
N VAL C 140 -24.07 14.91 -68.35
CA VAL C 140 -24.55 15.00 -69.73
C VAL C 140 -24.63 16.45 -70.16
N GLU C 141 -25.11 17.32 -69.27
CA GLU C 141 -25.22 18.75 -69.56
C GLU C 141 -23.84 19.38 -69.70
N LEU C 142 -22.86 18.84 -68.99
CA LEU C 142 -21.47 19.26 -69.19
C LEU C 142 -20.92 18.70 -70.50
N GLN C 143 -21.50 17.60 -70.98
CA GLN C 143 -21.00 16.98 -72.21
C GLN C 143 -21.65 17.60 -73.44
N GLU C 144 -22.89 18.08 -73.31
CA GLU C 144 -23.59 18.69 -74.43
C GLU C 144 -23.00 20.05 -74.79
N LEU C 145 -22.30 20.68 -73.84
CA LEU C 145 -21.72 21.99 -74.09
C LEU C 145 -20.37 21.89 -74.79
N CYS C 146 -19.84 20.67 -74.93
CA CYS C 146 -18.49 20.50 -75.46
C CYS C 146 -18.45 20.71 -76.97
N ARG C 147 -19.58 20.53 -77.65
CA ARG C 147 -19.59 20.65 -79.10
C ARG C 147 -19.82 22.08 -79.57
N ARG C 148 -19.00 23.01 -79.11
CA ARG C 148 -18.99 24.36 -79.68
C ARG C 148 -17.54 24.87 -79.78
N ARG C 149 -16.58 23.99 -79.48
CA ARG C 149 -15.17 24.32 -79.52
C ARG C 149 -14.38 23.24 -80.24
N HIS C 150 -13.05 23.33 -80.20
CA HIS C 150 -12.17 22.29 -80.70
C HIS C 150 -11.23 21.84 -79.59
N ASP C 151 -10.31 20.94 -79.93
CA ASP C 151 -9.63 20.13 -78.92
C ASP C 151 -8.50 20.86 -78.19
N GLU C 152 -8.35 22.16 -78.42
CA GLU C 152 -7.36 22.93 -77.68
C GLU C 152 -7.96 23.43 -76.36
N ASP C 153 -9.25 23.76 -76.37
CA ASP C 153 -9.89 24.38 -75.23
C ASP C 153 -10.78 23.43 -74.43
N VAL C 154 -11.23 22.34 -75.03
CA VAL C 154 -12.12 21.37 -74.37
C VAL C 154 -11.44 20.65 -73.20
N PRO C 155 -10.15 20.14 -73.29
CA PRO C 155 -9.54 19.62 -72.05
C PRO C 155 -9.22 20.70 -71.02
N ASP C 156 -9.11 21.95 -71.47
CA ASP C 156 -8.84 23.05 -70.55
C ASP C 156 -10.11 23.50 -69.84
N PHE C 157 -11.24 23.51 -70.56
CA PHE C 157 -12.47 24.06 -70.00
C PHE C 157 -13.11 23.12 -68.99
N LEU C 158 -12.82 21.82 -69.11
CA LEU C 158 -13.38 20.86 -68.14
C LEU C 158 -12.64 20.94 -66.81
N MET C 159 -11.42 21.49 -66.81
CA MET C 159 -10.68 21.64 -65.57
C MET C 159 -11.18 22.85 -64.78
N HIS C 160 -11.83 23.79 -65.45
CA HIS C 160 -12.36 24.97 -64.77
C HIS C 160 -13.69 24.66 -64.09
N LYS C 161 -14.47 23.75 -64.67
CA LYS C 161 -15.82 23.47 -64.18
C LYS C 161 -15.89 22.28 -63.24
N LEU C 162 -14.84 21.45 -63.19
CA LEU C 162 -14.79 20.33 -62.25
C LEU C 162 -13.93 20.64 -61.03
N THR C 163 -13.17 21.72 -61.05
CA THR C 163 -12.33 22.10 -59.92
C THR C 163 -12.78 23.47 -59.40
N ALA C 164 -12.14 23.90 -58.32
CA ALA C 164 -12.36 25.24 -57.80
C ALA C 164 -11.35 26.21 -58.41
N SER C 165 -11.33 27.45 -57.93
CA SER C 165 -10.40 28.44 -58.47
C SER C 165 -9.54 29.02 -57.35
N ASP C 166 -10.02 28.93 -56.11
CA ASP C 166 -9.29 29.47 -54.98
C ASP C 166 -8.55 28.41 -54.17
N THR C 167 -9.06 27.18 -54.13
CA THR C 167 -8.43 26.11 -53.39
C THR C 167 -7.88 24.99 -54.27
N GLY C 168 -8.59 24.62 -55.32
CA GLY C 168 -8.19 23.53 -56.19
C GLY C 168 -8.88 22.22 -55.93
N LYS C 169 -9.96 22.22 -55.15
CA LYS C 169 -10.65 20.98 -54.82
C LYS C 169 -11.49 20.51 -56.01
N THR C 170 -11.37 19.23 -56.34
CA THR C 170 -12.05 18.64 -57.49
C THR C 170 -13.38 18.04 -57.07
N CYS C 171 -14.08 17.46 -58.04
CA CYS C 171 -15.30 16.72 -57.73
C CYS C 171 -14.98 15.39 -57.07
N LEU C 172 -13.81 14.82 -57.38
CA LEU C 172 -13.41 13.56 -56.77
C LEU C 172 -13.00 13.76 -55.31
N MET C 173 -12.42 14.93 -55.01
CA MET C 173 -12.03 15.23 -53.64
C MET C 173 -13.25 15.54 -52.79
N LYS C 174 -14.29 16.13 -53.39
CA LYS C 174 -15.49 16.46 -52.64
C LYS C 174 -16.28 15.22 -52.26
N ALA C 175 -16.28 14.20 -53.14
CA ALA C 175 -17.04 12.99 -52.85
C ALA C 175 -16.34 12.13 -51.81
N LEU C 176 -15.01 12.19 -51.75
CA LEU C 176 -14.27 11.36 -50.79
C LEU C 176 -14.20 11.98 -49.41
N LEU C 177 -14.36 13.30 -49.30
CA LEU C 177 -14.45 13.93 -47.98
C LEU C 177 -15.79 13.67 -47.33
N ASN C 178 -16.84 13.41 -48.12
CA ASN C 178 -18.18 13.17 -47.60
C ASN C 178 -18.50 11.68 -47.79
N ILE C 179 -18.19 10.89 -46.76
CA ILE C 179 -18.40 9.45 -46.83
C ILE C 179 -19.87 9.13 -46.64
N ASN C 180 -20.50 8.64 -47.70
CA ASN C 180 -21.90 8.27 -47.77
C ASN C 180 -21.99 6.81 -48.22
N PRO C 181 -23.11 6.12 -48.03
CA PRO C 181 -23.21 4.72 -48.48
C PRO C 181 -23.21 4.51 -49.99
N ASN C 182 -23.22 5.57 -50.80
CA ASN C 182 -23.05 5.44 -52.25
C ASN C 182 -21.70 5.98 -52.70
N THR C 183 -20.64 5.79 -51.91
CA THR C 183 -19.35 6.39 -52.23
C THR C 183 -18.56 5.54 -53.22
N LYS C 184 -18.98 4.29 -53.42
CA LYS C 184 -18.24 3.41 -54.32
C LYS C 184 -18.67 3.61 -55.78
N GLU C 185 -19.98 3.78 -55.99
CA GLU C 185 -20.49 3.92 -57.35
C GLU C 185 -20.28 5.33 -57.89
N ILE C 186 -20.11 6.30 -56.99
CA ILE C 186 -20.04 7.69 -57.41
C ILE C 186 -18.64 8.02 -57.91
N VAL C 187 -17.64 7.20 -57.54
CA VAL C 187 -16.29 7.37 -58.04
C VAL C 187 -16.16 6.77 -59.44
N ARG C 188 -16.88 5.67 -59.68
CA ARG C 188 -16.81 4.98 -60.96
C ARG C 188 -17.44 5.80 -62.08
N ILE C 189 -18.38 6.69 -61.73
CA ILE C 189 -19.02 7.54 -62.74
C ILE C 189 -18.11 8.70 -63.12
N LEU C 190 -17.45 9.30 -62.12
CA LEU C 190 -16.65 10.49 -62.37
C LEU C 190 -15.35 10.15 -63.09
N LEU C 191 -14.79 8.97 -62.83
CA LEU C 191 -13.54 8.60 -63.48
C LEU C 191 -13.79 8.10 -64.90
N ALA C 192 -14.99 7.57 -65.17
CA ALA C 192 -15.32 7.13 -66.52
C ALA C 192 -15.58 8.33 -67.43
N PHE C 193 -16.01 9.45 -66.84
CA PHE C 193 -16.23 10.66 -67.62
C PHE C 193 -14.91 11.30 -68.03
N ALA C 194 -13.88 11.13 -67.21
CA ALA C 194 -12.56 11.69 -67.52
C ALA C 194 -11.83 10.83 -68.55
N GLU C 195 -12.20 9.55 -68.63
CA GLU C 195 -11.60 8.65 -69.61
C GLU C 195 -12.13 8.94 -71.00
N GLU C 196 -13.42 9.30 -71.09
CA GLU C 196 -14.05 9.61 -72.38
C GLU C 196 -13.53 10.93 -72.93
N ASN C 197 -13.15 11.86 -72.06
CA ASN C 197 -12.57 13.12 -72.50
C ASN C 197 -11.06 13.11 -72.50
N ASP C 198 -10.44 11.99 -72.12
CA ASP C 198 -8.98 11.76 -72.12
C ASP C 198 -8.26 12.79 -71.22
N ILE C 199 -8.88 13.03 -70.06
CA ILE C 199 -8.35 13.98 -69.09
C ILE C 199 -8.20 13.29 -67.73
N LEU C 200 -8.06 11.96 -67.76
CA LEU C 200 -8.00 11.20 -66.50
C LEU C 200 -6.68 11.43 -65.77
N GLY C 201 -5.61 11.70 -66.52
CA GLY C 201 -4.29 11.88 -65.94
C GLY C 201 -4.14 13.12 -65.09
N ARG C 202 -4.75 14.23 -65.51
CA ARG C 202 -4.63 15.48 -64.75
C ARG C 202 -5.75 15.62 -63.74
N PHE C 203 -6.77 14.77 -63.83
CA PHE C 203 -7.90 14.83 -62.90
C PHE C 203 -7.59 14.12 -61.60
N ILE C 204 -7.08 12.89 -61.69
CA ILE C 204 -6.80 12.10 -60.50
C ILE C 204 -5.51 12.56 -59.83
N ASN C 205 -4.63 13.26 -60.54
CA ASN C 205 -3.36 13.70 -59.99
C ASN C 205 -3.38 15.20 -59.70
N ALA C 206 -4.56 15.72 -59.37
CA ALA C 206 -4.72 17.14 -59.04
C ALA C 206 -4.31 17.38 -57.59
N GLU C 207 -3.95 18.63 -57.29
CA GLU C 207 -3.50 19.03 -55.97
C GLU C 207 -4.19 20.31 -55.56
N TYR C 208 -4.25 20.55 -54.26
CA TYR C 208 -4.77 21.81 -53.74
C TYR C 208 -3.80 22.95 -54.00
N THR C 209 -4.31 24.11 -54.42
CA THR C 209 -3.50 25.31 -54.57
C THR C 209 -3.45 26.12 -53.28
N GLU C 210 -4.08 25.63 -52.21
CA GLU C 210 -4.10 26.32 -50.93
C GLU C 210 -2.76 26.14 -50.22
N GLU C 211 -2.31 27.18 -49.50
CA GLU C 211 -1.05 27.10 -48.77
C GLU C 211 -1.07 26.10 -47.62
N ALA C 212 -2.22 25.84 -46.99
CA ALA C 212 -2.31 24.88 -45.91
C ALA C 212 -2.62 23.47 -46.38
N TYR C 213 -2.74 23.23 -47.69
CA TYR C 213 -3.04 21.91 -48.20
C TYR C 213 -2.24 21.55 -49.44
N GLU C 214 -1.11 22.22 -49.68
CA GLU C 214 -0.34 22.07 -50.91
C GLU C 214 0.29 20.69 -51.01
N GLY C 215 -0.14 19.93 -52.02
CA GLY C 215 0.38 18.60 -52.31
C GLY C 215 -0.61 17.49 -52.02
N GLN C 216 -1.71 17.80 -51.34
CA GLN C 216 -2.70 16.77 -51.03
C GLN C 216 -3.51 16.41 -52.26
N THR C 217 -3.61 15.11 -52.51
CA THR C 217 -4.32 14.62 -53.69
C THR C 217 -5.54 13.83 -53.23
N ALA C 218 -6.23 13.22 -54.21
CA ALA C 218 -7.42 12.45 -53.90
C ALA C 218 -7.05 11.10 -53.28
N LEU C 219 -5.82 10.65 -53.49
CA LEU C 219 -5.37 9.39 -52.90
C LEU C 219 -5.11 9.56 -51.40
N ASN C 220 -4.67 10.76 -50.99
CA ASN C 220 -4.43 11.01 -49.57
C ASN C 220 -5.73 11.11 -48.79
N ILE C 221 -6.83 11.43 -49.49
CA ILE C 221 -8.12 11.55 -48.80
C ILE C 221 -8.72 10.17 -48.57
N ALA C 222 -8.64 9.30 -49.58
CA ALA C 222 -9.29 7.98 -49.51
C ALA C 222 -8.58 7.07 -48.52
N ILE C 223 -7.28 7.26 -48.32
CA ILE C 223 -6.54 6.50 -47.32
C ILE C 223 -6.95 6.89 -45.90
N GLU C 224 -7.16 8.18 -45.64
CA GLU C 224 -7.48 8.64 -44.29
C GLU C 224 -8.92 8.30 -43.90
N ARG C 225 -9.81 8.18 -44.89
CA ARG C 225 -11.22 7.93 -44.60
C ARG C 225 -11.53 6.44 -44.50
N ARG C 226 -10.49 5.61 -44.42
CA ARG C 226 -10.60 4.14 -44.27
C ARG C 226 -11.37 3.50 -45.42
N GLN C 227 -11.06 3.94 -46.63
CA GLN C 227 -11.67 3.38 -47.84
C GLN C 227 -10.62 2.62 -48.63
N GLY C 228 -10.44 1.34 -48.28
CA GLY C 228 -9.43 0.53 -48.92
C GLY C 228 -9.82 0.07 -50.30
N ASP C 229 -11.14 -0.05 -50.54
CA ASP C 229 -11.61 -0.48 -51.85
C ASP C 229 -11.54 0.64 -52.87
N ILE C 230 -11.78 1.88 -52.44
CA ILE C 230 -11.70 3.02 -53.35
C ILE C 230 -10.26 3.36 -53.64
N ALA C 231 -9.38 3.25 -52.63
CA ALA C 231 -7.97 3.57 -52.81
C ALA C 231 -7.27 2.55 -53.71
N ALA C 232 -7.78 1.32 -53.72
CA ALA C 232 -7.25 0.32 -54.65
C ALA C 232 -7.72 0.62 -56.07
N LEU C 233 -8.86 1.31 -56.21
CA LEU C 233 -9.38 1.63 -57.53
C LEU C 233 -8.71 2.86 -58.10
N LEU C 234 -8.22 3.75 -57.22
CA LEU C 234 -7.57 4.97 -57.70
C LEU C 234 -6.18 4.68 -58.23
N ILE C 235 -5.46 3.74 -57.60
CA ILE C 235 -4.09 3.42 -58.02
C ILE C 235 -4.10 2.72 -59.38
N ALA C 236 -5.11 1.86 -59.61
CA ALA C 236 -5.24 1.20 -60.90
C ALA C 236 -5.69 2.19 -61.98
N ALA C 237 -6.34 3.27 -61.57
CA ALA C 237 -6.72 4.33 -62.51
C ALA C 237 -5.56 5.27 -62.84
N GLY C 238 -4.47 5.23 -62.08
CA GLY C 238 -3.31 6.05 -62.40
C GLY C 238 -3.05 7.18 -61.43
N ALA C 239 -3.33 6.97 -60.15
CA ALA C 239 -3.07 7.99 -59.13
C ALA C 239 -1.60 7.94 -58.75
N ASP C 240 -1.05 9.11 -58.41
CA ASP C 240 0.35 9.19 -58.00
C ASP C 240 0.50 8.67 -56.57
N VAL C 241 1.27 7.59 -56.42
CA VAL C 241 1.51 7.01 -55.10
C VAL C 241 2.68 7.68 -54.38
N ASN C 242 3.29 8.70 -54.99
CA ASN C 242 4.40 9.39 -54.36
C ASN C 242 4.08 10.87 -54.19
N ALA C 243 2.85 11.18 -53.81
CA ALA C 243 2.41 12.54 -53.60
C ALA C 243 2.99 13.10 -52.29
N HIS C 244 3.45 14.33 -52.34
CA HIS C 244 4.10 14.99 -51.20
C HIS C 244 3.21 16.13 -50.71
N ALA C 245 2.44 15.87 -49.67
CA ALA C 245 1.59 16.89 -49.07
C ALA C 245 2.42 17.83 -48.22
N LYS C 246 2.96 18.87 -48.83
CA LYS C 246 3.88 19.79 -48.17
C LYS C 246 3.16 21.00 -47.56
N GLY C 247 1.85 20.91 -47.33
CA GLY C 247 1.09 22.01 -46.81
C GLY C 247 1.38 22.32 -45.35
N ALA C 248 0.88 23.47 -44.87
CA ALA C 248 1.13 23.91 -43.50
C ALA C 248 0.38 23.10 -42.47
N PHE C 249 -0.75 22.49 -42.82
CA PHE C 249 -1.46 21.61 -41.91
C PHE C 249 -0.74 20.29 -41.69
N PHE C 250 -0.06 19.77 -42.71
CA PHE C 250 0.61 18.48 -42.61
C PHE C 250 2.02 18.59 -42.07
N ASN C 251 2.58 19.80 -42.04
CA ASN C 251 3.88 20.08 -41.43
C ASN C 251 3.67 21.22 -40.43
N PRO C 252 3.30 20.89 -39.17
CA PRO C 252 2.97 21.95 -38.20
C PRO C 252 4.17 22.75 -37.72
N LYS C 253 3.91 23.75 -36.88
CA LYS C 253 4.97 24.62 -36.39
C LYS C 253 5.65 24.09 -35.12
N TYR C 254 4.92 23.95 -34.01
CA TYR C 254 5.51 23.32 -32.85
C TYR C 254 4.79 22.03 -32.48
N GLN C 255 3.51 22.13 -32.15
CA GLN C 255 2.69 21.02 -31.68
C GLN C 255 1.22 21.33 -31.98
N HIS C 256 0.47 20.27 -32.31
CA HIS C 256 -0.98 20.19 -32.45
C HIS C 256 -1.66 21.28 -33.27
N GLU C 257 -0.94 21.89 -34.22
CA GLU C 257 -1.61 22.66 -35.25
C GLU C 257 -2.05 21.79 -36.41
N GLY C 258 -1.71 20.51 -36.39
CA GLY C 258 -2.05 19.62 -37.47
C GLY C 258 -1.65 18.19 -37.11
N PHE C 259 -1.24 17.45 -38.13
CA PHE C 259 -0.84 16.05 -37.97
C PHE C 259 0.24 15.73 -38.98
N TYR C 260 1.48 15.60 -38.50
CA TYR C 260 2.60 15.17 -39.32
C TYR C 260 2.66 13.66 -39.32
N PHE C 261 2.62 13.06 -40.51
CA PHE C 261 2.67 11.62 -40.66
C PHE C 261 3.82 11.14 -41.53
N GLY C 262 4.37 11.99 -42.40
CA GLY C 262 5.46 11.59 -43.26
C GLY C 262 5.33 12.11 -44.66
N GLU C 263 4.20 12.79 -44.93
CA GLU C 263 3.88 13.49 -46.18
C GLU C 263 3.84 12.59 -47.41
N THR C 264 3.71 11.28 -47.22
CA THR C 264 3.58 10.33 -48.31
C THR C 264 2.38 9.44 -48.08
N PRO C 265 1.76 8.90 -49.14
CA PRO C 265 0.66 7.95 -48.93
C PRO C 265 1.07 6.65 -48.27
N LEU C 266 2.34 6.26 -48.37
CA LEU C 266 2.82 5.07 -47.67
C LEU C 266 2.90 5.33 -46.17
N ALA C 267 3.20 6.56 -45.77
CA ALA C 267 3.31 6.88 -44.35
C ALA C 267 1.94 7.12 -43.73
N LEU C 268 0.97 7.57 -44.53
CA LEU C 268 -0.36 7.83 -44.01
C LEU C 268 -1.08 6.53 -43.68
N ALA C 269 -0.87 5.50 -44.50
CA ALA C 269 -1.47 4.20 -44.21
C ALA C 269 -0.73 3.49 -43.08
N ALA C 270 0.54 3.85 -42.86
CA ALA C 270 1.32 3.20 -41.80
C ALA C 270 1.05 3.84 -40.45
N CYS C 271 0.95 5.17 -40.40
CA CYS C 271 0.77 5.88 -39.15
C CYS C 271 -0.67 5.85 -38.64
N THR C 272 -1.64 5.49 -39.48
CA THR C 272 -3.04 5.39 -39.07
C THR C 272 -3.51 3.95 -38.93
N ASN C 273 -2.57 3.01 -38.84
CA ASN C 273 -2.81 1.58 -38.59
C ASN C 273 -3.71 0.96 -39.66
N GLN C 274 -3.20 0.95 -40.89
CA GLN C 274 -3.90 0.39 -42.04
C GLN C 274 -2.98 -0.61 -42.73
N PRO C 275 -2.86 -1.83 -42.19
CA PRO C 275 -1.85 -2.76 -42.73
C PRO C 275 -2.21 -3.37 -44.07
N GLU C 276 -3.48 -3.26 -44.49
CA GLU C 276 -3.88 -3.83 -45.77
C GLU C 276 -3.48 -2.93 -46.92
N ILE C 277 -3.38 -1.63 -46.67
CA ILE C 277 -3.05 -0.68 -47.73
C ILE C 277 -1.53 -0.52 -47.84
N VAL C 278 -0.82 -0.73 -46.73
CA VAL C 278 0.65 -0.71 -46.75
C VAL C 278 1.18 -1.86 -47.59
N GLN C 279 0.56 -3.04 -47.48
CA GLN C 279 0.94 -4.17 -48.31
C GLN C 279 0.52 -3.96 -49.76
N LEU C 280 -0.50 -3.14 -49.99
CA LEU C 280 -0.94 -2.84 -51.35
C LEU C 280 0.03 -1.86 -52.03
N LEU C 281 0.56 -0.91 -51.26
CA LEU C 281 1.44 0.10 -51.84
C LEU C 281 2.83 -0.43 -52.12
N MET C 282 3.34 -1.34 -51.27
CA MET C 282 4.69 -1.85 -51.46
C MET C 282 4.77 -2.81 -52.65
N GLU C 283 3.67 -3.49 -52.98
CA GLU C 283 3.64 -4.32 -54.17
C GLU C 283 3.58 -3.49 -55.45
N HIS C 284 3.00 -2.29 -55.40
CA HIS C 284 2.97 -1.40 -56.54
C HIS C 284 4.37 -0.81 -56.75
N GLU C 285 4.85 -0.84 -58.00
CA GLU C 285 6.26 -0.60 -58.26
C GLU C 285 6.59 0.80 -58.77
N GLN C 286 5.64 1.74 -58.73
CA GLN C 286 5.99 3.15 -58.77
C GLN C 286 6.19 3.75 -57.39
N THR C 287 6.03 2.95 -56.35
CA THR C 287 6.17 3.43 -54.97
C THR C 287 7.66 3.49 -54.61
N ASP C 288 8.15 4.69 -54.35
CA ASP C 288 9.53 4.88 -53.91
C ASP C 288 9.54 4.89 -52.38
N ILE C 289 10.00 3.79 -51.80
CA ILE C 289 10.08 3.63 -50.35
C ILE C 289 11.12 4.55 -49.73
N THR C 290 12.20 4.83 -50.47
CA THR C 290 13.30 5.66 -49.97
C THR C 290 13.09 7.14 -50.25
N SER C 291 11.84 7.59 -50.36
CA SER C 291 11.55 8.99 -50.59
C SER C 291 11.85 9.82 -49.36
N ARG C 292 12.30 11.05 -49.59
CA ARG C 292 12.65 11.97 -48.52
C ARG C 292 11.86 13.26 -48.69
N ASP C 293 11.14 13.65 -47.63
CA ASP C 293 10.29 14.83 -47.67
C ASP C 293 11.08 16.11 -47.42
N SER C 294 10.38 17.21 -47.14
CA SER C 294 11.01 18.50 -46.86
C SER C 294 11.80 18.51 -45.55
N ARG C 295 11.49 17.61 -44.62
CA ARG C 295 12.25 17.49 -43.38
C ARG C 295 13.36 16.47 -43.48
N GLY C 296 13.57 15.87 -44.66
CA GLY C 296 14.57 14.85 -44.84
C GLY C 296 14.19 13.47 -44.35
N ASN C 297 12.99 13.31 -43.80
CA ASN C 297 12.55 12.06 -43.23
C ASN C 297 12.12 11.08 -44.32
N ASN C 298 12.25 9.79 -44.02
CA ASN C 298 11.72 8.73 -44.86
C ASN C 298 10.68 7.94 -44.06
N ILE C 299 10.31 6.77 -44.59
CA ILE C 299 9.24 5.96 -44.00
C ILE C 299 9.60 5.47 -42.60
N LEU C 300 10.89 5.32 -42.31
CA LEU C 300 11.27 4.82 -40.99
C LEU C 300 11.54 5.96 -40.01
N HIS C 301 11.89 7.15 -40.52
CA HIS C 301 11.99 8.31 -39.63
C HIS C 301 10.62 8.75 -39.13
N ALA C 302 9.59 8.60 -39.96
CA ALA C 302 8.28 9.12 -39.61
C ALA C 302 7.55 8.22 -38.62
N LEU C 303 7.88 6.94 -38.61
CA LEU C 303 7.28 6.03 -37.64
C LEU C 303 7.84 6.25 -36.25
N VAL C 304 9.09 6.72 -36.16
CA VAL C 304 9.68 7.05 -34.87
C VAL C 304 9.05 8.32 -34.31
N THR C 305 8.69 9.26 -35.19
CA THR C 305 8.15 10.55 -34.75
C THR C 305 6.76 10.41 -34.16
N VAL C 306 5.88 9.65 -34.81
CA VAL C 306 4.50 9.51 -34.34
C VAL C 306 4.34 8.44 -33.27
N ALA C 307 5.42 7.76 -32.88
CA ALA C 307 5.30 6.67 -31.93
C ALA C 307 5.09 7.19 -30.51
N GLU C 308 4.36 6.42 -29.70
CA GLU C 308 4.11 6.75 -28.31
C GLU C 308 4.24 5.47 -27.47
N ASP C 309 3.76 5.54 -26.24
CA ASP C 309 3.85 4.41 -25.32
C ASP C 309 2.83 3.33 -25.66
N PHE C 310 2.97 2.16 -25.05
CA PHE C 310 1.99 1.08 -25.21
C PHE C 310 0.65 1.42 -24.56
N LYS C 311 0.68 2.15 -23.45
CA LYS C 311 -0.56 2.61 -22.83
C LYS C 311 -1.25 3.67 -23.69
N THR C 312 -0.45 4.49 -24.38
CA THR C 312 -1.01 5.57 -25.20
C THR C 312 -1.66 5.05 -26.47
N GLN C 313 -0.91 4.34 -27.33
CA GLN C 313 -1.48 3.91 -28.60
C GLN C 313 -1.75 2.41 -28.71
N ASN C 314 -0.70 1.61 -28.90
CA ASN C 314 -0.68 0.15 -29.02
C ASN C 314 0.77 -0.20 -29.25
N ASP C 315 1.06 -1.46 -29.58
CA ASP C 315 2.36 -1.76 -30.17
C ASP C 315 2.32 -1.83 -31.70
N PHE C 316 1.48 -1.04 -32.36
CA PHE C 316 1.29 -1.22 -33.79
C PHE C 316 2.37 -0.50 -34.60
N VAL C 317 2.98 0.55 -34.03
CA VAL C 317 4.04 1.27 -34.74
C VAL C 317 5.32 0.45 -34.74
N LYS C 318 5.44 -0.49 -33.80
CA LYS C 318 6.55 -1.45 -33.84
C LYS C 318 6.32 -2.49 -34.91
N ARG C 319 5.06 -2.86 -35.16
CA ARG C 319 4.75 -3.85 -36.18
C ARG C 319 4.82 -3.25 -37.57
N MET C 320 4.51 -1.96 -37.70
CA MET C 320 4.67 -1.28 -38.99
C MET C 320 6.15 -1.09 -39.32
N TYR C 321 6.99 -0.98 -38.30
CA TYR C 321 8.43 -0.89 -38.51
C TYR C 321 8.98 -2.23 -39.01
N ASP C 322 8.35 -3.33 -38.60
CA ASP C 322 8.81 -4.65 -38.98
C ASP C 322 8.44 -4.96 -40.42
N MET C 323 7.23 -4.58 -40.83
CA MET C 323 6.68 -4.95 -42.14
C MET C 323 7.40 -4.24 -43.28
N ILE C 324 7.77 -2.97 -43.06
CA ILE C 324 8.35 -2.16 -44.13
C ILE C 324 9.84 -2.47 -44.27
N LEU C 325 10.50 -2.79 -43.17
CA LEU C 325 11.94 -3.05 -43.20
C LEU C 325 12.25 -4.38 -43.87
N LEU C 326 11.38 -5.38 -43.67
CA LEU C 326 11.63 -6.69 -44.25
C LEU C 326 11.35 -6.71 -45.75
N ARG C 327 10.47 -5.82 -46.22
CA ARG C 327 10.15 -5.79 -47.64
C ARG C 327 11.29 -5.16 -48.44
N SER C 328 11.97 -4.17 -47.88
CA SER C 328 13.11 -3.56 -48.53
C SER C 328 14.30 -4.50 -48.58
N GLY C 329 14.68 -5.04 -47.42
CA GLY C 329 15.76 -6.01 -47.36
C GLY C 329 17.14 -5.46 -47.53
N ASN C 330 17.37 -4.20 -47.19
CA ASN C 330 18.67 -3.56 -47.39
C ASN C 330 18.98 -2.71 -46.16
N TRP C 331 20.23 -2.24 -46.09
CA TRP C 331 20.66 -1.29 -45.08
C TRP C 331 20.72 0.14 -45.63
N GLU C 332 19.79 0.48 -46.53
CA GLU C 332 19.72 1.84 -47.08
C GLU C 332 18.81 2.74 -46.27
N LEU C 333 17.74 2.20 -45.70
CA LEU C 333 16.75 3.01 -45.00
C LEU C 333 17.20 3.44 -43.61
N GLU C 334 17.91 2.59 -42.88
CA GLU C 334 18.40 2.93 -41.55
C GLU C 334 19.76 3.63 -41.57
N THR C 335 20.31 3.88 -42.75
CA THR C 335 21.57 4.59 -42.91
C THR C 335 21.37 6.03 -43.36
N THR C 336 20.29 6.30 -44.10
CA THR C 336 20.00 7.63 -44.61
C THR C 336 19.69 8.61 -43.47
N ARG C 337 20.35 9.76 -43.49
CA ARG C 337 20.17 10.80 -42.50
C ARG C 337 19.26 11.89 -43.05
N ASN C 338 18.48 12.51 -42.17
CA ASN C 338 17.58 13.60 -42.56
C ASN C 338 18.32 14.93 -42.66
N ASN C 339 17.57 16.03 -42.78
CA ASN C 339 18.18 17.35 -42.86
C ASN C 339 18.87 17.78 -41.56
N ASP C 340 18.46 17.22 -40.42
CA ASP C 340 19.16 17.44 -39.16
C ASP C 340 20.42 16.59 -39.05
N GLY C 341 20.46 15.45 -39.72
CA GLY C 341 21.62 14.57 -39.69
C GLY C 341 21.49 13.36 -38.80
N LEU C 342 20.31 12.76 -38.69
CA LEU C 342 20.07 11.65 -37.80
C LEU C 342 19.45 10.47 -38.55
N THR C 343 19.84 9.27 -38.14
CA THR C 343 19.29 8.01 -38.60
C THR C 343 17.99 7.72 -37.86
N PRO C 344 17.17 6.75 -38.30
CA PRO C 344 16.00 6.36 -37.48
C PRO C 344 16.37 5.75 -36.14
N LEU C 345 17.58 5.20 -36.01
CA LEU C 345 18.06 4.74 -34.71
C LEU C 345 18.37 5.92 -33.79
N GLN C 346 18.79 7.05 -34.36
CA GLN C 346 19.19 8.18 -33.55
C GLN C 346 18.04 9.13 -33.25
N LEU C 347 16.94 9.06 -34.00
CA LEU C 347 15.74 9.81 -33.61
C LEU C 347 15.07 9.18 -32.40
N ALA C 348 15.20 7.86 -32.24
CA ALA C 348 14.60 7.20 -31.09
C ALA C 348 15.35 7.54 -29.81
N ALA C 349 16.65 7.81 -29.93
CA ALA C 349 17.43 8.25 -28.78
C ALA C 349 17.25 9.74 -28.52
N LYS C 350 17.06 10.53 -29.57
CA LYS C 350 16.89 11.97 -29.41
C LYS C 350 15.51 12.35 -28.92
N MET C 351 14.46 11.74 -29.46
CA MET C 351 13.09 12.07 -29.07
C MET C 351 12.61 11.31 -27.86
N GLY C 352 13.35 10.29 -27.41
CA GLY C 352 12.96 9.54 -26.23
C GLY C 352 11.94 8.46 -26.46
N LYS C 353 11.91 7.87 -27.65
CA LYS C 353 10.92 6.82 -27.97
C LYS C 353 11.52 5.47 -27.58
N ALA C 354 11.19 5.06 -26.36
CA ALA C 354 11.89 3.94 -25.72
C ALA C 354 11.45 2.60 -26.30
N GLU C 355 10.18 2.48 -26.71
CA GLU C 355 9.67 1.19 -27.18
C GLU C 355 10.16 0.89 -28.59
N ILE C 356 10.32 1.93 -29.42
CA ILE C 356 10.92 1.75 -30.73
C ILE C 356 12.42 1.51 -30.60
N LEU C 357 13.05 2.20 -29.65
CA LEU C 357 14.49 2.03 -29.45
C LEU C 357 14.81 0.67 -28.84
N LYS C 358 13.84 0.08 -28.13
CA LYS C 358 14.03 -1.28 -27.62
C LYS C 358 13.96 -2.30 -28.75
N TYR C 359 13.11 -2.06 -29.74
CA TYR C 359 12.92 -3.03 -30.81
C TYR C 359 14.08 -3.04 -31.79
N ILE C 360 14.58 -1.85 -32.17
CA ILE C 360 15.66 -1.77 -33.16
C ILE C 360 16.96 -2.32 -32.58
N LEU C 361 17.23 -2.02 -31.32
CA LEU C 361 18.51 -2.32 -30.70
C LEU C 361 18.64 -3.78 -30.30
N SER C 362 17.55 -4.54 -30.29
CA SER C 362 17.53 -5.96 -29.98
C SER C 362 16.72 -6.74 -31.02
N ARG C 363 16.96 -6.42 -32.29
CA ARG C 363 16.20 -7.01 -33.39
C ARG C 363 16.90 -8.29 -33.84
N GLU C 364 16.20 -9.42 -33.70
CA GLU C 364 16.71 -10.73 -34.10
C GLU C 364 15.73 -11.33 -35.10
N ILE C 365 16.17 -11.46 -36.34
CA ILE C 365 15.35 -12.00 -37.42
C ILE C 365 15.74 -13.46 -37.61
N LYS C 366 14.77 -14.36 -37.45
CA LYS C 366 15.05 -15.79 -37.50
C LYS C 366 15.08 -16.30 -38.93
N GLU C 367 14.22 -15.76 -39.79
CA GLU C 367 14.04 -16.28 -41.14
C GLU C 367 15.23 -15.90 -42.01
N LYS C 368 15.73 -16.87 -42.79
CA LYS C 368 16.95 -16.74 -43.56
C LYS C 368 16.75 -15.78 -44.74
N ARG C 369 17.90 -15.36 -45.32
CA ARG C 369 18.09 -14.42 -46.43
C ARG C 369 17.81 -12.97 -45.99
N LEU C 370 17.29 -12.79 -44.78
CA LEU C 370 17.14 -11.50 -44.12
C LEU C 370 17.81 -11.53 -42.76
N ARG C 371 18.79 -12.42 -42.62
CA ARG C 371 19.55 -12.58 -41.39
C ARG C 371 20.51 -11.43 -41.15
N SER C 372 20.95 -10.75 -42.20
CA SER C 372 21.92 -9.66 -42.04
C SER C 372 21.27 -8.36 -41.63
N LEU C 373 19.94 -8.33 -41.50
CA LEU C 373 19.24 -7.13 -41.05
C LEU C 373 19.06 -7.15 -39.54
N SER C 374 19.65 -8.14 -38.88
CA SER C 374 19.53 -8.30 -37.44
C SER C 374 20.61 -7.50 -36.71
N ARG C 375 20.27 -7.07 -35.49
CA ARG C 375 21.25 -6.49 -34.59
C ARG C 375 21.43 -7.33 -33.34
N LYS C 376 20.79 -8.49 -33.26
CA LYS C 376 20.97 -9.44 -32.16
C LYS C 376 21.21 -10.81 -32.77
N PHE C 377 22.33 -11.42 -32.41
CA PHE C 377 22.72 -12.71 -32.95
C PHE C 377 23.00 -13.69 -31.82
N THR C 378 22.61 -14.94 -32.03
CA THR C 378 22.87 -16.02 -31.07
C THR C 378 24.11 -16.77 -31.53
N ASP C 379 25.12 -16.82 -30.67
CA ASP C 379 26.37 -17.48 -31.03
C ASP C 379 26.26 -18.99 -30.81
N TRP C 380 25.79 -19.40 -29.63
CA TRP C 380 25.59 -20.81 -29.31
C TRP C 380 24.49 -20.94 -28.28
N ALA C 381 23.98 -22.16 -28.15
CA ALA C 381 22.92 -22.46 -27.19
C ALA C 381 22.99 -23.94 -26.84
N TYR C 382 22.74 -24.26 -25.58
CA TYR C 382 22.73 -25.64 -25.12
C TYR C 382 21.70 -25.76 -24.01
N GLY C 383 20.49 -26.17 -24.36
CA GLY C 383 19.41 -26.27 -23.40
C GLY C 383 18.92 -24.90 -22.97
N PRO C 384 18.95 -24.63 -21.66
CA PRO C 384 18.52 -23.32 -21.18
C PRO C 384 19.57 -22.24 -21.29
N VAL C 385 20.84 -22.59 -21.48
CA VAL C 385 21.93 -21.63 -21.52
C VAL C 385 22.17 -21.22 -22.97
N SER C 386 22.16 -19.92 -23.21
CA SER C 386 22.38 -19.38 -24.55
C SER C 386 23.28 -18.16 -24.45
N SER C 387 23.95 -17.85 -25.56
CA SER C 387 24.87 -16.71 -25.65
C SER C 387 24.42 -15.80 -26.78
N SER C 388 24.29 -14.51 -26.50
CA SER C 388 23.82 -13.55 -27.48
C SER C 388 24.93 -12.56 -27.82
N LEU C 389 24.77 -11.90 -28.97
CA LEU C 389 25.72 -10.90 -29.46
C LEU C 389 24.94 -9.67 -29.90
N TYR C 390 25.23 -8.53 -29.27
CA TYR C 390 24.55 -7.28 -29.61
C TYR C 390 25.43 -6.42 -30.50
N ASP C 391 24.86 -5.90 -31.57
CA ASP C 391 25.59 -5.06 -32.51
C ASP C 391 25.86 -3.70 -31.89
N LEU C 392 27.07 -3.19 -32.10
CA LEU C 392 27.51 -1.91 -31.54
C LEU C 392 28.11 -1.02 -32.62
N THR C 393 27.41 -0.88 -33.75
CA THR C 393 27.94 -0.11 -34.87
C THR C 393 27.87 1.38 -34.57
N ASN C 394 26.68 1.89 -34.22
CA ASN C 394 26.48 3.29 -33.92
C ASN C 394 25.98 3.50 -32.50
N VAL C 395 26.39 2.63 -31.58
CA VAL C 395 25.88 2.64 -30.21
C VAL C 395 27.01 2.99 -29.24
N ASP C 396 28.13 2.28 -29.36
CA ASP C 396 29.30 2.52 -28.53
C ASP C 396 29.92 3.86 -28.91
N THR C 397 30.47 4.55 -27.91
CA THR C 397 30.99 5.91 -28.10
C THR C 397 32.33 5.90 -28.83
N THR C 398 32.31 5.55 -30.12
CA THR C 398 33.50 5.62 -30.96
C THR C 398 33.32 6.50 -32.18
N THR C 399 32.09 6.96 -32.44
CA THR C 399 31.79 7.87 -33.53
C THR C 399 31.35 9.22 -32.97
N ASP C 400 30.91 10.11 -33.86
CA ASP C 400 30.47 11.45 -33.45
C ASP C 400 29.16 11.38 -32.69
N ASN C 401 28.11 10.87 -33.31
CA ASN C 401 26.84 10.70 -32.63
C ASN C 401 26.52 9.22 -32.45
N SER C 402 26.48 8.79 -31.19
CA SER C 402 26.14 7.41 -30.87
C SER C 402 24.91 7.40 -29.98
N VAL C 403 24.29 6.23 -29.88
CA VAL C 403 23.02 6.11 -29.15
C VAL C 403 23.26 6.29 -27.65
N LEU C 404 24.41 5.82 -27.16
CA LEU C 404 24.74 5.96 -25.75
C LEU C 404 25.06 7.41 -25.39
N GLU C 405 25.61 8.16 -26.34
CA GLU C 405 25.95 9.55 -26.09
C GLU C 405 24.72 10.46 -26.17
N ILE C 406 23.81 10.15 -27.09
CA ILE C 406 22.61 10.96 -27.25
C ILE C 406 21.65 10.75 -26.07
N THR C 407 21.55 9.51 -25.59
CA THR C 407 20.56 9.17 -24.56
C THR C 407 20.92 9.80 -23.22
N VAL C 408 22.20 9.79 -22.86
CA VAL C 408 22.61 10.32 -21.55
C VAL C 408 22.53 11.84 -21.53
N TYR C 409 23.00 12.51 -22.58
CA TYR C 409 23.05 13.97 -22.62
C TYR C 409 21.77 14.61 -23.15
N ASN C 410 20.63 13.92 -23.05
CA ASN C 410 19.37 14.45 -23.58
C ASN C 410 18.56 15.03 -22.43
N THR C 411 18.67 16.34 -22.22
CA THR C 411 17.91 17.04 -21.18
C THR C 411 16.55 17.51 -21.66
N ASN C 412 16.08 17.05 -22.82
CA ASN C 412 14.78 17.41 -23.36
C ASN C 412 13.74 16.32 -23.16
N ILE C 413 14.13 15.15 -22.69
CA ILE C 413 13.21 14.05 -22.45
C ILE C 413 13.21 13.71 -20.97
N ASP C 414 12.13 13.05 -20.52
CA ASP C 414 11.96 12.71 -19.12
C ASP C 414 11.87 11.20 -18.92
N ASN C 415 12.49 10.43 -19.81
CA ASN C 415 12.49 8.98 -19.68
C ASN C 415 13.86 8.38 -20.00
N ARG C 416 14.93 8.99 -19.48
CA ARG C 416 16.27 8.44 -19.71
C ARG C 416 16.51 7.20 -18.88
N HIS C 417 15.78 7.02 -17.78
CA HIS C 417 15.94 5.83 -16.95
C HIS C 417 15.35 4.61 -17.62
N GLU C 418 14.33 4.82 -18.47
CA GLU C 418 13.70 3.69 -19.16
C GLU C 418 14.52 3.28 -20.38
N MET C 419 15.39 4.17 -20.87
CA MET C 419 16.12 3.89 -22.09
C MET C 419 17.50 3.31 -21.80
N LEU C 420 18.12 3.72 -20.71
CA LEU C 420 19.42 3.17 -20.34
C LEU C 420 19.32 1.86 -19.58
N THR C 421 18.11 1.42 -19.26
CA THR C 421 17.87 0.11 -18.67
C THR C 421 18.01 -1.00 -19.69
N LEU C 422 17.90 -0.68 -20.98
CA LEU C 422 17.95 -1.66 -22.07
C LEU C 422 19.31 -2.33 -22.14
N GLU C 423 19.29 -3.61 -22.54
CA GLU C 423 20.35 -4.58 -22.28
C GLU C 423 21.75 -4.24 -22.83
N PRO C 424 21.94 -3.69 -24.04
CA PRO C 424 23.30 -3.22 -24.38
C PRO C 424 23.64 -1.87 -23.77
N LEU C 425 22.66 -0.97 -23.63
CA LEU C 425 22.95 0.33 -23.04
C LEU C 425 23.21 0.22 -21.54
N HIS C 426 22.66 -0.83 -20.91
CA HIS C 426 22.96 -1.10 -19.51
C HIS C 426 24.36 -1.71 -19.36
N THR C 427 24.73 -2.60 -20.27
CA THR C 427 25.95 -3.38 -20.09
C THR C 427 27.19 -2.56 -20.46
N LEU C 428 27.10 -1.78 -21.54
CA LEU C 428 28.20 -0.90 -21.93
C LEU C 428 28.45 0.19 -20.89
N LEU C 429 27.39 0.64 -20.24
CA LEU C 429 27.53 1.66 -19.21
C LEU C 429 28.07 1.06 -17.91
N HIS C 430 27.91 -0.26 -17.76
CA HIS C 430 28.40 -0.94 -16.56
C HIS C 430 29.83 -1.42 -16.74
N MET C 431 30.21 -1.80 -17.97
CA MET C 431 31.56 -2.29 -18.20
C MET C 431 32.57 -1.14 -18.23
N LYS C 432 32.12 0.06 -18.58
CA LYS C 432 33.01 1.22 -18.52
C LYS C 432 33.30 1.59 -17.07
N TRP C 433 32.35 1.33 -16.17
CA TRP C 433 32.56 1.63 -14.76
C TRP C 433 33.56 0.67 -14.14
N LYS C 434 33.51 -0.60 -14.51
CA LYS C 434 34.38 -1.59 -13.88
C LYS C 434 35.82 -1.49 -14.38
N LYS C 435 36.02 -0.97 -15.60
CA LYS C 435 37.37 -0.92 -16.14
C LYS C 435 38.14 0.32 -15.72
N PHE C 436 37.60 1.52 -15.96
CA PHE C 436 38.39 2.72 -15.73
C PHE C 436 37.65 3.80 -14.94
N ALA C 437 36.31 3.79 -14.98
CA ALA C 437 35.57 4.93 -14.45
C ALA C 437 35.48 4.90 -12.93
N LYS C 438 35.56 3.70 -12.33
CA LYS C 438 35.58 3.62 -10.86
C LYS C 438 36.95 4.02 -10.33
N HIS C 439 38.00 3.70 -11.10
CA HIS C 439 39.36 4.05 -10.68
C HIS C 439 39.62 5.54 -10.84
N MET C 440 39.06 6.15 -11.89
CA MET C 440 39.23 7.58 -12.08
C MET C 440 38.40 8.39 -11.08
N PHE C 441 37.29 7.83 -10.63
CA PHE C 441 36.44 8.54 -9.68
C PHE C 441 37.05 8.53 -8.29
N PHE C 442 37.70 7.43 -7.93
CA PHE C 442 38.38 7.36 -6.63
C PHE C 442 39.66 8.18 -6.65
N LEU C 443 40.33 8.24 -7.81
CA LEU C 443 41.55 9.02 -7.93
C LEU C 443 41.23 10.51 -7.91
N SER C 444 40.07 10.90 -8.43
CA SER C 444 39.64 12.30 -8.37
C SER C 444 39.27 12.69 -6.95
N PHE C 445 38.81 11.72 -6.16
CA PHE C 445 38.47 11.96 -4.77
C PHE C 445 39.72 12.20 -3.94
N CYS C 446 40.82 11.50 -4.26
CA CYS C 446 42.01 11.56 -3.43
C CYS C 446 42.77 12.87 -3.61
N PHE C 447 42.78 13.41 -4.83
CA PHE C 447 43.46 14.67 -5.05
C PHE C 447 42.64 15.86 -4.54
N TYR C 448 41.33 15.66 -4.35
CA TYR C 448 40.49 16.78 -3.94
C TYR C 448 40.28 16.76 -2.43
N PHE C 449 40.32 15.59 -1.81
CA PHE C 449 40.27 15.50 -0.35
C PHE C 449 41.57 15.97 0.27
N PHE C 450 42.68 15.80 -0.45
CA PHE C 450 43.96 16.33 0.00
C PHE C 450 44.04 17.83 -0.27
N TYR C 451 43.23 18.31 -1.21
CA TYR C 451 43.19 19.72 -1.56
C TYR C 451 42.47 20.55 -0.50
N ASN C 452 41.44 19.97 0.12
CA ASN C 452 40.65 20.71 1.10
C ASN C 452 41.36 20.75 2.45
N ILE C 453 42.13 19.71 2.76
CA ILE C 453 42.87 19.67 4.03
C ILE C 453 44.03 20.66 4.00
N THR C 454 44.69 20.77 2.85
CA THR C 454 45.90 21.59 2.73
C THR C 454 45.53 23.08 2.77
N LEU C 455 44.33 23.43 2.32
CA LEU C 455 43.83 24.80 2.47
C LEU C 455 43.61 25.15 3.94
N THR C 456 43.22 24.16 4.74
CA THR C 456 42.97 24.42 6.15
C THR C 456 44.28 24.50 6.93
N LEU C 457 45.27 23.69 6.53
CA LEU C 457 46.52 23.63 7.29
C LEU C 457 47.39 24.86 7.04
N VAL C 458 47.21 25.53 5.91
CA VAL C 458 47.99 26.74 5.66
C VAL C 458 47.28 27.98 6.16
N SER C 459 46.04 27.85 6.64
CA SER C 459 45.26 29.01 7.03
C SER C 459 44.99 29.07 8.53
N TYR C 460 44.95 27.93 9.22
CA TYR C 460 44.60 27.92 10.63
C TYR C 460 45.61 27.19 11.49
N TYR C 461 46.61 26.53 10.89
CA TYR C 461 47.57 25.76 11.67
C TYR C 461 48.86 26.57 11.83
N ARG C 462 48.77 27.88 11.69
CA ARG C 462 49.95 28.70 11.93
C ARG C 462 49.73 29.67 13.10
N PRO C 463 50.26 29.33 14.28
CA PRO C 463 50.23 30.29 15.39
C PRO C 463 51.34 31.32 15.30
N ARG C 464 51.01 32.55 14.93
CA ARG C 464 51.92 33.68 14.96
C ARG C 464 51.30 34.79 15.81
N GLU C 465 52.17 35.53 16.52
CA GLU C 465 51.70 36.56 17.44
C GLU C 465 50.98 37.71 16.73
N GLU C 466 51.71 38.55 16.00
CA GLU C 466 51.07 39.35 14.96
C GLU C 466 51.77 39.16 13.61
N GLU C 467 53.04 39.56 13.57
CA GLU C 467 53.96 39.45 12.42
C GLU C 467 53.39 39.93 11.08
N ALA C 468 52.42 40.87 11.16
CA ALA C 468 51.74 41.49 10.01
C ALA C 468 51.19 40.46 9.02
N ILE C 469 50.12 39.74 9.43
CA ILE C 469 49.71 38.40 9.01
C ILE C 469 49.95 38.06 7.54
N PRO C 470 50.78 37.05 7.26
CA PRO C 470 51.01 36.66 5.87
C PRO C 470 49.83 35.89 5.31
N HIS C 471 49.50 36.21 4.06
CA HIS C 471 48.44 35.50 3.37
C HIS C 471 48.95 34.14 2.94
N PRO C 472 48.14 33.08 3.03
CA PRO C 472 48.58 31.74 2.60
C PRO C 472 48.79 31.67 1.09
N LEU C 473 49.39 30.56 0.67
CA LEU C 473 49.84 30.28 -0.70
C LEU C 473 50.84 31.32 -1.20
N ALA C 474 51.61 31.94 -0.31
CA ALA C 474 52.64 32.90 -0.68
C ALA C 474 54.01 32.23 -0.63
N LEU C 475 54.60 31.95 -1.79
CA LEU C 475 55.82 31.17 -1.87
C LEU C 475 57.03 31.98 -1.40
N THR C 476 57.59 31.59 -0.25
CA THR C 476 58.80 32.17 0.30
C THR C 476 59.85 31.08 0.46
N HIS C 477 61.07 31.51 0.76
CA HIS C 477 62.17 30.61 1.03
C HIS C 477 62.21 30.26 2.52
N LYS C 478 63.34 29.68 2.95
CA LYS C 478 63.70 29.28 4.32
C LYS C 478 62.58 28.56 5.10
N MET C 479 61.74 27.81 4.40
CA MET C 479 60.48 27.32 4.96
C MET C 479 60.47 25.82 5.21
N GLY C 480 60.90 25.01 4.26
CA GLY C 480 60.91 23.57 4.44
C GLY C 480 60.18 22.90 3.29
N TRP C 481 60.54 21.65 3.02
CA TRP C 481 59.96 20.92 1.90
C TRP C 481 58.58 20.37 2.21
N LEU C 482 58.18 20.41 3.49
CA LEU C 482 56.83 20.00 3.86
C LEU C 482 55.81 21.03 3.39
N GLN C 483 56.10 22.32 3.62
CA GLN C 483 55.18 23.37 3.24
C GLN C 483 55.36 23.75 1.78
N LEU C 484 56.52 23.41 1.21
CA LEU C 484 56.79 23.73 -0.18
C LEU C 484 55.98 22.83 -1.11
N LEU C 485 55.91 21.54 -0.78
CA LEU C 485 55.14 20.61 -1.60
C LEU C 485 53.64 20.83 -1.40
N GLY C 486 53.26 21.39 -0.26
CA GLY C 486 51.87 21.69 0.01
C GLY C 486 51.31 22.85 -0.78
N ARG C 487 52.00 23.98 -0.77
CA ARG C 487 51.48 25.17 -1.46
C ARG C 487 51.64 25.05 -2.98
N MET C 488 52.61 24.27 -3.43
CA MET C 488 52.75 24.03 -4.87
C MET C 488 51.64 23.13 -5.38
N PHE C 489 51.11 22.25 -4.52
CA PHE C 489 50.02 21.38 -4.94
C PHE C 489 48.71 22.16 -5.04
N VAL C 490 48.52 23.14 -4.15
CA VAL C 490 47.26 23.89 -4.13
C VAL C 490 47.23 24.89 -5.29
N LEU C 491 48.38 25.48 -5.61
CA LEU C 491 48.46 26.47 -6.69
C LEU C 491 48.21 25.85 -8.05
N ILE C 492 48.73 24.64 -8.28
CA ILE C 492 48.57 23.99 -9.57
C ILE C 492 47.15 23.43 -9.72
N TRP C 493 46.64 22.79 -8.66
CA TRP C 493 45.34 22.12 -8.74
C TRP C 493 44.19 23.13 -8.81
N ALA C 494 44.42 24.35 -8.34
CA ALA C 494 43.41 25.40 -8.50
C ALA C 494 43.38 25.91 -9.92
N MET C 495 44.53 25.87 -10.60
CA MET C 495 44.58 26.31 -11.99
C MET C 495 44.15 25.20 -12.95
N CYS C 496 44.39 23.94 -12.56
CA CYS C 496 44.00 22.82 -13.40
C CYS C 496 42.49 22.65 -13.46
N ILE C 497 41.80 23.11 -12.42
CA ILE C 497 40.33 23.11 -12.45
C ILE C 497 39.82 24.31 -13.21
N SER C 498 40.42 25.48 -12.98
CA SER C 498 39.96 26.74 -13.56
C SER C 498 40.15 26.79 -15.08
N VAL C 499 41.19 26.15 -15.58
CA VAL C 499 41.42 26.08 -17.03
C VAL C 499 40.43 25.08 -17.64
N LYS C 500 40.30 23.91 -17.02
CA LYS C 500 39.45 22.84 -17.54
C LYS C 500 37.97 23.21 -17.49
N GLU C 501 37.54 23.83 -16.39
CA GLU C 501 36.17 24.33 -16.34
C GLU C 501 36.04 25.61 -17.16
N GLY C 502 37.16 26.28 -17.43
CA GLY C 502 37.13 27.41 -18.35
C GLY C 502 36.93 26.98 -19.79
N ILE C 503 37.23 25.72 -20.09
CA ILE C 503 36.94 25.13 -21.40
C ILE C 503 35.47 24.75 -21.44
N ALA C 504 34.96 24.20 -20.33
CA ALA C 504 33.62 23.63 -20.29
C ALA C 504 32.51 24.67 -20.40
N ILE C 505 32.49 25.65 -19.49
CA ILE C 505 31.42 26.64 -19.42
C ILE C 505 31.59 27.65 -20.55
N PHE C 506 32.82 27.88 -20.99
CA PHE C 506 33.12 29.01 -21.87
C PHE C 506 33.60 28.54 -23.25
N LEU C 507 34.15 29.49 -24.02
CA LEU C 507 34.25 29.57 -25.48
C LEU C 507 34.44 28.26 -26.24
N LEU C 508 35.32 27.38 -25.76
CA LEU C 508 35.53 26.11 -26.43
C LEU C 508 34.35 25.18 -26.17
N ARG C 509 33.31 25.26 -27.03
CA ARG C 509 32.02 24.58 -26.91
C ARG C 509 31.40 24.90 -25.54
N PRO C 510 30.81 26.10 -25.38
CA PRO C 510 30.29 26.52 -24.05
C PRO C 510 29.17 25.66 -23.50
N SER C 511 28.24 25.23 -24.37
CA SER C 511 27.16 24.29 -24.07
C SER C 511 26.24 24.72 -22.93
N ASP C 512 26.22 26.02 -22.60
CA ASP C 512 25.42 26.48 -21.48
C ASP C 512 24.07 27.05 -21.90
N LEU C 513 23.53 26.61 -23.04
CA LEU C 513 22.20 27.02 -23.46
C LEU C 513 21.15 26.46 -22.50
N GLN C 514 20.98 25.14 -22.51
CA GLN C 514 20.11 24.48 -21.54
C GLN C 514 20.72 23.16 -21.08
N SER C 515 21.94 22.86 -21.52
CA SER C 515 22.54 21.57 -21.21
C SER C 515 23.17 21.56 -19.82
N ILE C 516 24.08 22.51 -19.56
CA ILE C 516 24.74 22.58 -18.26
C ILE C 516 23.76 23.08 -17.20
N LEU C 517 22.85 23.97 -17.57
CA LEU C 517 21.93 24.60 -16.62
C LEU C 517 20.76 23.72 -16.22
N SER C 518 20.71 22.46 -16.66
CA SER C 518 19.62 21.56 -16.30
C SER C 518 20.04 20.42 -15.39
N ASP C 519 21.09 19.66 -15.74
CA ASP C 519 21.47 18.50 -14.97
C ASP C 519 22.96 18.50 -14.63
N ALA C 520 23.63 19.63 -14.83
CA ALA C 520 25.07 19.69 -14.64
C ALA C 520 25.50 20.93 -13.86
N TRP C 521 24.86 21.20 -12.71
CA TRP C 521 25.16 22.41 -11.95
C TRP C 521 26.48 22.34 -11.19
N PHE C 522 27.19 21.21 -11.22
CA PHE C 522 28.44 21.11 -10.48
C PHE C 522 29.60 21.75 -11.22
N HIS C 523 29.41 22.08 -12.50
CA HIS C 523 30.47 22.70 -13.27
C HIS C 523 30.76 24.12 -12.81
N PHE C 524 29.75 24.79 -12.26
CA PHE C 524 29.93 26.16 -11.81
C PHE C 524 30.63 26.21 -10.45
N VAL C 525 30.24 25.31 -9.53
CA VAL C 525 30.70 25.41 -8.14
C VAL C 525 32.13 24.92 -8.01
N PHE C 526 32.59 24.05 -8.91
CA PHE C 526 34.02 23.74 -8.96
C PHE C 526 34.80 24.86 -9.61
N PHE C 527 34.14 25.65 -10.47
CA PHE C 527 34.82 26.76 -11.14
C PHE C 527 34.95 27.96 -10.23
N ILE C 528 33.88 28.25 -9.46
CA ILE C 528 33.89 29.41 -8.56
C ILE C 528 34.89 29.20 -7.42
N GLN C 529 34.98 27.96 -6.92
CA GLN C 529 35.91 27.66 -5.85
C GLN C 529 37.36 27.71 -6.34
N ALA C 530 37.57 27.44 -7.63
CA ALA C 530 38.92 27.48 -8.17
C ALA C 530 39.37 28.92 -8.45
N VAL C 531 38.43 29.80 -8.78
CA VAL C 531 38.78 31.20 -9.07
C VAL C 531 39.12 31.93 -7.78
N LEU C 532 38.33 31.70 -6.71
CA LEU C 532 38.47 32.47 -5.48
C LEU C 532 39.75 32.13 -4.74
N VAL C 533 40.35 30.97 -5.02
CA VAL C 533 41.69 30.68 -4.51
C VAL C 533 42.72 31.52 -5.26
N ILE C 534 42.57 31.61 -6.58
CA ILE C 534 43.52 32.37 -7.40
C ILE C 534 43.29 33.87 -7.24
N LEU C 535 42.02 34.28 -7.11
CA LEU C 535 41.70 35.70 -7.02
C LEU C 535 42.15 36.30 -5.70
N SER C 536 42.16 35.49 -4.63
CA SER C 536 42.56 36.00 -3.33
C SER C 536 44.06 36.23 -3.26
N VAL C 537 44.82 35.50 -4.09
CA VAL C 537 46.26 35.75 -4.19
C VAL C 537 46.51 37.05 -4.94
N PHE C 538 45.67 37.34 -5.94
CA PHE C 538 45.82 38.55 -6.74
C PHE C 538 45.46 39.79 -5.96
N LEU C 539 44.53 39.67 -5.01
CA LEU C 539 44.14 40.82 -4.21
C LEU C 539 45.17 41.13 -3.13
N TYR C 540 45.96 40.13 -2.73
CA TYR C 540 46.98 40.36 -1.71
C TYR C 540 48.24 40.99 -2.31
N LEU C 541 48.56 40.63 -3.55
CA LEU C 541 49.72 41.22 -4.22
C LEU C 541 49.43 42.64 -4.69
N PHE C 542 48.14 42.97 -4.83
CA PHE C 542 47.74 44.32 -5.23
C PHE C 542 47.42 45.16 -4.00
N ALA C 543 47.77 44.65 -2.82
CA ALA C 543 47.62 45.30 -1.51
C ALA C 543 46.20 45.74 -1.23
N TYR C 544 45.25 44.81 -1.28
CA TYR C 544 43.86 45.12 -0.98
C TYR C 544 43.47 44.41 0.31
N LYS C 545 42.36 44.85 0.90
CA LYS C 545 41.89 44.33 2.17
C LYS C 545 40.89 43.20 2.03
N GLU C 546 40.78 42.59 0.85
CA GLU C 546 39.86 41.48 0.62
C GLU C 546 40.55 40.15 0.37
N TYR C 547 41.80 39.99 0.79
CA TYR C 547 42.52 38.74 0.58
C TYR C 547 42.01 37.65 1.52
N LEU C 548 41.61 38.03 2.72
CA LEU C 548 41.15 37.03 3.69
C LEU C 548 39.67 36.69 3.46
N ALA C 549 38.90 37.65 2.96
CA ALA C 549 37.47 37.45 2.77
C ALA C 549 37.19 36.49 1.61
N CYS C 550 38.02 36.54 0.57
CA CYS C 550 37.84 35.64 -0.57
C CYS C 550 38.36 34.24 -0.26
N LEU C 551 39.26 34.14 0.72
CA LEU C 551 39.85 32.85 1.06
C LEU C 551 38.90 32.02 1.92
N VAL C 552 38.10 32.68 2.74
CA VAL C 552 37.15 31.97 3.61
C VAL C 552 36.01 31.39 2.78
N LEU C 553 35.53 32.15 1.80
CA LEU C 553 34.49 31.63 0.90
C LEU C 553 35.04 30.56 -0.03
N ALA C 554 36.36 30.56 -0.25
CA ALA C 554 36.98 29.52 -1.04
C ALA C 554 37.07 28.22 -0.25
N MET C 555 37.34 28.32 1.06
CA MET C 555 37.44 27.12 1.88
C MET C 555 36.08 26.60 2.28
N ALA C 556 35.09 27.49 2.41
CA ALA C 556 33.75 27.06 2.78
C ALA C 556 33.05 26.38 1.62
N LEU C 557 33.32 26.84 0.39
CA LEU C 557 32.77 26.20 -0.79
C LEU C 557 33.56 24.94 -1.15
N GLY C 558 34.81 24.85 -0.67
CA GLY C 558 35.62 23.67 -0.96
C GLY C 558 35.15 22.44 -0.22
N TRP C 559 34.76 22.61 1.05
CA TRP C 559 34.20 21.48 1.79
C TRP C 559 32.75 21.24 1.39
N ALA C 560 32.10 22.24 0.82
CA ALA C 560 30.73 22.07 0.34
C ALA C 560 30.69 21.23 -0.93
N ASN C 561 31.77 21.25 -1.71
CA ASN C 561 31.79 20.51 -2.97
C ASN C 561 32.19 19.05 -2.79
N MET C 562 32.30 18.58 -1.55
CA MET C 562 32.55 17.18 -1.27
C MET C 562 31.32 16.30 -1.47
N LEU C 563 30.15 16.91 -1.69
CA LEU C 563 28.92 16.18 -1.97
C LEU C 563 28.84 15.70 -3.40
N TYR C 564 29.76 16.14 -4.28
CA TYR C 564 29.85 15.58 -5.62
C TYR C 564 30.33 14.14 -5.59
N TYR C 565 31.18 13.79 -4.64
CA TYR C 565 31.77 12.45 -4.58
C TYR C 565 30.91 11.46 -3.82
N THR C 566 29.68 11.82 -3.46
CA THR C 566 28.74 10.90 -2.84
C THR C 566 28.12 9.93 -3.83
N ARG C 567 28.29 10.16 -5.13
CA ARG C 567 27.67 9.35 -6.17
C ARG C 567 28.50 8.11 -6.52
N GLY C 568 29.50 7.77 -5.72
CA GLY C 568 30.24 6.54 -5.93
C GLY C 568 29.53 5.35 -5.35
N PHE C 569 28.69 5.58 -4.35
CA PHE C 569 27.92 4.54 -3.69
C PHE C 569 26.44 4.80 -3.90
N GLN C 570 25.63 3.75 -3.84
CA GLN C 570 24.21 3.88 -4.12
C GLN C 570 23.47 4.48 -2.93
N SER C 571 23.74 3.97 -1.73
CA SER C 571 23.06 4.45 -0.54
C SER C 571 23.52 5.85 -0.16
N MET C 572 24.82 6.13 -0.36
CA MET C 572 25.32 7.47 -0.16
C MET C 572 24.83 8.42 -1.26
N GLY C 573 24.62 7.88 -2.46
CA GLY C 573 24.21 8.72 -3.57
C GLY C 573 22.73 9.09 -3.51
N MET C 574 21.88 8.12 -3.13
CA MET C 574 20.45 8.38 -3.02
C MET C 574 20.13 9.31 -1.85
N TYR C 575 20.98 9.30 -0.82
CA TYR C 575 20.74 10.17 0.33
C TYR C 575 21.08 11.62 0.02
N SER C 576 22.04 11.84 -0.87
CA SER C 576 22.44 13.20 -1.21
C SER C 576 21.48 13.84 -2.20
N VAL C 577 20.75 13.01 -2.96
CA VAL C 577 19.73 13.54 -3.86
C VAL C 577 18.54 14.07 -3.06
N MET C 578 18.19 13.38 -1.97
CA MET C 578 17.08 13.80 -1.13
C MET C 578 17.39 15.11 -0.40
N ILE C 579 18.67 15.35 -0.12
CA ILE C 579 19.07 16.62 0.48
C ILE C 579 18.96 17.75 -0.53
N GLN C 580 19.32 17.47 -1.79
CA GLN C 580 19.22 18.48 -2.84
C GLN C 580 17.77 18.71 -3.24
N LYS C 581 16.89 17.74 -2.98
CA LYS C 581 15.49 17.89 -3.33
C LYS C 581 14.75 18.73 -2.28
N VAL C 582 15.12 18.58 -1.01
CA VAL C 582 14.48 19.37 0.04
C VAL C 582 14.94 20.82 0.01
N ILE C 583 16.24 21.07 -0.16
CA ILE C 583 16.77 22.43 -0.11
C ILE C 583 16.32 23.27 -1.31
N LEU C 584 16.42 22.74 -2.52
CA LEU C 584 16.11 23.50 -3.73
C LEU C 584 14.61 23.67 -3.97
N HIS C 585 13.78 22.83 -3.35
CA HIS C 585 12.36 22.83 -3.68
C HIS C 585 11.45 23.04 -2.48
N ASP C 586 11.82 22.49 -1.31
CA ASP C 586 10.86 22.30 -0.24
C ASP C 586 11.15 23.15 1.00
N VAL C 587 12.30 23.81 1.05
CA VAL C 587 12.63 24.68 2.17
C VAL C 587 11.92 26.03 2.08
N LEU C 588 11.74 26.58 0.88
CA LEU C 588 11.05 27.87 0.74
C LEU C 588 9.56 27.76 1.06
N LYS C 589 9.01 26.55 1.03
CA LYS C 589 7.66 26.33 1.57
C LYS C 589 7.67 26.51 3.09
N PHE C 590 8.71 26.03 3.74
CA PHE C 590 8.81 26.13 5.19
C PHE C 590 9.14 27.54 5.65
N LEU C 591 10.02 28.22 4.91
CA LEU C 591 10.52 29.53 5.36
C LEU C 591 9.45 30.61 5.23
N PHE C 592 8.71 30.60 4.12
CA PHE C 592 7.77 31.68 3.84
C PHE C 592 6.56 31.64 4.76
N VAL C 593 6.29 30.49 5.36
CA VAL C 593 5.25 30.40 6.39
C VAL C 593 5.87 30.64 7.77
N TYR C 594 7.19 30.49 7.87
CA TYR C 594 7.85 30.72 9.16
C TYR C 594 8.00 32.20 9.46
N ILE C 595 8.28 33.01 8.43
CA ILE C 595 8.47 34.45 8.64
C ILE C 595 7.16 35.14 8.98
N VAL C 596 6.04 34.68 8.42
CA VAL C 596 4.75 35.30 8.75
C VAL C 596 4.28 34.85 10.12
N PHE C 597 4.86 33.77 10.65
CA PHE C 597 4.65 33.43 12.05
C PHE C 597 5.72 34.07 12.93
N LEU C 598 6.87 34.41 12.33
CA LEU C 598 7.89 35.16 13.04
C LEU C 598 7.44 36.60 13.26
N LEU C 599 7.02 37.27 12.18
CA LEU C 599 6.64 38.67 12.26
C LEU C 599 5.25 38.84 12.88
N GLY C 600 4.46 37.77 12.90
CA GLY C 600 3.17 37.80 13.57
C GLY C 600 3.34 37.91 15.07
N PHE C 601 4.29 37.15 15.62
CA PHE C 601 4.62 37.32 17.04
C PHE C 601 5.71 38.38 17.23
N GLY C 602 6.30 38.85 16.14
CA GLY C 602 7.36 39.84 16.25
C GLY C 602 6.85 41.22 16.59
N VAL C 603 5.72 41.62 15.98
CA VAL C 603 5.13 42.91 16.29
C VAL C 603 4.31 42.83 17.57
N ALA C 604 3.98 41.61 17.99
CA ALA C 604 3.21 41.44 19.22
C ALA C 604 4.11 41.52 20.44
N LEU C 605 5.25 40.81 20.42
CA LEU C 605 6.14 40.79 21.56
C LEU C 605 6.95 42.06 21.71
N ALA C 606 7.05 42.87 20.65
CA ALA C 606 7.87 44.08 20.71
C ALA C 606 7.20 45.16 21.56
N SER C 607 5.88 45.12 21.68
CA SER C 607 5.19 46.08 22.53
C SER C 607 5.22 45.65 24.00
N LEU C 608 5.58 44.39 24.26
CA LEU C 608 5.64 43.90 25.63
C LEU C 608 7.02 44.14 26.26
N ILE C 609 8.06 44.21 25.44
CA ILE C 609 9.43 44.34 25.91
C ILE C 609 9.68 45.76 26.42
N GLU C 610 10.10 45.88 27.68
CA GLU C 610 10.49 47.17 28.23
C GLU C 610 11.80 47.61 27.59
N LYS C 611 11.92 48.91 27.34
CA LYS C 611 13.03 49.48 26.58
C LYS C 611 14.36 49.35 27.31
N CYS C 612 15.38 48.94 26.57
CA CYS C 612 16.78 48.82 26.99
C CYS C 612 17.44 50.03 27.70
N PRO C 613 17.15 51.34 27.35
CA PRO C 613 17.89 52.43 28.03
C PRO C 613 17.56 52.71 29.49
N LYS C 614 16.94 51.77 30.23
CA LYS C 614 16.76 51.85 31.68
C LYS C 614 18.04 52.19 32.43
N ASP C 615 19.17 51.63 32.01
CA ASP C 615 20.45 51.90 32.67
C ASP C 615 21.56 52.40 31.74
N ASN C 616 21.59 51.95 30.47
CA ASN C 616 22.58 52.33 29.45
C ASN C 616 24.02 52.05 29.86
N LYS C 617 24.26 51.03 30.69
CA LYS C 617 25.64 50.69 31.02
C LYS C 617 26.12 49.49 30.20
N ASP C 618 25.21 48.56 29.90
CA ASP C 618 25.47 47.45 29.00
C ASP C 618 24.39 47.34 27.93
N CYS C 619 23.89 48.47 27.45
CA CYS C 619 22.79 48.52 26.50
C CYS C 619 23.32 48.71 25.09
N SER C 620 23.26 47.64 24.30
CA SER C 620 23.68 47.69 22.90
C SER C 620 22.61 47.02 22.03
N SER C 621 21.34 47.30 22.33
CA SER C 621 20.24 46.72 21.58
C SER C 621 20.08 47.44 20.24
N TYR C 622 19.23 46.86 19.38
CA TYR C 622 19.01 47.40 18.03
C TYR C 622 17.57 47.85 17.82
N GLY C 623 16.81 48.08 18.89
CA GLY C 623 15.45 48.54 18.75
C GLY C 623 14.45 47.65 19.47
N SER C 624 13.21 48.11 19.60
CA SER C 624 12.17 47.32 20.26
C SER C 624 11.73 46.16 19.40
N PHE C 625 11.63 46.38 18.08
CA PHE C 625 11.25 45.31 17.17
C PHE C 625 12.40 44.32 16.99
N SER C 626 13.64 44.80 17.05
CA SER C 626 14.79 43.93 16.82
C SER C 626 15.03 43.02 18.00
N ASP C 627 14.62 43.43 19.20
CA ASP C 627 14.77 42.58 20.37
C ASP C 627 13.78 41.43 20.36
N ALA C 628 12.60 41.66 19.77
CA ALA C 628 11.55 40.65 19.81
C ALA C 628 11.78 39.56 18.76
N VAL C 629 12.42 39.92 17.64
CA VAL C 629 12.58 38.95 16.55
C VAL C 629 13.79 38.07 16.81
N LEU C 630 14.86 38.65 17.35
CA LEU C 630 16.11 37.90 17.58
C LEU C 630 15.94 36.87 18.69
N GLU C 631 15.01 37.12 19.63
CA GLU C 631 14.77 36.14 20.68
C GLU C 631 13.94 34.96 20.16
N LEU C 632 13.20 35.17 19.07
CA LEU C 632 12.43 34.07 18.50
C LEU C 632 13.29 33.19 17.62
N PHE C 633 14.43 33.72 17.14
CA PHE C 633 15.41 32.85 16.49
C PHE C 633 16.11 31.97 17.51
N LYS C 634 16.49 32.55 18.66
CA LYS C 634 17.24 31.83 19.67
C LYS C 634 16.37 30.79 20.37
N LEU C 635 15.08 31.07 20.51
CA LEU C 635 14.19 30.14 21.17
C LEU C 635 13.84 28.97 20.26
N THR C 636 13.96 29.17 18.94
CA THR C 636 13.71 28.08 18.00
C THR C 636 14.92 27.17 17.90
N ILE C 637 16.13 27.73 17.79
CA ILE C 637 17.34 26.92 17.67
C ILE C 637 17.82 26.36 19.00
N GLY C 638 17.22 26.76 20.11
CA GLY C 638 17.56 26.23 21.41
C GLY C 638 18.56 27.03 22.21
N LEU C 639 18.71 28.32 21.93
CA LEU C 639 19.65 29.17 22.64
C LEU C 639 18.95 30.33 23.32
N GLY C 640 17.71 30.11 23.77
CA GLY C 640 16.93 31.16 24.38
C GLY C 640 17.15 31.30 25.87
N ASP C 641 16.91 32.51 26.38
CA ASP C 641 17.05 32.82 27.79
C ASP C 641 15.74 33.38 28.33
N LEU C 642 15.79 33.87 29.57
CA LEU C 642 14.61 34.38 30.26
C LEU C 642 14.87 35.75 30.89
N ASN C 643 15.88 36.46 30.39
CA ASN C 643 16.23 37.75 30.99
C ASN C 643 15.24 38.85 30.58
N ILE C 644 14.62 38.72 29.42
CA ILE C 644 13.69 39.75 28.95
C ILE C 644 12.28 39.47 29.47
N GLN C 645 11.94 38.20 29.64
CA GLN C 645 10.64 37.78 30.16
C GLN C 645 10.47 38.22 31.61
N GLN C 646 11.57 38.28 32.37
CA GLN C 646 11.50 38.79 33.73
C GLN C 646 11.37 40.31 33.74
N ASN C 647 12.19 40.99 32.93
CA ASN C 647 12.17 42.45 32.87
C ASN C 647 11.28 42.91 31.71
N SER C 648 10.00 42.58 31.83
CA SER C 648 9.00 42.93 30.82
C SER C 648 7.88 43.72 31.48
N LYS C 649 6.89 44.11 30.68
CA LYS C 649 5.70 44.80 31.17
C LYS C 649 4.72 43.80 31.79
N TYR C 650 4.27 42.84 30.98
CA TYR C 650 3.39 41.76 31.43
C TYR C 650 4.17 40.45 31.33
N PRO C 651 4.76 39.97 32.43
CA PRO C 651 5.63 38.78 32.32
C PRO C 651 4.91 37.48 32.02
N ILE C 652 3.68 37.33 32.51
CA ILE C 652 2.93 36.10 32.23
C ILE C 652 2.39 36.12 30.80
N LEU C 653 1.96 37.30 30.33
CA LEU C 653 1.46 37.42 28.96
C LEU C 653 2.59 37.33 27.95
N PHE C 654 3.81 37.67 28.36
CA PHE C 654 4.96 37.53 27.48
C PHE C 654 5.34 36.06 27.30
N LEU C 655 5.02 35.24 28.30
CA LEU C 655 5.41 33.83 28.25
C LEU C 655 4.42 33.01 27.43
N PHE C 656 3.14 33.38 27.45
CA PHE C 656 2.12 32.59 26.77
C PHE C 656 2.23 32.73 25.25
N LEU C 657 2.75 33.85 24.77
CA LEU C 657 3.00 33.97 23.33
C LEU C 657 4.23 33.18 22.93
N LEU C 658 5.14 32.93 23.88
CA LEU C 658 6.30 32.09 23.59
C LEU C 658 5.91 30.62 23.58
N ILE C 659 4.95 30.23 24.43
CA ILE C 659 4.45 28.87 24.45
C ILE C 659 3.64 28.59 23.18
N THR C 660 2.88 29.59 22.73
CA THR C 660 2.11 29.46 21.50
C THR C 660 3.02 29.41 20.28
N TYR C 661 4.16 30.10 20.36
CA TYR C 661 5.12 30.12 19.26
C TYR C 661 5.80 28.77 19.07
N VAL C 662 5.95 28.01 20.16
CA VAL C 662 6.55 26.68 20.07
C VAL C 662 5.56 25.70 19.45
N ILE C 663 4.28 25.85 19.79
CA ILE C 663 3.24 24.96 19.27
C ILE C 663 3.05 25.18 17.77
N LEU C 664 3.05 26.44 17.34
CA LEU C 664 2.96 26.75 15.91
C LEU C 664 4.22 26.32 15.17
N THR C 665 5.38 26.38 15.82
CA THR C 665 6.61 25.93 15.18
C THR C 665 6.61 24.42 15.02
N PHE C 666 6.05 23.70 16.00
CA PHE C 666 6.01 22.24 15.93
C PHE C 666 5.03 21.77 14.87
N VAL C 667 3.96 22.54 14.64
CA VAL C 667 3.01 22.23 13.57
C VAL C 667 3.68 22.41 12.20
N LEU C 668 4.53 23.43 12.09
CA LEU C 668 5.28 23.66 10.85
C LEU C 668 6.28 22.53 10.60
N LEU C 669 6.91 22.02 11.66
CA LEU C 669 7.90 20.96 11.48
C LEU C 669 7.22 19.61 11.24
N LEU C 670 5.96 19.47 11.69
CA LEU C 670 5.29 18.17 11.59
C LEU C 670 4.59 18.01 10.24
N ASN C 671 4.25 19.12 9.59
CA ASN C 671 3.65 19.04 8.27
C ASN C 671 4.70 19.03 7.16
N MET C 672 5.96 19.31 7.51
CA MET C 672 7.04 19.13 6.55
C MET C 672 7.31 17.66 6.30
N LEU C 673 7.09 16.81 7.31
CA LEU C 673 7.30 15.38 7.15
C LEU C 673 6.18 14.75 6.32
N ILE C 674 4.95 15.23 6.49
CA ILE C 674 3.83 14.75 5.70
C ILE C 674 3.96 15.22 4.25
N ALA C 675 4.52 16.41 4.05
CA ALA C 675 4.70 16.93 2.69
C ALA C 675 5.82 16.20 1.96
N LEU C 676 6.81 15.68 2.69
CA LEU C 676 7.86 14.91 2.05
C LEU C 676 7.44 13.46 1.86
N MET C 677 6.33 13.06 2.45
CA MET C 677 5.70 11.78 2.17
C MET C 677 4.53 11.91 1.22
N GLY C 678 4.66 12.76 0.20
CA GLY C 678 3.53 13.08 -0.66
C GLY C 678 3.04 11.91 -1.49
N GLU C 679 1.90 11.38 -1.04
CA GLU C 679 1.02 10.41 -1.70
C GLU C 679 1.57 9.00 -1.79
N THR C 680 2.86 8.80 -1.50
CA THR C 680 3.53 7.50 -1.46
C THR C 680 4.91 7.74 -0.88
N VAL C 681 5.33 6.89 0.07
CA VAL C 681 6.68 6.99 0.61
C VAL C 681 7.69 6.28 -0.29
N GLU C 682 7.21 5.52 -1.27
CA GLU C 682 8.10 4.79 -2.18
C GLU C 682 8.51 5.66 -3.36
N ASN C 683 7.60 6.51 -3.85
CA ASN C 683 7.88 7.31 -5.04
C ASN C 683 8.90 8.41 -4.76
N VAL C 684 9.06 8.77 -3.48
CA VAL C 684 10.15 9.66 -3.09
C VAL C 684 11.47 8.92 -3.20
N SER C 685 11.47 7.64 -2.84
CA SER C 685 12.68 6.82 -2.95
C SER C 685 12.93 6.40 -4.39
N LYS C 686 11.88 6.43 -5.23
CA LYS C 686 12.07 6.09 -6.64
C LYS C 686 12.72 7.24 -7.40
N GLU C 687 12.29 8.49 -7.12
CA GLU C 687 12.78 9.63 -7.89
C GLU C 687 14.21 9.98 -7.50
N SER C 688 14.63 9.56 -6.30
CA SER C 688 16.01 9.78 -5.88
C SER C 688 16.91 8.67 -6.37
N GLU C 689 16.31 7.57 -6.84
CA GLU C 689 17.11 6.45 -7.32
C GLU C 689 17.28 6.53 -8.83
N ARG C 690 16.29 7.09 -9.53
CA ARG C 690 16.37 7.21 -10.98
C ARG C 690 17.33 8.30 -11.40
N ILE C 691 17.29 9.45 -10.70
CA ILE C 691 18.09 10.58 -11.14
C ILE C 691 19.51 10.48 -10.57
N TRP C 692 19.72 9.56 -9.62
CA TRP C 692 21.07 9.26 -9.19
C TRP C 692 21.84 8.51 -10.27
N ARG C 693 21.17 7.60 -10.96
CA ARG C 693 21.84 6.77 -11.96
C ARG C 693 22.18 7.58 -13.20
N LEU C 694 21.48 8.70 -13.42
CA LEU C 694 21.83 9.59 -14.51
C LEU C 694 23.02 10.45 -14.14
N GLN C 695 23.28 10.64 -12.84
CA GLN C 695 24.46 11.38 -12.40
C GLN C 695 25.71 10.54 -12.56
N ARG C 696 25.59 9.23 -12.39
CA ARG C 696 26.73 8.35 -12.66
C ARG C 696 26.95 8.18 -14.16
N ALA C 697 25.86 8.09 -14.92
CA ALA C 697 25.96 7.88 -16.38
C ALA C 697 26.57 9.08 -17.08
N ARG C 698 26.35 10.28 -16.53
CA ARG C 698 27.05 11.45 -17.05
C ARG C 698 28.50 11.44 -16.62
N THR C 699 28.79 10.92 -15.42
CA THR C 699 30.14 10.93 -14.88
C THR C 699 31.04 9.95 -15.61
N ILE C 700 30.46 8.85 -16.10
CA ILE C 700 31.24 7.84 -16.83
C ILE C 700 31.67 8.38 -18.18
N LEU C 701 30.76 9.04 -18.89
CA LEU C 701 31.07 9.50 -20.25
C LEU C 701 31.96 10.74 -20.24
N GLU C 702 31.98 11.48 -19.13
CA GLU C 702 32.89 12.61 -19.02
C GLU C 702 34.30 12.15 -18.68
N PHE C 703 34.42 11.01 -18.00
CA PHE C 703 35.75 10.45 -17.73
C PHE C 703 36.35 9.83 -18.99
N GLU C 704 35.51 9.41 -19.93
CA GLU C 704 36.01 8.80 -21.15
C GLU C 704 36.61 9.85 -22.09
N LYS C 705 36.11 11.07 -22.02
CA LYS C 705 36.64 12.15 -22.85
C LYS C 705 37.97 12.66 -22.30
N MET C 706 38.26 12.37 -21.03
CA MET C 706 39.51 12.82 -20.43
C MET C 706 40.68 11.96 -20.90
N LEU C 707 40.39 10.73 -21.31
CA LEU C 707 41.41 9.76 -21.70
C LEU C 707 42.04 10.15 -23.03
N PRO C 708 43.32 9.84 -23.24
CA PRO C 708 43.94 10.10 -24.54
C PRO C 708 43.51 9.11 -25.59
N GLU C 709 44.04 9.29 -26.80
CA GLU C 709 43.62 8.49 -27.95
C GLU C 709 44.14 7.05 -27.84
N TRP C 710 45.35 6.88 -27.32
CA TRP C 710 45.94 5.54 -27.25
C TRP C 710 45.34 4.73 -26.11
N LEU C 711 44.71 5.39 -25.15
CA LEU C 711 44.20 4.68 -23.97
C LEU C 711 42.72 4.33 -24.14
N ARG C 712 42.01 5.07 -24.99
CA ARG C 712 40.62 4.71 -25.28
C ARG C 712 40.54 3.44 -26.12
N SER C 713 41.57 3.18 -26.92
CA SER C 713 41.58 1.97 -27.75
C SER C 713 41.87 0.73 -26.91
N ARG C 714 42.54 0.91 -25.76
CA ARG C 714 42.81 -0.22 -24.89
C ARG C 714 41.55 -0.66 -24.14
N PHE C 715 40.75 0.28 -23.66
CA PHE C 715 39.52 -0.04 -22.94
C PHE C 715 38.30 -0.10 -23.85
N ARG C 716 38.47 -0.43 -25.13
CA ARG C 716 37.33 -0.51 -26.04
C ARG C 716 36.66 -1.86 -25.93
N MET C 717 35.33 -1.85 -25.89
CA MET C 717 34.54 -3.07 -25.81
C MET C 717 34.18 -3.56 -27.20
N GLY C 718 33.87 -4.85 -27.29
CA GLY C 718 33.47 -5.47 -28.53
C GLY C 718 34.52 -6.43 -29.04
N GLU C 719 34.11 -7.23 -30.02
CA GLU C 719 35.00 -8.19 -30.66
C GLU C 719 34.47 -8.47 -32.06
N LEU C 720 35.37 -8.81 -32.97
CA LEU C 720 34.95 -9.09 -34.35
C LEU C 720 34.23 -10.43 -34.42
N CYS C 721 32.99 -10.41 -34.90
CA CYS C 721 32.18 -11.61 -34.99
C CYS C 721 31.65 -11.72 -36.42
N LYS C 722 31.96 -12.81 -37.09
CA LYS C 722 31.45 -13.05 -38.44
C LYS C 722 29.98 -13.44 -38.36
N VAL C 723 29.08 -12.46 -38.50
CA VAL C 723 27.65 -12.71 -38.40
C VAL C 723 27.04 -13.15 -39.73
N ALA C 724 27.71 -12.87 -40.85
CA ALA C 724 27.23 -13.27 -42.17
C ALA C 724 28.39 -13.36 -43.13
N GLU C 725 28.11 -13.51 -44.42
CA GLU C 725 29.15 -13.54 -45.44
C GLU C 725 29.70 -12.13 -45.64
N ASP C 726 30.99 -11.94 -45.33
CA ASP C 726 31.71 -10.66 -45.37
C ASP C 726 31.02 -9.59 -44.53
N ASP C 727 30.66 -9.93 -43.29
CA ASP C 727 30.00 -9.02 -42.37
C ASP C 727 30.63 -9.19 -41.00
N PHE C 728 31.59 -8.33 -40.67
CA PHE C 728 32.28 -8.36 -39.38
C PHE C 728 31.84 -7.16 -38.57
N ARG C 729 31.27 -7.41 -37.40
CA ARG C 729 30.71 -6.37 -36.56
C ARG C 729 31.31 -6.46 -35.16
N LEU C 730 31.55 -5.30 -34.54
CA LEU C 730 32.02 -5.27 -33.16
C LEU C 730 30.86 -5.60 -32.23
N CYS C 731 30.72 -6.87 -31.88
CA CYS C 731 29.61 -7.34 -31.06
C CYS C 731 30.08 -7.55 -29.62
N LEU C 732 29.13 -7.45 -28.69
CA LEU C 732 29.40 -7.64 -27.27
C LEU C 732 28.55 -8.81 -26.78
N ARG C 733 29.18 -9.70 -26.02
CA ARG C 733 28.54 -10.94 -25.61
C ARG C 733 27.82 -10.78 -24.28
N ILE C 734 26.58 -11.25 -24.22
CA ILE C 734 25.79 -11.28 -22.99
C ILE C 734 25.14 -12.66 -22.90
N ASN C 735 25.41 -13.38 -21.82
CA ASN C 735 24.86 -14.72 -21.63
C ASN C 735 23.50 -14.64 -20.94
N GLU C 736 22.71 -15.70 -21.13
CA GLU C 736 21.35 -15.73 -20.61
C GLU C 736 20.94 -17.18 -20.37
N VAL C 737 20.31 -17.42 -19.22
CA VAL C 737 19.80 -18.72 -18.84
C VAL C 737 18.28 -18.61 -18.73
N LYS C 738 17.57 -19.24 -19.66
CA LYS C 738 16.11 -19.16 -19.73
C LYS C 738 15.52 -20.56 -19.62
N TRP C 739 14.69 -20.76 -18.60
CA TRP C 739 14.12 -22.07 -18.30
C TRP C 739 12.69 -22.24 -18.78
N THR C 740 11.97 -21.16 -19.05
CA THR C 740 10.54 -21.22 -19.33
C THR C 740 10.22 -21.76 -20.71
N GLU C 741 10.76 -21.16 -21.77
CA GLU C 741 10.47 -21.56 -23.13
C GLU C 741 11.50 -22.59 -23.59
N TRP C 742 11.02 -23.70 -24.12
CA TRP C 742 11.88 -24.79 -24.58
C TRP C 742 11.70 -24.96 -26.08
N LYS C 743 12.74 -24.60 -26.84
CA LYS C 743 12.71 -24.73 -28.29
C LYS C 743 13.99 -25.38 -28.76
N THR C 744 13.91 -26.03 -29.92
CA THR C 744 15.10 -26.56 -30.59
C THR C 744 15.84 -25.38 -31.22
N HIS C 745 17.16 -25.46 -31.27
CA HIS C 745 17.95 -24.32 -31.72
C HIS C 745 18.44 -24.53 -33.14
N VAL C 746 17.95 -23.69 -34.05
CA VAL C 746 18.40 -23.71 -35.44
C VAL C 746 19.09 -22.42 -35.87
N SER C 747 18.93 -21.32 -35.15
CA SER C 747 19.59 -20.06 -35.48
C SER C 747 20.79 -19.89 -34.56
N PHE C 748 21.98 -20.11 -35.10
CA PHE C 748 23.21 -20.03 -34.32
C PHE C 748 24.38 -19.76 -35.26
N LEU C 749 25.45 -19.21 -34.69
CA LEU C 749 26.67 -18.93 -35.42
C LEU C 749 27.70 -20.04 -35.28
N ASN C 750 27.84 -20.62 -34.10
CA ASN C 750 28.76 -21.71 -33.84
C ASN C 750 27.98 -22.93 -33.37
N GLU C 751 28.25 -24.08 -33.97
CA GLU C 751 27.57 -25.31 -33.59
C GLU C 751 28.19 -25.92 -32.33
N ASP C 752 29.39 -25.49 -31.96
CA ASP C 752 30.05 -25.98 -30.76
C ASP C 752 29.81 -25.01 -29.60
N PRO C 753 29.03 -25.40 -28.60
CA PRO C 753 28.77 -24.50 -27.47
C PRO C 753 29.96 -24.40 -26.54
N GLY C 754 30.22 -23.18 -26.09
CA GLY C 754 31.29 -22.95 -25.14
C GLY C 754 32.16 -21.77 -25.51
N PRO C 755 32.66 -21.05 -24.49
CA PRO C 755 33.58 -19.94 -24.76
C PRO C 755 34.95 -20.41 -25.21
N VAL C 756 35.07 -20.81 -26.47
CA VAL C 756 36.34 -21.27 -27.02
C VAL C 756 36.83 -20.31 -28.08
N ARG D 117 40.99 -34.86 -47.95
CA ARG D 117 40.91 -34.16 -49.23
C ARG D 117 39.47 -33.75 -49.56
N ARG D 118 39.18 -33.58 -50.85
CA ARG D 118 37.88 -33.12 -51.33
C ARG D 118 36.74 -34.09 -51.02
N LEU D 119 37.06 -35.38 -50.84
CA LEU D 119 36.03 -36.37 -50.57
C LEU D 119 35.48 -36.23 -49.15
N LYS D 120 36.34 -35.81 -48.22
CA LYS D 120 35.93 -35.73 -46.82
C LYS D 120 35.05 -34.50 -46.57
N LYS D 121 35.37 -33.38 -47.22
CA LYS D 121 34.68 -32.13 -46.93
C LYS D 121 33.28 -32.11 -47.53
N ARG D 122 33.06 -32.88 -48.61
CA ARG D 122 31.75 -32.90 -49.25
C ARG D 122 30.75 -33.72 -48.46
N ILE D 123 31.24 -34.73 -47.73
CA ILE D 123 30.36 -35.56 -46.92
C ILE D 123 29.94 -34.80 -45.66
N PHE D 124 30.87 -34.02 -45.10
CA PHE D 124 30.56 -33.19 -43.94
C PHE D 124 29.58 -32.08 -44.29
N ALA D 125 29.64 -31.60 -45.53
CA ALA D 125 28.78 -30.49 -45.94
C ALA D 125 27.40 -30.97 -46.35
N ALA D 126 27.30 -32.21 -46.85
CA ALA D 126 26.03 -32.71 -47.37
C ALA D 126 25.06 -33.02 -46.23
N VAL D 127 25.58 -33.30 -45.04
CA VAL D 127 24.72 -33.57 -43.90
C VAL D 127 24.38 -32.30 -43.14
N SER D 128 24.85 -31.15 -43.62
CA SER D 128 24.60 -29.89 -42.91
C SER D 128 23.33 -29.21 -43.39
N GLU D 129 23.25 -28.87 -44.68
CA GLU D 129 22.07 -28.17 -45.18
C GLU D 129 20.88 -29.11 -45.36
N GLY D 130 21.12 -30.33 -45.83
CA GLY D 130 20.03 -31.27 -46.01
C GLY D 130 19.97 -31.89 -47.39
N CYS D 131 21.08 -31.89 -48.11
CA CYS D 131 21.14 -32.50 -49.42
C CYS D 131 21.12 -34.02 -49.28
N VAL D 132 19.93 -34.62 -49.37
CA VAL D 132 19.80 -36.06 -49.16
C VAL D 132 20.28 -36.81 -50.39
N GLU D 133 19.93 -36.31 -51.58
CA GLU D 133 20.28 -37.02 -52.81
C GLU D 133 21.76 -36.89 -53.12
N GLU D 134 22.39 -35.80 -52.67
CA GLU D 134 23.82 -35.63 -52.88
C GLU D 134 24.63 -36.57 -51.99
N LEU D 135 24.07 -36.95 -50.84
CA LEU D 135 24.79 -37.80 -49.89
C LEU D 135 24.82 -39.25 -50.38
N VAL D 136 23.95 -39.58 -51.34
CA VAL D 136 23.83 -40.97 -51.81
C VAL D 136 25.08 -41.38 -52.60
N GLU D 137 25.45 -40.59 -53.61
CA GLU D 137 26.59 -40.97 -54.45
C GLU D 137 27.91 -40.72 -53.74
N LEU D 138 27.91 -39.85 -52.72
CA LEU D 138 29.12 -39.64 -51.94
C LEU D 138 29.43 -40.85 -51.05
N LEU D 139 28.40 -41.58 -50.61
CA LEU D 139 28.62 -42.81 -49.87
C LEU D 139 28.93 -43.97 -50.82
N VAL D 140 28.47 -43.85 -52.07
CA VAL D 140 28.85 -44.83 -53.10
C VAL D 140 30.31 -44.63 -53.48
N GLU D 141 30.74 -43.37 -53.60
CA GLU D 141 32.13 -43.07 -53.94
C GLU D 141 33.07 -43.49 -52.81
N LEU D 142 32.57 -43.43 -51.57
CA LEU D 142 33.33 -43.97 -50.44
C LEU D 142 33.33 -45.50 -50.47
N GLN D 143 32.32 -46.10 -51.11
CA GLN D 143 32.22 -47.55 -51.13
C GLN D 143 33.01 -48.14 -52.30
N GLU D 144 33.14 -47.38 -53.39
CA GLU D 144 33.88 -47.85 -54.56
C GLU D 144 35.38 -47.90 -54.28
N LEU D 145 35.84 -47.13 -53.30
CA LEU D 145 37.27 -47.08 -52.99
C LEU D 145 37.67 -48.23 -52.06
N CYS D 146 36.70 -48.97 -51.55
CA CYS D 146 37.00 -50.00 -50.55
C CYS D 146 37.65 -51.23 -51.17
N ARG D 147 37.43 -51.46 -52.47
CA ARG D 147 37.98 -52.64 -53.12
C ARG D 147 39.39 -52.44 -53.65
N ARG D 148 40.31 -52.03 -52.77
CA ARG D 148 41.73 -52.02 -53.11
C ARG D 148 42.54 -52.47 -51.91
N ARG D 149 41.86 -52.88 -50.84
CA ARG D 149 42.50 -53.34 -49.61
C ARG D 149 41.87 -54.63 -49.12
N HIS D 150 42.24 -55.07 -47.92
CA HIS D 150 41.62 -56.21 -47.25
C HIS D 150 41.07 -55.77 -45.90
N ASP D 151 40.55 -56.74 -45.15
CA ASP D 151 39.66 -56.42 -44.04
C ASP D 151 40.37 -55.95 -42.77
N GLU D 152 41.68 -55.74 -42.84
CA GLU D 152 42.40 -55.20 -41.68
C GLU D 152 42.34 -53.68 -41.69
N ASP D 153 42.36 -53.08 -42.89
CA ASP D 153 42.45 -51.64 -43.03
C ASP D 153 41.14 -50.97 -43.41
N VAL D 154 40.19 -51.71 -43.99
CA VAL D 154 38.90 -51.16 -44.43
C VAL D 154 38.04 -50.67 -43.25
N PRO D 155 37.88 -51.41 -42.09
CA PRO D 155 37.18 -50.78 -40.97
C PRO D 155 37.93 -49.63 -40.33
N ASP D 156 39.26 -49.60 -40.52
CA ASP D 156 40.07 -48.52 -39.96
C ASP D 156 39.99 -47.27 -40.83
N PHE D 157 39.96 -47.46 -42.16
CA PHE D 157 40.04 -46.32 -43.07
C PHE D 157 38.72 -45.56 -43.13
N LEU D 158 37.60 -46.23 -42.84
CA LEU D 158 36.32 -45.56 -42.83
C LEU D 158 36.16 -44.66 -41.61
N MET D 159 36.93 -44.92 -40.56
CA MET D 159 36.88 -44.09 -39.37
C MET D 159 37.65 -42.79 -39.57
N HIS D 160 38.59 -42.78 -40.52
CA HIS D 160 39.36 -41.57 -40.80
C HIS D 160 38.58 -40.60 -41.68
N LYS D 161 37.72 -41.14 -42.55
CA LYS D 161 37.03 -40.31 -43.53
C LYS D 161 35.62 -39.91 -43.10
N LEU D 162 35.06 -40.55 -42.07
CA LEU D 162 33.77 -40.18 -41.53
C LEU D 162 33.87 -39.35 -40.26
N THR D 163 35.06 -39.26 -39.67
CA THR D 163 35.27 -38.48 -38.46
C THR D 163 36.28 -37.38 -38.75
N ALA D 164 36.51 -36.54 -37.74
CA ALA D 164 37.56 -35.52 -37.82
C ALA D 164 38.85 -36.08 -37.26
N SER D 165 39.87 -35.23 -37.12
CA SER D 165 41.16 -35.67 -36.60
C SER D 165 41.56 -34.83 -35.40
N ASP D 166 41.01 -33.63 -35.29
CA ASP D 166 41.34 -32.74 -34.18
C ASP D 166 40.27 -32.70 -33.09
N THR D 167 39.01 -32.94 -33.43
CA THR D 167 37.92 -32.93 -32.45
C THR D 167 37.28 -34.28 -32.25
N GLY D 168 37.08 -35.05 -33.32
CA GLY D 168 36.42 -36.34 -33.24
C GLY D 168 34.97 -36.32 -33.65
N LYS D 169 34.49 -35.26 -34.29
CA LYS D 169 33.10 -35.17 -34.68
C LYS D 169 32.83 -36.03 -35.90
N THR D 170 31.76 -36.82 -35.84
CA THR D 170 31.41 -37.76 -36.89
C THR D 170 30.42 -37.11 -37.85
N CYS D 171 30.01 -37.90 -38.86
CA CYS D 171 28.97 -37.44 -39.76
C CYS D 171 27.60 -37.48 -39.09
N LEU D 172 27.43 -38.39 -38.12
CA LEU D 172 26.16 -38.47 -37.40
C LEU D 172 26.01 -37.31 -36.43
N MET D 173 27.14 -36.85 -35.86
CA MET D 173 27.10 -35.71 -34.94
C MET D 173 26.87 -34.41 -35.70
N LYS D 174 27.35 -34.33 -36.95
CA LYS D 174 27.19 -33.12 -37.74
C LYS D 174 25.74 -32.95 -38.18
N ALA D 175 25.06 -34.06 -38.47
CA ALA D 175 23.67 -33.97 -38.94
C ALA D 175 22.72 -33.65 -37.80
N LEU D 176 23.05 -34.08 -36.58
CA LEU D 176 22.16 -33.84 -35.44
C LEU D 176 22.35 -32.46 -34.83
N LEU D 177 23.51 -31.83 -35.03
CA LEU D 177 23.68 -30.45 -34.59
C LEU D 177 22.95 -29.47 -35.50
N ASN D 178 22.71 -29.86 -36.75
CA ASN D 178 22.03 -28.99 -37.72
C ASN D 178 20.64 -29.58 -37.97
N ILE D 179 19.67 -29.10 -37.20
CA ILE D 179 18.30 -29.59 -37.29
C ILE D 179 17.62 -28.99 -38.52
N ASN D 180 17.34 -29.84 -39.49
CA ASN D 180 16.70 -29.51 -40.76
C ASN D 180 15.47 -30.38 -40.92
N PRO D 181 14.51 -30.05 -41.80
CA PRO D 181 13.32 -30.90 -41.96
C PRO D 181 13.57 -32.26 -42.60
N ASN D 182 14.80 -32.58 -43.03
CA ASN D 182 15.14 -33.92 -43.49
C ASN D 182 16.09 -34.62 -42.52
N THR D 183 15.90 -34.41 -41.21
CA THR D 183 16.84 -34.95 -40.24
C THR D 183 16.52 -36.40 -39.89
N LYS D 184 15.32 -36.87 -40.25
CA LYS D 184 14.94 -38.24 -39.90
C LYS D 184 15.46 -39.22 -40.93
N GLU D 185 15.38 -38.87 -42.22
CA GLU D 185 15.80 -39.78 -43.26
C GLU D 185 17.32 -39.81 -43.42
N ILE D 186 18.00 -38.75 -42.96
CA ILE D 186 19.43 -38.65 -43.19
C ILE D 186 20.19 -39.49 -42.16
N VAL D 187 19.53 -39.84 -41.05
CA VAL D 187 20.15 -40.70 -40.06
C VAL D 187 20.04 -42.16 -40.49
N ARG D 188 18.92 -42.49 -41.15
CA ARG D 188 18.67 -43.86 -41.60
C ARG D 188 19.64 -44.28 -42.71
N ILE D 189 20.15 -43.32 -43.46
CA ILE D 189 21.08 -43.63 -44.55
C ILE D 189 22.48 -43.88 -43.98
N LEU D 190 22.89 -43.05 -43.01
CA LEU D 190 24.24 -43.14 -42.49
C LEU D 190 24.43 -44.36 -41.60
N LEU D 191 23.38 -44.78 -40.89
CA LEU D 191 23.51 -45.94 -40.02
C LEU D 191 23.41 -47.24 -40.81
N ALA D 192 22.73 -47.21 -41.96
CA ALA D 192 22.65 -48.39 -42.80
C ALA D 192 23.97 -48.63 -43.52
N PHE D 193 24.74 -47.58 -43.75
CA PHE D 193 26.05 -47.72 -44.38
C PHE D 193 27.05 -48.34 -43.41
N ALA D 194 26.89 -48.07 -42.12
CA ALA D 194 27.79 -48.64 -41.12
C ALA D 194 27.46 -50.10 -40.84
N GLU D 195 26.21 -50.49 -41.10
CA GLU D 195 25.80 -51.89 -40.91
C GLU D 195 26.36 -52.77 -42.01
N GLU D 196 26.44 -52.24 -43.23
CA GLU D 196 26.96 -52.98 -44.37
C GLU D 196 28.46 -53.17 -44.25
N ASN D 197 29.15 -52.23 -43.61
CA ASN D 197 30.59 -52.36 -43.38
C ASN D 197 30.92 -52.94 -42.01
N ASP D 198 29.90 -53.26 -41.20
CA ASP D 198 30.01 -53.88 -39.88
C ASP D 198 30.86 -53.01 -38.93
N ILE D 199 30.60 -51.71 -39.00
CA ILE D 199 31.31 -50.74 -38.18
C ILE D 199 30.32 -49.89 -37.41
N LEU D 200 29.12 -50.43 -37.19
CA LEU D 200 28.05 -49.67 -36.54
C LEU D 200 28.35 -49.45 -35.06
N GLY D 201 29.05 -50.39 -34.43
CA GLY D 201 29.34 -50.33 -33.02
C GLY D 201 30.28 -49.21 -32.61
N ARG D 202 31.29 -48.94 -33.43
CA ARG D 202 32.25 -47.90 -33.09
C ARG D 202 31.84 -46.55 -33.68
N PHE D 203 30.85 -46.55 -34.56
CA PHE D 203 30.38 -45.31 -35.18
C PHE D 203 29.40 -44.58 -34.28
N ILE D 204 28.40 -45.29 -33.77
CA ILE D 204 27.38 -44.67 -32.94
C ILE D 204 27.89 -44.41 -31.52
N ASN D 205 28.96 -45.10 -31.11
CA ASN D 205 29.48 -44.94 -29.76
C ASN D 205 30.78 -44.14 -29.78
N ALA D 206 30.91 -43.24 -30.73
CA ALA D 206 32.08 -42.38 -30.84
C ALA D 206 31.98 -41.21 -29.87
N GLU D 207 33.13 -40.65 -29.51
CA GLU D 207 33.21 -39.55 -28.57
C GLU D 207 34.13 -38.47 -29.13
N TYR D 208 33.96 -37.24 -28.64
CA TYR D 208 34.86 -36.15 -28.98
C TYR D 208 36.21 -36.34 -28.31
N THR D 209 37.29 -36.09 -29.04
CA THR D 209 38.63 -36.07 -28.47
C THR D 209 39.01 -34.71 -27.93
N GLU D 210 38.11 -33.72 -28.00
CA GLU D 210 38.36 -32.38 -27.52
C GLU D 210 38.29 -32.34 -26.00
N GLU D 211 39.13 -31.52 -25.37
CA GLU D 211 39.13 -31.40 -23.91
C GLU D 211 37.86 -30.78 -23.37
N ALA D 212 37.18 -29.90 -24.11
CA ALA D 212 35.95 -29.29 -23.64
C ALA D 212 34.70 -30.08 -24.01
N TYR D 213 34.84 -31.24 -24.67
CA TYR D 213 33.69 -32.04 -25.05
C TYR D 213 33.91 -33.53 -24.84
N GLU D 214 34.84 -33.92 -23.97
CA GLU D 214 35.24 -35.30 -23.80
C GLU D 214 34.12 -36.13 -23.17
N GLY D 215 33.63 -37.12 -23.93
CA GLY D 215 32.60 -38.02 -23.48
C GLY D 215 31.26 -37.82 -24.17
N GLN D 216 31.10 -36.71 -24.88
CA GLN D 216 29.84 -36.43 -25.55
C GLN D 216 29.68 -37.31 -26.79
N THR D 217 28.53 -37.96 -26.90
CA THR D 217 28.25 -38.88 -27.99
C THR D 217 27.11 -38.32 -28.83
N ALA D 218 26.70 -39.10 -29.82
CA ALA D 218 25.61 -38.67 -30.69
C ALA D 218 24.26 -38.77 -29.99
N LEU D 219 24.18 -39.59 -28.94
CA LEU D 219 22.94 -39.69 -28.18
C LEU D 219 22.70 -38.46 -27.32
N ASN D 220 23.79 -37.84 -26.85
CA ASN D 220 23.66 -36.62 -26.04
C ASN D 220 23.24 -35.43 -26.88
N ILE D 221 23.50 -35.49 -28.19
CA ILE D 221 23.12 -34.38 -29.07
C ILE D 221 21.63 -34.47 -29.40
N ALA D 222 21.14 -35.68 -29.69
CA ALA D 222 19.75 -35.83 -30.14
C ALA D 222 18.77 -35.60 -29.01
N ILE D 223 19.18 -35.84 -27.76
CA ILE D 223 18.34 -35.54 -26.61
C ILE D 223 18.19 -34.03 -26.40
N GLU D 224 19.27 -33.27 -26.58
CA GLU D 224 19.23 -31.83 -26.32
C GLU D 224 18.47 -31.08 -27.42
N ARG D 225 18.45 -31.63 -28.64
CA ARG D 225 17.82 -30.95 -29.76
C ARG D 225 16.34 -31.28 -29.89
N ARG D 226 15.77 -31.90 -28.85
CA ARG D 226 14.35 -32.26 -28.76
C ARG D 226 13.92 -33.19 -29.91
N GLN D 227 14.75 -34.18 -30.19
CA GLN D 227 14.45 -35.18 -31.21
C GLN D 227 14.21 -36.52 -30.53
N GLY D 228 12.96 -36.75 -30.13
CA GLY D 228 12.63 -37.97 -29.43
C GLY D 228 12.51 -39.18 -30.34
N ASP D 229 12.19 -38.93 -31.61
CA ASP D 229 12.07 -40.02 -32.57
C ASP D 229 13.42 -40.51 -33.03
N ILE D 230 14.39 -39.61 -33.15
CA ILE D 230 15.74 -40.00 -33.57
C ILE D 230 16.46 -40.67 -32.41
N ALA D 231 16.26 -40.18 -31.20
CA ALA D 231 16.92 -40.74 -30.03
C ALA D 231 16.40 -42.14 -29.71
N ALA D 232 15.14 -42.40 -30.07
CA ALA D 232 14.61 -43.76 -29.92
C ALA D 232 15.19 -44.69 -30.97
N LEU D 233 15.62 -44.13 -32.11
CA LEU D 233 16.20 -44.94 -33.17
C LEU D 233 17.66 -45.24 -32.90
N LEU D 234 18.34 -44.36 -32.16
CA LEU D 234 19.76 -44.57 -31.88
C LEU D 234 19.96 -45.65 -30.82
N ILE D 235 19.06 -45.72 -29.84
CA ILE D 235 19.18 -46.71 -28.77
C ILE D 235 18.93 -48.11 -29.31
N ALA D 236 17.98 -48.24 -30.24
CA ALA D 236 17.72 -49.52 -30.87
C ALA D 236 18.86 -49.92 -31.80
N ALA D 237 19.60 -48.94 -32.31
CA ALA D 237 20.77 -49.22 -33.13
C ALA D 237 22.00 -49.59 -32.31
N GLY D 238 21.98 -49.37 -30.99
CA GLY D 238 23.09 -49.78 -30.15
C GLY D 238 23.91 -48.65 -29.58
N ALA D 239 23.27 -47.52 -29.27
CA ALA D 239 23.98 -46.39 -28.68
C ALA D 239 24.15 -46.63 -27.19
N ASP D 240 25.26 -46.13 -26.65
CA ASP D 240 25.53 -46.27 -25.22
C ASP D 240 24.66 -45.30 -24.43
N VAL D 241 23.77 -45.85 -23.59
CA VAL D 241 22.90 -45.02 -22.75
C VAL D 241 23.57 -44.61 -21.45
N ASN D 242 24.83 -44.99 -21.23
CA ASN D 242 25.54 -44.62 -20.02
C ASN D 242 26.80 -43.82 -20.36
N ALA D 243 26.69 -42.92 -21.32
CA ALA D 243 27.81 -42.08 -21.73
C ALA D 243 28.05 -40.98 -20.70
N HIS D 244 29.33 -40.75 -20.39
CA HIS D 244 29.74 -39.79 -19.38
C HIS D 244 30.46 -38.63 -20.05
N ALA D 245 29.73 -37.54 -20.28
CA ALA D 245 30.32 -36.34 -20.87
C ALA D 245 31.13 -35.58 -19.83
N LYS D 246 32.40 -35.94 -19.68
CA LYS D 246 33.26 -35.38 -18.65
C LYS D 246 34.04 -34.16 -19.13
N GLY D 247 33.59 -33.51 -20.20
CA GLY D 247 34.30 -32.37 -20.74
C GLY D 247 34.22 -31.12 -19.88
N ALA D 248 35.04 -30.11 -20.21
CA ALA D 248 35.10 -28.88 -19.44
C ALA D 248 33.87 -28.00 -19.61
N PHE D 249 33.16 -28.11 -20.72
CA PHE D 249 31.91 -27.38 -20.90
C PHE D 249 30.78 -27.94 -20.06
N PHE D 250 30.76 -29.25 -19.85
CA PHE D 250 29.67 -29.89 -19.11
C PHE D 250 29.93 -29.92 -17.61
N ASN D 251 31.17 -29.67 -17.19
CA ASN D 251 31.53 -29.53 -15.78
C ASN D 251 32.25 -28.19 -15.62
N PRO D 252 31.50 -27.10 -15.39
CA PRO D 252 32.11 -25.76 -15.36
C PRO D 252 32.98 -25.51 -14.14
N LYS D 253 33.61 -24.33 -14.07
CA LYS D 253 34.51 -24.00 -12.98
C LYS D 253 33.79 -23.37 -11.79
N TYR D 254 33.18 -22.20 -11.95
CA TYR D 254 32.38 -21.65 -10.87
C TYR D 254 30.91 -21.53 -11.26
N GLN D 255 30.63 -20.73 -12.29
CA GLN D 255 29.26 -20.42 -12.73
C GLN D 255 29.32 -20.02 -14.20
N HIS D 256 28.26 -20.40 -14.94
CA HIS D 256 27.90 -19.99 -16.29
C HIS D 256 29.01 -20.05 -17.34
N GLU D 257 30.02 -20.91 -17.15
CA GLU D 257 30.89 -21.26 -18.26
C GLU D 257 30.33 -22.40 -19.09
N GLY D 258 29.20 -22.97 -18.67
CA GLY D 258 28.61 -24.09 -19.37
C GLY D 258 27.27 -24.44 -18.75
N PHE D 259 26.98 -25.73 -18.75
CA PHE D 259 25.73 -26.25 -18.22
C PHE D 259 25.97 -27.64 -17.65
N TYR D 260 25.97 -27.73 -16.31
CA TYR D 260 26.07 -29.01 -15.63
C TYR D 260 24.67 -29.59 -15.46
N PHE D 261 24.47 -30.81 -15.96
CA PHE D 261 23.18 -31.48 -15.87
C PHE D 261 23.24 -32.83 -15.17
N GLY D 262 24.41 -33.47 -15.12
CA GLY D 262 24.54 -34.75 -14.47
C GLY D 262 25.42 -35.71 -15.24
N GLU D 263 25.87 -35.27 -16.41
CA GLU D 263 26.81 -35.96 -17.30
C GLU D 263 26.33 -37.32 -17.78
N THR D 264 25.03 -37.58 -17.72
CA THR D 264 24.45 -38.81 -18.24
C THR D 264 23.28 -38.47 -19.15
N PRO D 265 22.96 -39.35 -20.11
CA PRO D 265 21.76 -39.09 -20.95
C PRO D 265 20.45 -39.16 -20.19
N LEU D 266 20.40 -39.86 -19.05
CA LEU D 266 19.21 -39.88 -18.23
C LEU D 266 19.01 -38.52 -17.53
N ALA D 267 20.11 -37.86 -17.19
CA ALA D 267 20.00 -36.58 -16.50
C ALA D 267 19.75 -35.44 -17.49
N LEU D 268 20.19 -35.60 -18.74
CA LEU D 268 19.97 -34.56 -19.74
C LEU D 268 18.51 -34.47 -20.14
N ALA D 269 17.84 -35.63 -20.21
CA ALA D 269 16.41 -35.63 -20.53
C ALA D 269 15.58 -35.19 -19.32
N ALA D 270 16.14 -35.35 -18.12
CA ALA D 270 15.40 -34.98 -16.92
C ALA D 270 15.53 -33.49 -16.62
N CYS D 271 16.73 -32.94 -16.80
CA CYS D 271 16.97 -31.54 -16.48
C CYS D 271 16.48 -30.58 -17.54
N THR D 272 16.17 -31.06 -18.75
CA THR D 272 15.66 -30.22 -19.82
C THR D 272 14.18 -30.44 -20.08
N ASN D 273 13.47 -31.07 -19.12
CA ASN D 273 12.01 -31.26 -19.11
C ASN D 273 11.56 -32.07 -20.33
N GLN D 274 12.03 -33.31 -20.41
CA GLN D 274 11.69 -34.24 -21.49
C GLN D 274 11.17 -35.53 -20.88
N PRO D 275 9.91 -35.56 -20.43
CA PRO D 275 9.42 -36.73 -19.69
C PRO D 275 9.17 -37.96 -20.54
N GLU D 276 9.11 -37.80 -21.87
CA GLU D 276 8.87 -38.95 -22.74
C GLU D 276 10.15 -39.77 -22.94
N ILE D 277 11.30 -39.10 -22.85
CA ILE D 277 12.56 -39.80 -23.08
C ILE D 277 13.09 -40.40 -21.78
N VAL D 278 12.72 -39.80 -20.64
CA VAL D 278 13.07 -40.36 -19.33
C VAL D 278 12.37 -41.70 -19.12
N GLN D 279 11.11 -41.79 -19.55
CA GLN D 279 10.38 -43.05 -19.47
C GLN D 279 10.91 -44.06 -20.48
N LEU D 280 11.52 -43.56 -21.57
CA LEU D 280 12.10 -44.45 -22.56
C LEU D 280 13.42 -45.05 -22.07
N LEU D 281 14.20 -44.25 -21.34
CA LEU D 281 15.50 -44.71 -20.87
C LEU D 281 15.40 -45.66 -19.70
N MET D 282 14.43 -45.45 -18.80
CA MET D 282 14.29 -46.31 -17.64
C MET D 282 13.78 -47.70 -18.00
N GLU D 283 12.99 -47.82 -19.07
CA GLU D 283 12.57 -49.13 -19.55
C GLU D 283 13.71 -49.90 -20.22
N HIS D 284 14.67 -49.20 -20.81
CA HIS D 284 15.84 -49.84 -21.39
C HIS D 284 16.76 -50.32 -20.27
N GLU D 285 17.21 -51.58 -20.38
CA GLU D 285 17.82 -52.26 -19.24
C GLU D 285 19.34 -52.31 -19.28
N GLN D 286 20.00 -51.58 -20.17
CA GLN D 286 21.40 -51.23 -20.00
C GLN D 286 21.59 -49.92 -19.27
N THR D 287 20.50 -49.25 -18.90
CA THR D 287 20.57 -47.96 -18.21
C THR D 287 20.85 -48.19 -16.74
N ASP D 288 22.00 -47.71 -16.27
CA ASP D 288 22.35 -47.79 -14.85
C ASP D 288 21.92 -46.49 -14.20
N ILE D 289 20.82 -46.57 -13.45
CA ILE D 289 20.27 -45.41 -12.75
C ILE D 289 21.18 -44.95 -11.61
N THR D 290 21.89 -45.88 -10.97
CA THR D 290 22.75 -45.57 -9.84
C THR D 290 24.16 -45.20 -10.27
N SER D 291 24.34 -44.66 -11.48
CA SER D 291 25.65 -44.24 -11.95
C SER D 291 26.12 -43.00 -11.20
N ARG D 292 27.42 -42.92 -11.00
CA ARG D 292 28.05 -41.81 -10.29
C ARG D 292 29.11 -41.19 -11.18
N ASP D 293 29.01 -39.88 -11.39
CA ASP D 293 29.93 -39.16 -12.28
C ASP D 293 31.21 -38.77 -11.55
N SER D 294 32.00 -37.88 -12.15
CA SER D 294 33.25 -37.42 -11.56
C SER D 294 33.05 -36.60 -10.30
N ARG D 295 31.88 -36.00 -10.11
CA ARG D 295 31.57 -35.28 -8.88
C ARG D 295 30.89 -36.15 -7.84
N GLY D 296 30.73 -37.46 -8.11
CA GLY D 296 30.06 -38.36 -7.21
C GLY D 296 28.55 -38.29 -7.23
N ASN D 297 27.98 -37.43 -8.06
CA ASN D 297 26.54 -37.22 -8.11
C ASN D 297 25.86 -38.34 -8.90
N ASN D 298 24.61 -38.61 -8.55
CA ASN D 298 23.75 -39.50 -9.30
C ASN D 298 22.55 -38.71 -9.83
N ILE D 299 21.54 -39.44 -10.30
CA ILE D 299 20.38 -38.84 -10.95
C ILE D 299 19.58 -37.95 -9.98
N LEU D 300 19.64 -38.25 -8.68
CA LEU D 300 18.87 -37.44 -7.74
C LEU D 300 19.71 -36.30 -7.16
N HIS D 301 21.04 -36.42 -7.16
CA HIS D 301 21.88 -35.29 -6.78
C HIS D 301 21.83 -34.19 -7.82
N ALA D 302 21.70 -34.57 -9.11
CA ALA D 302 21.80 -33.59 -10.18
C ALA D 302 20.51 -32.79 -10.33
N LEU D 303 19.37 -33.38 -9.93
CA LEU D 303 18.11 -32.65 -9.99
C LEU D 303 18.04 -31.59 -8.90
N VAL D 304 18.72 -31.82 -7.77
CA VAL D 304 18.78 -30.81 -6.71
C VAL D 304 19.66 -29.65 -7.13
N THR D 305 20.71 -29.92 -7.91
CA THR D 305 21.66 -28.88 -8.31
C THR D 305 21.04 -27.90 -9.30
N VAL D 306 20.33 -28.41 -10.31
CA VAL D 306 19.75 -27.54 -11.34
C VAL D 306 18.41 -26.93 -10.94
N ALA D 307 17.90 -27.26 -9.76
CA ALA D 307 16.58 -26.79 -9.36
C ALA D 307 16.60 -25.32 -8.98
N GLU D 308 15.48 -24.64 -9.22
CA GLU D 308 15.32 -23.23 -8.88
C GLU D 308 13.92 -23.03 -8.31
N ASP D 309 13.52 -21.77 -8.20
CA ASP D 309 12.21 -21.43 -7.64
C ASP D 309 11.09 -21.73 -8.62
N PHE D 310 9.84 -21.67 -8.14
CA PHE D 310 8.68 -21.84 -9.01
C PHE D 310 8.51 -20.66 -9.95
N LYS D 311 8.86 -19.45 -9.52
CA LYS D 311 8.83 -18.30 -10.40
C LYS D 311 9.91 -18.40 -11.46
N THR D 312 11.06 -18.98 -11.12
CA THR D 312 12.17 -19.08 -12.05
C THR D 312 11.93 -20.12 -13.14
N GLN D 313 11.68 -21.39 -12.79
CA GLN D 313 11.53 -22.40 -13.81
C GLN D 313 10.11 -22.93 -13.97
N ASN D 314 9.65 -23.79 -13.05
CA ASN D 314 8.34 -24.42 -12.98
C ASN D 314 8.41 -25.29 -11.74
N ASP D 315 7.40 -26.14 -11.52
CA ASP D 315 7.57 -27.24 -10.58
C ASP D 315 7.95 -28.55 -11.27
N PHE D 316 8.69 -28.52 -12.38
CA PHE D 316 8.92 -29.74 -13.15
C PHE D 316 10.06 -30.57 -12.58
N VAL D 317 11.00 -29.93 -11.87
CA VAL D 317 12.11 -30.67 -11.28
C VAL D 317 11.64 -31.45 -10.06
N LYS D 318 10.51 -31.03 -9.47
CA LYS D 318 9.89 -31.82 -8.42
C LYS D 318 9.18 -33.03 -9.00
N ARG D 319 8.63 -32.91 -10.22
CA ARG D 319 7.94 -34.02 -10.85
C ARG D 319 8.93 -35.02 -11.44
N MET D 320 10.10 -34.55 -11.87
CA MET D 320 11.14 -35.46 -12.33
C MET D 320 11.75 -36.22 -11.16
N TYR D 321 11.74 -35.63 -9.97
CA TYR D 321 12.20 -36.32 -8.77
C TYR D 321 11.23 -37.44 -8.39
N ASP D 322 9.95 -37.25 -8.69
CA ASP D 322 8.92 -38.22 -8.34
C ASP D 322 8.98 -39.43 -9.27
N MET D 323 9.19 -39.18 -10.57
CA MET D 323 9.11 -40.23 -11.58
C MET D 323 10.27 -41.22 -11.49
N ILE D 324 11.46 -40.71 -11.16
CA ILE D 324 12.66 -41.54 -11.16
C ILE D 324 12.75 -42.34 -9.87
N LEU D 325 12.27 -41.75 -8.77
CA LEU D 325 12.36 -42.41 -7.47
C LEU D 325 11.38 -43.59 -7.37
N LEU D 326 10.21 -43.45 -7.99
CA LEU D 326 9.21 -44.52 -7.91
C LEU D 326 9.58 -45.70 -8.81
N ARG D 327 10.35 -45.44 -9.87
CA ARG D 327 10.74 -46.53 -10.77
C ARG D 327 11.80 -47.42 -10.15
N SER D 328 12.71 -46.83 -9.36
CA SER D 328 13.73 -47.60 -8.67
C SER D 328 13.12 -48.43 -7.54
N GLY D 329 12.37 -47.77 -6.66
CA GLY D 329 11.67 -48.48 -5.59
C GLY D 329 12.56 -48.95 -4.45
N ASN D 330 13.68 -48.29 -4.21
CA ASN D 330 14.61 -48.70 -3.18
C ASN D 330 15.11 -47.47 -2.44
N TRP D 331 15.80 -47.71 -1.31
CA TRP D 331 16.49 -46.68 -0.57
C TRP D 331 17.99 -46.64 -0.86
N GLU D 332 18.37 -46.94 -2.11
CA GLU D 332 19.77 -46.90 -2.52
C GLU D 332 20.18 -45.54 -3.05
N LEU D 333 19.28 -44.84 -3.74
CA LEU D 333 19.59 -43.57 -4.39
C LEU D 333 19.69 -42.41 -3.41
N GLU D 334 18.83 -42.36 -2.40
CA GLU D 334 18.86 -41.29 -1.41
C GLU D 334 19.81 -41.57 -0.26
N THR D 335 20.53 -42.69 -0.29
CA THR D 335 21.51 -43.04 0.72
C THR D 335 22.94 -42.83 0.23
N THR D 336 23.17 -42.95 -1.08
CA THR D 336 24.49 -42.80 -1.65
C THR D 336 24.99 -41.37 -1.53
N ARG D 337 26.22 -41.21 -1.03
CA ARG D 337 26.85 -39.92 -0.85
C ARG D 337 27.82 -39.65 -1.99
N ASN D 338 27.96 -38.38 -2.36
CA ASN D 338 28.88 -37.98 -3.42
C ASN D 338 30.31 -37.87 -2.90
N ASN D 339 31.21 -37.29 -3.71
CA ASN D 339 32.60 -37.11 -3.31
C ASN D 339 32.77 -36.12 -2.17
N ASP D 340 31.84 -35.19 -2.00
CA ASP D 340 31.81 -34.30 -0.85
C ASP D 340 31.27 -34.98 0.40
N GLY D 341 30.41 -35.97 0.24
CA GLY D 341 29.85 -36.70 1.37
C GLY D 341 28.43 -36.33 1.73
N LEU D 342 27.58 -36.02 0.76
CA LEU D 342 26.23 -35.57 1.02
C LEU D 342 25.22 -36.39 0.23
N THR D 343 24.07 -36.64 0.85
CA THR D 343 22.90 -37.27 0.25
C THR D 343 22.13 -36.25 -0.57
N PRO D 344 21.18 -36.68 -1.42
CA PRO D 344 20.32 -35.67 -2.09
C PRO D 344 19.42 -34.89 -1.14
N LEU D 345 19.15 -35.42 0.05
CA LEU D 345 18.45 -34.66 1.08
C LEU D 345 19.34 -33.57 1.65
N GLN D 346 20.65 -33.82 1.69
CA GLN D 346 21.56 -32.86 2.33
C GLN D 346 22.10 -31.83 1.34
N LEU D 347 22.00 -32.09 0.04
CA LEU D 347 22.31 -31.03 -0.93
C LEU D 347 21.23 -29.97 -0.97
N ALA D 348 19.98 -30.35 -0.70
CA ALA D 348 18.89 -29.39 -0.68
C ALA D 348 19.00 -28.46 0.52
N ALA D 349 19.59 -28.95 1.62
CA ALA D 349 19.82 -28.10 2.78
C ALA D 349 21.09 -27.27 2.62
N LYS D 350 22.09 -27.82 1.93
CA LYS D 350 23.35 -27.10 1.74
C LYS D 350 23.24 -26.01 0.67
N MET D 351 22.60 -26.31 -0.46
CA MET D 351 22.50 -25.35 -1.55
C MET D 351 21.31 -24.40 -1.40
N GLY D 352 20.41 -24.66 -0.47
CA GLY D 352 19.28 -23.78 -0.24
C GLY D 352 18.11 -23.99 -1.18
N LYS D 353 17.90 -25.20 -1.67
CA LYS D 353 16.81 -25.49 -2.61
C LYS D 353 15.56 -25.86 -1.80
N ALA D 354 14.75 -24.84 -1.54
CA ALA D 354 13.68 -24.97 -0.56
C ALA D 354 12.50 -25.78 -1.09
N GLU D 355 12.23 -25.69 -2.39
CA GLU D 355 11.07 -26.37 -2.94
C GLU D 355 11.31 -27.87 -3.11
N ILE D 356 12.56 -28.25 -3.39
CA ILE D 356 12.91 -29.67 -3.41
C ILE D 356 12.98 -30.21 -1.98
N LEU D 357 13.48 -29.39 -1.05
CA LEU D 357 13.58 -29.82 0.34
C LEU D 357 12.21 -29.91 0.99
N LYS D 358 11.23 -29.16 0.48
CA LYS D 358 9.86 -29.28 0.98
C LYS D 358 9.23 -30.58 0.51
N TYR D 359 9.57 -31.02 -0.71
CA TYR D 359 8.94 -32.22 -1.26
C TYR D 359 9.48 -33.49 -0.64
N ILE D 360 10.80 -33.57 -0.44
CA ILE D 360 11.41 -34.79 0.09
C ILE D 360 11.02 -34.99 1.55
N LEU D 361 10.98 -33.91 2.31
CA LEU D 361 10.80 -33.97 3.76
C LEU D 361 9.36 -34.21 4.17
N SER D 362 8.41 -34.06 3.24
CA SER D 362 6.99 -34.30 3.47
C SER D 362 6.40 -35.16 2.37
N ARG D 363 7.12 -36.22 2.00
CA ARG D 363 6.73 -37.09 0.89
C ARG D 363 5.81 -38.19 1.43
N GLU D 364 4.59 -38.22 0.95
CA GLU D 364 3.59 -39.22 1.33
C GLU D 364 3.11 -39.93 0.08
N ILE D 365 3.45 -41.21 -0.06
CA ILE D 365 3.09 -42.01 -1.21
C ILE D 365 1.87 -42.84 -0.83
N LYS D 366 0.78 -42.66 -1.56
CA LYS D 366 -0.47 -43.33 -1.21
C LYS D 366 -0.52 -44.76 -1.76
N GLU D 367 0.05 -44.96 -2.95
CA GLU D 367 -0.08 -46.24 -3.65
C GLU D 367 0.80 -47.29 -2.98
N LYS D 368 0.23 -48.49 -2.79
CA LYS D 368 0.85 -49.56 -2.04
C LYS D 368 2.05 -50.14 -2.79
N ARG D 369 2.87 -50.92 -2.05
CA ARG D 369 4.12 -51.60 -2.44
C ARG D 369 5.27 -50.60 -2.61
N LEU D 370 4.96 -49.31 -2.56
CA LEU D 370 5.94 -48.22 -2.53
C LEU D 370 5.65 -47.32 -1.33
N ARG D 371 5.00 -47.89 -0.32
CA ARG D 371 4.66 -47.19 0.90
C ARG D 371 5.87 -46.92 1.78
N SER D 372 6.92 -47.74 1.67
CA SER D 372 8.09 -47.58 2.53
C SER D 372 9.04 -46.51 2.02
N LEU D 373 8.73 -45.89 0.88
CA LEU D 373 9.56 -44.80 0.35
C LEU D 373 9.05 -43.46 0.84
N SER D 374 8.07 -43.47 1.73
CA SER D 374 7.46 -42.26 2.26
C SER D 374 8.24 -41.76 3.47
N ARG D 375 8.20 -40.44 3.66
CA ARG D 375 8.68 -39.82 4.88
C ARG D 375 7.58 -39.12 5.65
N LYS D 376 6.34 -39.23 5.19
CA LYS D 376 5.17 -38.70 5.90
C LYS D 376 4.13 -39.81 5.96
N PHE D 377 3.70 -40.15 7.18
CA PHE D 377 2.75 -41.23 7.40
C PHE D 377 1.58 -40.72 8.22
N THR D 378 0.38 -41.20 7.87
CA THR D 378 -0.84 -40.87 8.59
C THR D 378 -1.13 -42.00 9.58
N ASP D 379 -1.21 -41.66 10.86
CA ASP D 379 -1.45 -42.68 11.87
C ASP D 379 -2.94 -42.99 12.00
N TRP D 380 -3.76 -41.95 12.11
CA TRP D 380 -5.21 -42.12 12.18
C TRP D 380 -5.88 -40.88 11.64
N ALA D 381 -7.17 -41.01 11.33
CA ALA D 381 -7.96 -39.90 10.83
C ALA D 381 -9.43 -40.17 11.15
N TYR D 382 -10.15 -39.10 11.49
CA TYR D 382 -11.57 -39.21 11.79
C TYR D 382 -12.24 -37.92 11.35
N GLY D 383 -12.79 -37.91 10.14
CA GLY D 383 -13.40 -36.73 9.59
C GLY D 383 -12.37 -35.68 9.22
N PRO D 384 -12.50 -34.48 9.79
CA PRO D 384 -11.52 -33.42 9.51
C PRO D 384 -10.23 -33.53 10.32
N VAL D 385 -10.23 -34.30 11.41
CA VAL D 385 -9.09 -34.39 12.30
C VAL D 385 -8.23 -35.57 11.86
N SER D 386 -6.94 -35.30 11.65
CA SER D 386 -6.00 -36.33 11.22
C SER D 386 -4.69 -36.15 11.97
N SER D 387 -3.93 -37.24 12.08
CA SER D 387 -2.65 -37.24 12.78
C SER D 387 -1.57 -37.71 11.81
N SER D 388 -0.48 -36.95 11.73
CA SER D 388 0.60 -37.26 10.81
C SER D 388 1.87 -37.63 11.58
N LEU D 389 2.78 -38.30 10.89
CA LEU D 389 4.07 -38.72 11.45
C LEU D 389 5.17 -38.35 10.46
N TYR D 390 6.11 -37.52 10.90
CA TYR D 390 7.22 -37.10 10.05
C TYR D 390 8.47 -37.88 10.40
N ASP D 391 9.15 -38.38 9.37
CA ASP D 391 10.37 -39.16 9.57
C ASP D 391 11.51 -38.25 9.97
N LEU D 392 12.31 -38.69 10.93
CA LEU D 392 13.43 -37.92 11.47
C LEU D 392 14.71 -38.74 11.47
N THR D 393 15.01 -39.40 10.35
CA THR D 393 16.19 -40.26 10.27
C THR D 393 17.47 -39.45 10.23
N ASN D 394 17.56 -38.53 9.27
CA ASN D 394 18.74 -37.68 9.10
C ASN D 394 18.40 -36.20 9.25
N VAL D 395 17.42 -35.89 10.08
CA VAL D 395 16.91 -34.53 10.22
C VAL D 395 17.20 -34.00 11.62
N ASP D 396 16.82 -34.78 12.63
CA ASP D 396 17.07 -34.42 14.01
C ASP D 396 18.56 -34.50 14.31
N THR D 397 19.03 -33.60 15.17
CA THR D 397 20.45 -33.47 15.46
C THR D 397 20.97 -34.60 16.34
N THR D 398 21.03 -35.81 15.80
CA THR D 398 21.59 -36.95 16.51
C THR D 398 22.73 -37.61 15.75
N THR D 399 22.97 -37.21 14.50
CA THR D 399 24.06 -37.69 13.68
C THR D 399 25.05 -36.56 13.43
N ASP D 400 26.05 -36.83 12.58
CA ASP D 400 27.06 -35.84 12.25
C ASP D 400 26.49 -34.71 11.41
N ASN D 401 25.97 -35.04 10.23
CA ASN D 401 25.34 -34.04 9.40
C ASN D 401 23.83 -34.30 9.31
N SER D 402 23.05 -33.37 9.83
CA SER D 402 21.60 -33.47 9.80
C SER D 402 21.05 -32.25 9.06
N VAL D 403 19.79 -32.35 8.64
CA VAL D 403 19.18 -31.30 7.82
C VAL D 403 18.96 -30.04 8.66
N LEU D 404 18.64 -30.22 9.95
CA LEU D 404 18.42 -29.09 10.84
C LEU D 404 19.73 -28.38 11.16
N GLU D 405 20.83 -29.13 11.19
CA GLU D 405 22.13 -28.54 11.51
C GLU D 405 22.72 -27.83 10.30
N ILE D 406 22.50 -28.37 9.10
CA ILE D 406 23.04 -27.76 7.88
C ILE D 406 22.29 -26.48 7.54
N THR D 407 20.96 -26.48 7.76
CA THR D 407 20.13 -25.35 7.34
C THR D 407 20.38 -24.10 8.18
N VAL D 408 20.56 -24.28 9.50
CA VAL D 408 20.76 -23.14 10.38
C VAL D 408 22.16 -22.54 10.20
N TYR D 409 23.19 -23.37 10.12
CA TYR D 409 24.57 -22.90 10.03
C TYR D 409 25.03 -22.64 8.60
N ASN D 410 24.11 -22.37 7.67
CA ASN D 410 24.47 -22.15 6.28
C ASN D 410 24.50 -20.66 6.00
N THR D 411 25.68 -20.05 6.07
CA THR D 411 25.85 -18.63 5.79
C THR D 411 26.13 -18.36 4.32
N ASN D 412 25.93 -19.34 3.44
CA ASN D 412 26.15 -19.17 2.01
C ASN D 412 24.85 -19.01 1.23
N ILE D 413 23.70 -19.16 1.89
CA ILE D 413 22.40 -19.02 1.24
C ILE D 413 21.65 -17.88 1.91
N ASP D 414 20.67 -17.33 1.19
CA ASP D 414 19.90 -16.19 1.66
C ASP D 414 18.42 -16.54 1.79
N ASN D 415 18.10 -17.81 2.02
CA ASN D 415 16.71 -18.22 2.19
C ASN D 415 16.55 -19.22 3.34
N ARG D 416 17.21 -18.96 4.48
CA ARG D 416 17.07 -19.86 5.63
C ARG D 416 15.71 -19.69 6.30
N HIS D 417 15.07 -18.54 6.12
CA HIS D 417 13.75 -18.32 6.72
C HIS D 417 12.69 -19.11 5.98
N GLU D 418 12.90 -19.38 4.69
CA GLU D 418 11.92 -20.14 3.93
C GLU D 418 12.08 -21.64 4.17
N MET D 419 13.24 -22.05 4.66
CA MET D 419 13.50 -23.48 4.82
C MET D 419 13.18 -23.96 6.22
N LEU D 420 13.38 -23.11 7.23
CA LEU D 420 13.06 -23.48 8.61
C LEU D 420 11.59 -23.28 8.94
N THR D 421 10.81 -22.70 8.02
CA THR D 421 9.37 -22.57 8.16
C THR D 421 8.67 -23.91 7.93
N LEU D 422 9.33 -24.85 7.26
CA LEU D 422 8.75 -26.14 6.91
C LEU D 422 8.45 -26.97 8.15
N GLU D 423 7.37 -27.76 8.07
CA GLU D 423 6.63 -28.29 9.21
C GLU D 423 7.41 -29.16 10.20
N PRO D 424 8.34 -30.07 9.81
CA PRO D 424 9.16 -30.69 10.85
C PRO D 424 10.31 -29.83 11.32
N LEU D 425 10.89 -29.01 10.43
CA LEU D 425 11.99 -28.14 10.84
C LEU D 425 11.49 -27.00 11.72
N HIS D 426 10.22 -26.63 11.58
CA HIS D 426 9.63 -25.66 12.47
C HIS D 426 9.33 -26.26 13.84
N THR D 427 8.85 -27.51 13.86
CA THR D 427 8.34 -28.10 15.09
C THR D 427 9.49 -28.58 15.99
N LEU D 428 10.52 -29.19 15.38
CA LEU D 428 11.69 -29.62 16.13
C LEU D 428 12.45 -28.43 16.71
N LEU D 429 12.45 -27.31 16.00
CA LEU D 429 13.13 -26.11 16.50
C LEU D 429 12.29 -25.43 17.58
N HIS D 430 10.99 -25.72 17.61
CA HIS D 430 10.11 -25.12 18.63
C HIS D 430 10.03 -25.99 19.87
N MET D 431 10.12 -27.32 19.71
CA MET D 431 10.05 -28.20 20.86
C MET D 431 11.33 -28.19 21.67
N LYS D 432 12.47 -27.89 21.03
CA LYS D 432 13.73 -27.75 21.75
C LYS D 432 13.72 -26.49 22.61
N TRP D 433 12.99 -25.46 22.17
CA TRP D 433 12.89 -24.23 22.94
C TRP D 433 12.04 -24.41 24.18
N LYS D 434 10.95 -25.17 24.08
CA LYS D 434 10.04 -25.32 25.22
C LYS D 434 10.61 -26.24 26.28
N LYS D 435 11.49 -27.17 25.90
CA LYS D 435 12.00 -28.13 26.87
C LYS D 435 13.20 -27.61 27.64
N PHE D 436 14.26 -27.18 26.96
CA PHE D 436 15.50 -26.85 27.68
C PHE D 436 16.09 -25.50 27.26
N ALA D 437 15.81 -25.04 26.05
CA ALA D 437 16.54 -23.90 25.51
C ALA D 437 16.03 -22.58 26.10
N LYS D 438 14.77 -22.52 26.52
CA LYS D 438 14.26 -21.32 27.17
C LYS D 438 14.78 -21.24 28.61
N HIS D 439 14.95 -22.40 29.24
CA HIS D 439 15.45 -22.42 30.61
C HIS D 439 16.94 -22.12 30.67
N MET D 440 17.69 -22.58 29.67
CA MET D 440 19.12 -22.30 29.63
C MET D 440 19.39 -20.85 29.24
N PHE D 441 18.48 -20.24 28.47
CA PHE D 441 18.67 -18.85 28.06
C PHE D 441 18.39 -17.90 29.21
N PHE D 442 17.41 -18.23 30.05
CA PHE D 442 17.12 -17.41 31.22
C PHE D 442 18.15 -17.62 32.30
N LEU D 443 18.71 -18.83 32.39
CA LEU D 443 19.75 -19.10 33.38
C LEU D 443 21.06 -18.43 32.99
N SER D 444 21.31 -18.31 31.69
CA SER D 444 22.49 -17.58 31.21
C SER D 444 22.36 -16.09 31.45
N PHE D 445 21.11 -15.60 31.46
CA PHE D 445 20.87 -14.19 31.74
C PHE D 445 21.11 -13.86 33.21
N CYS D 446 20.80 -14.80 34.10
CA CYS D 446 20.87 -14.53 35.53
C CYS D 446 22.31 -14.49 36.03
N PHE D 447 23.17 -15.34 35.47
CA PHE D 447 24.58 -15.32 35.90
C PHE D 447 25.33 -14.16 35.28
N TYR D 448 24.81 -13.58 34.19
CA TYR D 448 25.53 -12.50 33.53
C TYR D 448 25.03 -11.14 33.99
N PHE D 449 23.76 -11.06 34.39
CA PHE D 449 23.24 -9.83 34.97
C PHE D 449 23.79 -9.62 36.38
N PHE D 450 24.08 -10.70 37.08
CA PHE D 450 24.73 -10.61 38.39
C PHE D 450 26.22 -10.32 38.22
N TYR D 451 26.76 -10.66 37.05
CA TYR D 451 28.17 -10.42 36.75
C TYR D 451 28.46 -8.95 36.50
N ASN D 452 27.52 -8.24 35.87
CA ASN D 452 27.74 -6.84 35.53
C ASN D 452 27.53 -5.94 36.75
N ILE D 453 26.65 -6.34 37.67
CA ILE D 453 26.40 -5.55 38.87
C ILE D 453 27.59 -5.66 39.81
N THR D 454 28.17 -6.86 39.92
CA THR D 454 29.24 -7.10 40.87
C THR D 454 30.53 -6.39 40.46
N LEU D 455 30.73 -6.20 39.15
CA LEU D 455 31.84 -5.39 38.66
C LEU D 455 31.68 -3.93 39.06
N THR D 456 30.44 -3.45 39.13
CA THR D 456 30.19 -2.06 39.49
C THR D 456 30.33 -1.86 41.00
N LEU D 457 29.93 -2.87 41.79
CA LEU D 457 29.92 -2.72 43.24
C LEU D 457 31.33 -2.81 43.82
N VAL D 458 32.26 -3.46 43.12
CA VAL D 458 33.62 -3.55 43.62
C VAL D 458 34.47 -2.39 43.10
N SER D 459 33.93 -1.56 42.21
CA SER D 459 34.72 -0.52 41.58
C SER D 459 34.28 0.88 41.97
N TYR D 460 33.01 1.07 42.32
CA TYR D 460 32.50 2.41 42.61
C TYR D 460 31.79 2.50 43.95
N TYR D 461 31.58 1.37 44.64
CA TYR D 461 30.85 1.40 45.91
C TYR D 461 31.84 1.34 47.06
N ARG D 462 33.09 1.73 46.82
CA ARG D 462 34.03 1.78 47.93
C ARG D 462 34.53 3.22 48.16
N PRO D 463 33.99 3.91 49.16
CA PRO D 463 34.55 5.21 49.53
C PRO D 463 35.78 5.08 50.43
N ARG D 464 36.95 5.34 49.86
CA ARG D 464 38.19 5.43 50.61
C ARG D 464 38.85 6.79 50.33
N GLU D 465 39.53 7.33 51.35
CA GLU D 465 40.10 8.67 51.25
C GLU D 465 41.21 8.75 50.21
N GLU D 466 42.38 8.16 50.48
CA GLU D 466 43.27 7.80 49.39
C GLU D 466 43.66 6.32 49.46
N GLU D 467 44.33 5.95 50.56
CA GLU D 467 44.76 4.58 50.89
C GLU D 467 45.47 3.82 49.76
N ALA D 468 46.11 4.59 48.85
CA ALA D 468 46.88 4.09 47.70
C ALA D 468 46.10 3.09 46.86
N ILE D 469 45.08 3.58 46.13
CA ILE D 469 43.85 2.90 45.69
C ILE D 469 44.02 1.42 45.31
N PRO D 470 43.35 0.51 46.00
CA PRO D 470 43.45 -0.91 45.66
C PRO D 470 42.65 -1.22 44.41
N HIS D 471 43.23 -2.03 43.55
CA HIS D 471 42.54 -2.49 42.35
C HIS D 471 41.51 -3.55 42.73
N PRO D 472 40.32 -3.55 42.13
CA PRO D 472 39.31 -4.56 42.44
C PRO D 472 39.73 -5.95 41.99
N LEU D 473 38.95 -6.94 42.44
CA LEU D 473 39.20 -8.38 42.28
C LEU D 473 40.54 -8.81 42.88
N ALA D 474 41.02 -8.10 43.90
CA ALA D 474 42.25 -8.48 44.59
C ALA D 474 41.92 -9.17 45.90
N LEU D 475 42.13 -10.50 45.94
CA LEU D 475 41.71 -11.30 47.08
C LEU D 475 42.58 -11.07 48.30
N THR D 476 42.02 -10.43 49.32
CA THR D 476 42.66 -10.21 50.61
C THR D 476 41.84 -10.86 51.71
N HIS D 477 42.42 -10.91 52.91
CA HIS D 477 41.73 -11.43 54.08
C HIS D 477 40.98 -10.29 54.78
N LYS D 478 40.56 -10.55 56.03
CA LYS D 478 39.87 -9.67 56.97
C LYS D 478 38.72 -8.83 56.36
N MET D 479 38.05 -9.40 55.36
CA MET D 479 37.15 -8.62 54.51
C MET D 479 35.68 -8.94 54.71
N GLY D 480 35.30 -10.21 54.77
CA GLY D 480 33.92 -10.58 54.97
C GLY D 480 33.46 -11.53 53.87
N TRP D 481 32.45 -12.35 54.17
CA TRP D 481 31.99 -13.35 53.23
C TRP D 481 31.07 -12.76 52.17
N LEU D 482 30.64 -11.51 52.36
CA LEU D 482 29.86 -10.82 51.33
C LEU D 482 30.73 -10.48 50.13
N GLN D 483 31.92 -9.92 50.38
CA GLN D 483 32.81 -9.52 49.30
C GLN D 483 33.63 -10.70 48.82
N LEU D 484 33.74 -11.74 49.64
CA LEU D 484 34.51 -12.92 49.26
C LEU D 484 33.77 -13.74 48.21
N LEU D 485 32.45 -13.89 48.38
CA LEU D 485 31.66 -14.63 47.41
C LEU D 485 31.47 -13.83 46.13
N GLY D 486 31.58 -12.50 46.23
CA GLY D 486 31.46 -11.63 45.08
C GLY D 486 32.64 -11.69 44.13
N ARG D 487 33.86 -11.52 44.68
CA ARG D 487 35.04 -11.49 43.82
C ARG D 487 35.42 -12.88 43.32
N MET D 488 35.04 -13.92 44.06
CA MET D 488 35.28 -15.28 43.59
C MET D 488 34.34 -15.64 42.43
N PHE D 489 33.15 -15.02 42.41
CA PHE D 489 32.22 -15.27 41.31
C PHE D 489 32.69 -14.60 40.03
N VAL D 490 33.29 -13.41 40.16
CA VAL D 490 33.70 -12.65 38.98
C VAL D 490 34.96 -13.26 38.37
N LEU D 491 35.87 -13.76 39.23
CA LEU D 491 37.12 -14.34 38.76
C LEU D 491 36.89 -15.64 37.99
N ILE D 492 35.95 -16.46 38.46
CA ILE D 492 35.70 -17.75 37.81
C ILE D 492 34.90 -17.55 36.52
N TRP D 493 33.89 -16.67 36.56
CA TRP D 493 33.00 -16.49 35.41
C TRP D 493 33.70 -15.76 34.27
N ALA D 494 34.75 -15.00 34.58
CA ALA D 494 35.54 -14.37 33.53
C ALA D 494 36.43 -15.40 32.83
N MET D 495 36.86 -16.43 33.58
CA MET D 495 37.68 -17.47 33.00
C MET D 495 36.83 -18.52 32.28
N CYS D 496 35.61 -18.74 32.77
CA CYS D 496 34.72 -19.72 32.14
C CYS D 496 34.25 -19.26 30.77
N ILE D 497 34.21 -17.95 30.56
CA ILE D 497 33.89 -17.41 29.23
C ILE D 497 35.12 -17.44 28.35
N SER D 498 36.28 -17.05 28.90
CA SER D 498 37.51 -16.92 28.14
C SER D 498 38.05 -18.26 27.65
N VAL D 499 37.84 -19.32 28.42
CA VAL D 499 38.25 -20.66 28.01
C VAL D 499 37.29 -21.17 26.94
N LYS D 500 35.99 -21.02 27.18
CA LYS D 500 34.96 -21.52 26.28
C LYS D 500 34.95 -20.80 24.94
N GLU D 501 35.11 -19.46 24.97
CA GLU D 501 35.26 -18.72 23.72
C GLU D 501 36.65 -18.92 23.15
N GLY D 502 37.61 -19.33 23.99
CA GLY D 502 38.93 -19.70 23.48
C GLY D 502 38.90 -21.01 22.72
N ILE D 503 37.88 -21.82 22.95
CA ILE D 503 37.66 -23.05 22.18
C ILE D 503 36.99 -22.67 20.87
N ALA D 504 36.04 -21.73 20.93
CA ALA D 504 35.20 -21.39 19.79
C ALA D 504 35.96 -20.69 18.67
N ILE D 505 36.59 -19.56 18.96
CA ILE D 505 37.26 -18.73 17.94
C ILE D 505 38.57 -19.41 17.52
N PHE D 506 39.18 -20.16 18.43
CA PHE D 506 40.55 -20.62 18.23
C PHE D 506 40.64 -22.14 18.10
N LEU D 507 41.87 -22.66 18.19
CA LEU D 507 42.40 -23.92 17.66
C LEU D 507 41.44 -25.11 17.60
N LEU D 508 40.69 -25.35 18.67
CA LEU D 508 39.74 -26.46 18.67
C LEU D 508 38.54 -26.13 17.80
N ARG D 509 38.64 -26.44 16.49
CA ARG D 509 37.69 -26.09 15.43
C ARG D 509 37.43 -24.58 15.43
N PRO D 510 38.38 -23.78 14.87
CA PRO D 510 38.26 -22.31 14.95
C PRO D 510 37.04 -21.72 14.25
N SER D 511 36.70 -22.27 13.07
CA SER D 511 35.50 -21.96 12.30
C SER D 511 35.36 -20.47 11.93
N ASP D 512 36.46 -19.73 11.95
CA ASP D 512 36.38 -18.29 11.67
C ASP D 512 36.73 -17.93 10.23
N LEU D 513 36.56 -18.86 9.29
CA LEU D 513 36.75 -18.57 7.88
C LEU D 513 35.71 -17.57 7.39
N GLN D 514 34.45 -17.99 7.34
CA GLN D 514 33.36 -17.08 7.03
C GLN D 514 32.14 -17.38 7.88
N SER D 515 32.26 -18.33 8.82
CA SER D 515 31.09 -18.75 9.59
C SER D 515 30.82 -17.81 10.75
N ILE D 516 31.82 -17.59 11.60
CA ILE D 516 31.65 -16.70 12.75
C ILE D 516 31.59 -15.25 12.29
N LEU D 517 32.33 -14.90 11.24
CA LEU D 517 32.42 -13.52 10.77
C LEU D 517 31.22 -13.06 9.96
N SER D 518 30.17 -13.86 9.83
CA SER D 518 28.99 -13.48 9.07
C SER D 518 27.75 -13.27 9.92
N ASP D 519 27.40 -14.23 10.78
CA ASP D 519 26.16 -14.14 11.55
C ASP D 519 26.39 -14.42 13.03
N ALA D 520 27.66 -14.42 13.46
CA ALA D 520 27.98 -14.78 14.84
C ALA D 520 29.00 -13.83 15.46
N TRP D 521 28.76 -12.51 15.35
CA TRP D 521 29.73 -11.54 15.85
C TRP D 521 29.73 -11.41 17.38
N PHE D 522 28.85 -12.12 18.09
CA PHE D 522 28.80 -11.98 19.54
C PHE D 522 29.88 -12.82 20.22
N HIS D 523 30.53 -13.73 19.47
CA HIS D 523 31.57 -14.56 20.04
C HIS D 523 32.82 -13.77 20.39
N PHE D 524 33.05 -12.67 19.66
CA PHE D 524 34.24 -11.85 19.92
C PHE D 524 34.02 -10.94 21.12
N VAL D 525 32.84 -10.33 21.23
CA VAL D 525 32.63 -9.30 22.23
C VAL D 525 32.45 -9.89 23.62
N PHE D 526 32.01 -11.14 23.72
CA PHE D 526 32.04 -11.84 25.00
C PHE D 526 33.46 -12.28 25.34
N PHE D 527 34.29 -12.48 24.32
CA PHE D 527 35.67 -12.91 24.55
C PHE D 527 36.55 -11.74 24.95
N ILE D 528 36.36 -10.58 24.32
CA ILE D 528 37.17 -9.40 24.61
C ILE D 528 36.86 -8.89 26.01
N GLN D 529 35.58 -8.93 26.41
CA GLN D 529 35.20 -8.48 27.74
C GLN D 529 35.71 -9.42 28.82
N ALA D 530 35.89 -10.70 28.48
CA ALA D 530 36.39 -11.66 29.45
C ALA D 530 37.89 -11.54 29.64
N VAL D 531 38.61 -11.15 28.58
CA VAL D 531 40.07 -11.02 28.66
C VAL D 531 40.45 -9.79 29.46
N LEU D 532 39.73 -8.67 29.22
CA LEU D 532 40.12 -7.40 29.81
C LEU D 532 39.87 -7.36 31.32
N VAL D 533 39.01 -8.25 31.83
CA VAL D 533 38.89 -8.42 33.27
C VAL D 533 40.12 -9.15 33.81
N ILE D 534 40.56 -10.19 33.10
CA ILE D 534 41.72 -10.97 33.54
C ILE D 534 43.01 -10.20 33.28
N LEU D 535 43.08 -9.46 32.17
CA LEU D 535 44.30 -8.76 31.81
C LEU D 535 44.57 -7.58 32.73
N SER D 536 43.50 -6.96 33.26
CA SER D 536 43.68 -5.81 34.15
C SER D 536 44.21 -6.24 35.51
N VAL D 537 43.95 -7.49 35.89
CA VAL D 537 44.52 -8.03 37.13
C VAL D 537 46.02 -8.30 36.92
N PHE D 538 46.38 -8.73 35.71
CA PHE D 538 47.78 -9.05 35.41
C PHE D 538 48.62 -7.78 35.33
N LEU D 539 48.02 -6.66 34.90
CA LEU D 539 48.77 -5.42 34.81
C LEU D 539 48.97 -4.79 36.18
N TYR D 540 48.09 -5.10 37.14
CA TYR D 540 48.24 -4.53 38.47
C TYR D 540 49.28 -5.28 39.29
N LEU D 541 49.38 -6.60 39.08
CA LEU D 541 50.38 -7.38 39.79
C LEU D 541 51.77 -7.16 39.21
N PHE D 542 51.83 -6.68 37.97
CA PHE D 542 53.11 -6.38 37.33
C PHE D 542 53.48 -4.91 37.51
N ALA D 543 52.73 -4.22 38.37
CA ALA D 543 52.91 -2.82 38.75
C ALA D 543 52.92 -1.87 37.55
N TYR D 544 51.85 -1.90 36.76
CA TYR D 544 51.74 -1.01 35.61
C TYR D 544 50.61 -0.02 35.86
N LYS D 545 50.61 1.06 35.09
CA LYS D 545 49.65 2.14 35.25
C LYS D 545 48.40 1.98 34.38
N GLU D 546 48.17 0.79 33.83
CA GLU D 546 47.01 0.55 32.98
C GLU D 546 46.01 -0.41 33.59
N TYR D 547 46.00 -0.59 34.92
CA TYR D 547 45.06 -1.48 35.58
C TYR D 547 43.65 -0.89 35.60
N LEU D 548 43.55 0.44 35.73
CA LEU D 548 42.25 1.08 35.81
C LEU D 548 41.68 1.31 34.41
N ALA D 549 42.54 1.52 33.43
CA ALA D 549 42.09 1.82 32.07
C ALA D 549 41.48 0.60 31.40
N CYS D 550 42.02 -0.59 31.69
CA CYS D 550 41.48 -1.81 31.11
C CYS D 550 40.21 -2.25 31.83
N LEU D 551 40.03 -1.80 33.07
CA LEU D 551 38.86 -2.19 33.84
C LEU D 551 37.62 -1.41 33.42
N VAL D 552 37.81 -0.15 33.00
CA VAL D 552 36.69 0.69 32.58
C VAL D 552 36.13 0.20 31.24
N LEU D 553 37.02 -0.19 30.32
CA LEU D 553 36.57 -0.75 29.04
C LEU D 553 35.97 -2.14 29.22
N ALA D 554 36.34 -2.82 30.31
CA ALA D 554 35.74 -4.12 30.62
C ALA D 554 34.31 -3.94 31.14
N MET D 555 34.10 -2.89 31.94
CA MET D 555 32.75 -2.66 32.48
C MET D 555 31.85 -1.99 31.46
N ALA D 556 32.41 -1.18 30.56
CA ALA D 556 31.60 -0.52 29.55
C ALA D 556 31.17 -1.51 28.47
N LEU D 557 32.02 -2.48 28.16
CA LEU D 557 31.64 -3.51 27.20
C LEU D 557 30.76 -4.56 27.85
N GLY D 558 30.80 -4.66 29.19
CA GLY D 558 29.98 -5.64 29.88
C GLY D 558 28.51 -5.27 29.88
N TRP D 559 28.20 -3.99 30.07
CA TRP D 559 26.82 -3.55 29.96
C TRP D 559 26.38 -3.43 28.51
N ALA D 560 27.35 -3.30 27.59
CA ALA D 560 27.02 -3.27 26.18
C ALA D 560 26.61 -4.63 25.65
N ASN D 561 27.10 -5.71 26.29
CA ASN D 561 26.79 -7.06 25.83
C ASN D 561 25.46 -7.58 26.38
N MET D 562 24.68 -6.73 27.04
CA MET D 562 23.35 -7.09 27.51
C MET D 562 22.33 -7.12 26.38
N LEU D 563 22.69 -6.64 25.19
CA LEU D 563 21.83 -6.68 24.02
C LEU D 563 21.79 -8.05 23.37
N TYR D 564 22.66 -8.98 23.79
CA TYR D 564 22.56 -10.36 23.33
C TYR D 564 21.31 -11.04 23.88
N TYR D 565 20.89 -10.69 25.09
CA TYR D 565 19.76 -11.33 25.75
C TYR D 565 18.42 -10.72 25.38
N THR D 566 18.39 -9.81 24.41
CA THR D 566 17.13 -9.27 23.90
C THR D 566 16.39 -10.23 22.99
N ARG D 567 17.03 -11.32 22.55
CA ARG D 567 16.44 -12.27 21.63
C ARG D 567 15.58 -13.33 22.31
N GLY D 568 15.25 -13.15 23.58
CA GLY D 568 14.34 -14.05 24.26
C GLY D 568 12.89 -13.71 23.96
N PHE D 569 12.64 -12.45 23.62
CA PHE D 569 11.30 -11.98 23.29
C PHE D 569 11.28 -11.51 21.85
N GLN D 570 10.10 -11.54 21.23
CA GLN D 570 9.98 -11.19 19.82
C GLN D 570 10.03 -9.68 19.62
N SER D 571 9.26 -8.95 20.42
CA SER D 571 9.20 -7.49 20.28
C SER D 571 10.50 -6.84 20.75
N MET D 572 11.10 -7.40 21.81
CA MET D 572 12.41 -6.93 22.25
C MET D 572 13.49 -7.34 21.25
N GLY D 573 13.31 -8.49 20.59
CA GLY D 573 14.32 -8.97 19.68
C GLY D 573 14.31 -8.24 18.35
N MET D 574 13.12 -7.93 17.82
CA MET D 574 13.00 -7.22 16.56
C MET D 574 13.46 -5.77 16.70
N TYR D 575 13.33 -5.20 17.91
CA TYR D 575 13.74 -3.82 18.12
C TYR D 575 15.26 -3.69 18.17
N SER D 576 15.94 -4.73 18.65
CA SER D 576 17.39 -4.67 18.75
C SER D 576 18.06 -4.93 17.40
N VAL D 577 17.36 -5.59 16.49
CA VAL D 577 17.89 -5.79 15.14
C VAL D 577 17.88 -4.47 14.37
N MET D 578 16.84 -3.66 14.59
CA MET D 578 16.73 -2.37 13.92
C MET D 578 17.80 -1.40 14.40
N ILE D 579 18.24 -1.55 15.65
CA ILE D 579 19.33 -0.73 16.18
C ILE D 579 20.65 -1.15 15.55
N GLN D 580 20.83 -2.45 15.36
CA GLN D 580 22.06 -2.95 14.74
C GLN D 580 22.08 -2.66 13.24
N LYS D 581 20.90 -2.46 12.65
CA LYS D 581 20.83 -2.18 11.22
C LYS D 581 21.14 -0.71 10.93
N VAL D 582 20.71 0.19 11.82
CA VAL D 582 20.98 1.62 11.64
C VAL D 582 22.45 1.94 11.93
N ILE D 583 23.02 1.40 13.01
CA ILE D 583 24.39 1.73 13.39
C ILE D 583 25.42 1.18 12.40
N LEU D 584 25.31 -0.09 12.02
CA LEU D 584 26.30 -0.72 11.16
C LEU D 584 26.19 -0.30 9.70
N HIS D 585 25.05 0.23 9.28
CA HIS D 585 24.84 0.49 7.86
C HIS D 585 24.47 1.93 7.55
N ASP D 586 23.70 2.59 8.42
CA ASP D 586 22.99 3.80 8.03
C ASP D 586 23.47 5.05 8.76
N VAL D 587 24.34 4.90 9.77
CA VAL D 587 24.88 6.05 10.47
C VAL D 587 26.01 6.73 9.69
N LEU D 588 26.84 5.97 8.97
CA LEU D 588 27.92 6.57 8.19
C LEU D 588 27.39 7.36 6.99
N LYS D 589 26.14 7.11 6.58
CA LYS D 589 25.49 8.00 5.63
C LYS D 589 25.21 9.35 6.26
N PHE D 590 24.79 9.34 7.53
CA PHE D 590 24.48 10.59 8.22
C PHE D 590 25.74 11.36 8.61
N LEU D 591 26.79 10.65 9.02
CA LEU D 591 27.97 11.31 9.56
C LEU D 591 28.77 11.98 8.46
N PHE D 592 28.94 11.31 7.32
CA PHE D 592 29.82 11.82 6.27
C PHE D 592 29.24 13.06 5.57
N VAL D 593 27.92 13.25 5.69
CA VAL D 593 27.31 14.48 5.21
C VAL D 593 27.26 15.52 6.33
N TYR D 594 27.40 15.06 7.58
CA TYR D 594 27.36 15.98 8.70
C TYR D 594 28.69 16.73 8.85
N ILE D 595 29.81 16.03 8.60
CA ILE D 595 31.12 16.66 8.75
C ILE D 595 31.37 17.70 7.66
N VAL D 596 30.86 17.47 6.44
CA VAL D 596 31.06 18.44 5.38
C VAL D 596 30.13 19.65 5.58
N PHE D 597 29.10 19.48 6.42
CA PHE D 597 28.32 20.63 6.86
C PHE D 597 28.89 21.22 8.15
N LEU D 598 29.64 20.39 8.89
CA LEU D 598 30.36 20.88 10.06
C LEU D 598 31.54 21.76 9.64
N LEU D 599 32.37 21.24 8.74
CA LEU D 599 33.57 21.96 8.33
C LEU D 599 33.24 23.07 7.33
N GLY D 600 32.06 23.00 6.70
CA GLY D 600 31.60 24.06 5.85
C GLY D 600 31.30 25.33 6.62
N PHE D 601 30.64 25.18 7.78
CA PHE D 601 30.45 26.30 8.67
C PHE D 601 31.62 26.44 9.64
N GLY D 602 32.52 25.46 9.67
CA GLY D 602 33.64 25.51 10.60
C GLY D 602 34.71 26.51 10.17
N VAL D 603 35.00 26.55 8.87
CA VAL D 603 36.00 27.50 8.36
C VAL D 603 35.35 28.87 8.18
N ALA D 604 34.02 28.92 8.16
CA ALA D 604 33.33 30.19 8.01
C ALA D 604 33.23 30.92 9.33
N LEU D 605 32.84 30.21 10.40
CA LEU D 605 32.67 30.85 11.71
C LEU D 605 34.00 31.13 12.40
N ALA D 606 35.09 30.48 11.97
CA ALA D 606 36.37 30.66 12.64
C ALA D 606 36.99 32.02 12.32
N SER D 607 36.61 32.61 11.19
CA SER D 607 37.10 33.95 10.86
C SER D 607 36.27 35.03 11.55
N LEU D 608 35.10 34.66 12.08
CA LEU D 608 34.26 35.63 12.76
C LEU D 608 34.60 35.74 14.25
N ILE D 609 35.14 34.66 14.83
CA ILE D 609 35.43 34.61 16.26
C ILE D 609 36.66 35.46 16.59
N GLU D 610 36.48 36.42 17.49
CA GLU D 610 37.61 37.21 17.98
C GLU D 610 38.50 36.34 18.85
N LYS D 611 39.81 36.54 18.76
CA LYS D 611 40.81 35.68 19.38
C LYS D 611 40.76 35.76 20.90
N CYS D 612 40.83 34.59 21.54
CA CYS D 612 40.91 34.39 22.99
C CYS D 612 41.96 35.17 23.78
N PRO D 613 43.22 35.46 23.26
CA PRO D 613 44.19 36.16 24.14
C PRO D 613 43.95 37.63 24.45
N LYS D 614 42.74 38.14 24.28
CA LYS D 614 42.34 39.48 24.73
C LYS D 614 42.72 39.77 26.18
N ASP D 615 42.56 38.78 27.07
CA ASP D 615 42.90 38.96 28.47
C ASP D 615 43.89 37.93 29.03
N ASN D 616 43.86 36.68 28.56
CA ASN D 616 44.73 35.56 28.97
C ASN D 616 44.67 35.28 30.47
N LYS D 617 43.53 35.52 31.12
CA LYS D 617 43.41 35.16 32.54
C LYS D 617 42.65 33.85 32.71
N ASP D 618 41.68 33.60 31.83
CA ASP D 618 40.97 32.33 31.76
C ASP D 618 40.95 31.78 30.34
N CYS D 619 42.03 31.97 29.59
CA CYS D 619 42.10 31.60 28.20
C CYS D 619 42.82 30.26 28.05
N SER D 620 42.05 29.22 27.74
CA SER D 620 42.59 27.89 27.51
C SER D 620 41.99 27.31 26.23
N SER D 621 41.89 28.14 25.19
CA SER D 621 41.33 27.70 23.92
C SER D 621 42.35 26.88 23.16
N TYR D 622 41.88 26.26 22.07
CA TYR D 622 42.72 25.39 21.25
C TYR D 622 42.89 25.91 19.83
N GLY D 623 42.62 27.19 19.58
CA GLY D 623 42.77 27.75 18.25
C GLY D 623 41.52 28.41 17.73
N SER D 624 41.64 29.16 16.64
CA SER D 624 40.48 29.83 16.07
C SER D 624 39.56 28.84 15.38
N PHE D 625 40.13 27.83 14.71
CA PHE D 625 39.31 26.81 14.06
C PHE D 625 38.71 25.87 15.09
N SER D 626 39.41 25.63 16.19
CA SER D 626 38.93 24.68 17.20
C SER D 626 37.78 25.28 18.00
N ASP D 627 37.72 26.60 18.10
CA ASP D 627 36.62 27.23 18.83
C ASP D 627 35.33 27.18 18.00
N ALA D 628 35.45 27.21 16.68
CA ALA D 628 34.27 27.27 15.82
C ALA D 628 33.62 25.89 15.68
N VAL D 629 34.42 24.83 15.73
CA VAL D 629 33.89 23.49 15.49
C VAL D 629 33.26 22.93 16.75
N LEU D 630 33.88 23.20 17.91
CA LEU D 630 33.39 22.67 19.18
C LEU D 630 32.06 23.31 19.60
N GLU D 631 31.81 24.53 19.15
CA GLU D 631 30.53 25.17 19.46
C GLU D 631 29.41 24.62 18.58
N LEU D 632 29.77 24.04 17.43
CA LEU D 632 28.74 23.46 16.57
C LEU D 632 28.37 22.05 17.04
N PHE D 633 29.26 21.40 17.81
CA PHE D 633 28.86 20.17 18.49
C PHE D 633 27.89 20.46 19.63
N LYS D 634 28.19 21.51 20.41
CA LYS D 634 27.38 21.83 21.58
C LYS D 634 26.02 22.37 21.18
N LEU D 635 25.95 23.08 20.06
CA LEU D 635 24.69 23.64 19.61
C LEU D 635 23.79 22.57 18.99
N THR D 636 24.40 21.48 18.51
CA THR D 636 23.61 20.37 17.98
C THR D 636 23.06 19.50 19.10
N ILE D 637 23.89 19.16 20.09
CA ILE D 637 23.44 18.30 21.20
C ILE D 637 22.64 19.06 22.24
N GLY D 638 22.54 20.38 22.14
CA GLY D 638 21.73 21.16 23.06
C GLY D 638 22.46 21.77 24.24
N LEU D 639 23.78 21.92 24.15
CA LEU D 639 24.58 22.49 25.24
C LEU D 639 25.30 23.76 24.80
N GLY D 640 24.67 24.53 23.91
CA GLY D 640 25.30 25.71 23.38
C GLY D 640 25.04 26.96 24.21
N ASP D 641 25.95 27.92 24.11
CA ASP D 641 25.86 29.18 24.82
C ASP D 641 25.94 30.34 23.83
N LEU D 642 26.03 31.56 24.36
CA LEU D 642 26.04 32.77 23.56
C LEU D 642 27.18 33.71 23.96
N ASN D 643 28.21 33.16 24.60
CA ASN D 643 29.32 34.00 25.06
C ASN D 643 30.23 34.42 23.92
N ILE D 644 30.32 33.61 22.87
CA ILE D 644 31.20 33.93 21.75
C ILE D 644 30.49 34.81 20.73
N GLN D 645 29.18 34.62 20.59
CA GLN D 645 28.35 35.41 19.69
C GLN D 645 28.28 36.87 20.12
N GLN D 646 28.36 37.12 21.43
CA GLN D 646 28.42 38.49 21.92
C GLN D 646 29.80 39.10 21.68
N ASN D 647 30.85 38.35 22.03
CA ASN D 647 32.22 38.83 21.87
C ASN D 647 32.80 38.35 20.52
N SER D 648 32.18 38.81 19.45
CA SER D 648 32.57 38.46 18.09
C SER D 648 32.87 39.73 17.29
N LYS D 649 33.24 39.54 16.03
CA LYS D 649 33.47 40.67 15.13
C LYS D 649 32.15 41.19 14.58
N TYR D 650 31.39 40.33 13.90
CA TYR D 650 30.06 40.66 13.40
C TYR D 650 29.05 39.80 14.15
N PRO D 651 28.41 40.35 15.20
CA PRO D 651 27.53 39.50 16.03
C PRO D 651 26.24 39.05 15.36
N ILE D 652 25.68 39.86 14.46
CA ILE D 652 24.47 39.46 13.76
C ILE D 652 24.79 38.46 12.66
N LEU D 653 25.93 38.64 11.99
CA LEU D 653 26.32 37.71 10.93
C LEU D 653 26.79 36.39 11.52
N PHE D 654 27.26 36.41 12.78
CA PHE D 654 27.65 35.16 13.44
C PHE D 654 26.42 34.35 13.83
N LEU D 655 25.29 35.02 14.03
CA LEU D 655 24.08 34.33 14.47
C LEU D 655 23.34 33.69 13.30
N PHE D 656 23.39 34.33 12.12
CA PHE D 656 22.63 33.85 10.97
C PHE D 656 23.23 32.57 10.40
N LEU D 657 24.53 32.35 10.58
CA LEU D 657 25.12 31.08 10.17
C LEU D 657 24.79 29.99 11.18
N LEU D 658 24.47 30.36 12.42
CA LEU D 658 24.03 29.37 13.40
C LEU D 658 22.58 28.98 13.17
N ILE D 659 21.76 29.93 12.71
CA ILE D 659 20.38 29.64 12.36
C ILE D 659 20.32 28.76 11.11
N THR D 660 21.21 29.03 10.15
CA THR D 660 21.28 28.22 8.93
C THR D 660 21.80 26.82 9.24
N TYR D 661 22.66 26.71 10.25
CA TYR D 661 23.23 25.42 10.63
C TYR D 661 22.17 24.52 11.26
N VAL D 662 21.18 25.11 11.94
CA VAL D 662 20.10 24.32 12.54
C VAL D 662 19.16 23.81 11.46
N ILE D 663 18.91 24.65 10.45
CA ILE D 663 18.00 24.27 9.35
C ILE D 663 18.61 23.14 8.53
N LEU D 664 19.91 23.24 8.23
CA LEU D 664 20.60 22.16 7.52
C LEU D 664 20.70 20.89 8.37
N THR D 665 20.83 21.04 9.69
CA THR D 665 20.87 19.86 10.56
C THR D 665 19.51 19.18 10.60
N PHE D 666 18.42 19.96 10.58
CA PHE D 666 17.09 19.39 10.63
C PHE D 666 16.74 18.69 9.31
N VAL D 667 17.29 19.17 8.20
CA VAL D 667 17.10 18.50 6.92
C VAL D 667 17.83 17.15 6.92
N LEU D 668 19.00 17.11 7.55
CA LEU D 668 19.73 15.85 7.68
C LEU D 668 18.99 14.85 8.55
N LEU D 669 18.34 15.33 9.61
CA LEU D 669 17.62 14.43 10.51
C LEU D 669 16.29 14.00 9.90
N LEU D 670 15.75 14.79 8.98
CA LEU D 670 14.43 14.49 8.44
C LEU D 670 14.52 13.54 7.24
N ASN D 671 15.66 13.52 6.56
CA ASN D 671 15.85 12.59 5.45
C ASN D 671 16.39 11.25 5.93
N MET D 672 16.83 11.17 7.19
CA MET D 672 17.19 9.88 7.77
C MET D 672 15.95 9.03 8.02
N LEU D 673 14.83 9.68 8.32
CA LEU D 673 13.58 8.94 8.55
C LEU D 673 13.00 8.42 7.25
N ILE D 674 13.12 9.22 6.17
CA ILE D 674 12.65 8.77 4.86
C ILE D 674 13.55 7.67 4.31
N ALA D 675 14.84 7.71 4.64
CA ALA D 675 15.76 6.68 4.18
C ALA D 675 15.54 5.37 4.93
N LEU D 676 15.08 5.42 6.17
CA LEU D 676 14.78 4.20 6.91
C LEU D 676 13.39 3.67 6.56
N MET D 677 12.60 4.46 5.84
CA MET D 677 11.35 4.00 5.26
C MET D 677 11.49 3.66 3.78
N GLY D 678 12.61 3.05 3.39
CA GLY D 678 12.92 2.86 1.98
C GLY D 678 11.97 1.92 1.29
N GLU D 679 11.08 2.54 0.49
CA GLU D 679 10.18 1.96 -0.51
C GLU D 679 9.02 1.16 0.06
N THR D 680 9.04 0.85 1.35
CA THR D 680 7.96 0.16 2.08
C THR D 680 8.32 0.23 3.56
N VAL D 681 7.34 0.58 4.40
CA VAL D 681 7.58 0.56 5.84
C VAL D 681 7.41 -0.84 6.42
N GLU D 682 6.89 -1.78 5.63
CA GLU D 682 6.68 -3.14 6.09
C GLU D 682 7.93 -3.99 5.89
N ASN D 683 8.65 -3.77 4.78
CA ASN D 683 9.81 -4.59 4.47
C ASN D 683 10.97 -4.34 5.42
N VAL D 684 10.97 -3.17 6.08
CA VAL D 684 11.92 -2.93 7.16
C VAL D 684 11.57 -3.79 8.37
N SER D 685 10.27 -3.95 8.62
CA SER D 685 9.81 -4.79 9.72
C SER D 685 9.90 -6.27 9.36
N LYS D 686 9.94 -6.58 8.05
CA LYS D 686 10.09 -7.97 7.64
C LYS D 686 11.53 -8.45 7.81
N GLU D 687 12.50 -7.61 7.45
CA GLU D 687 13.90 -8.03 7.47
C GLU D 687 14.43 -8.10 8.89
N SER D 688 13.78 -7.39 9.82
CA SER D 688 14.17 -7.47 11.22
C SER D 688 13.48 -8.64 11.91
N GLU D 689 12.46 -9.21 11.27
CA GLU D 689 11.73 -10.33 11.85
C GLU D 689 12.29 -11.66 11.35
N ARG D 690 12.81 -11.67 10.12
CA ARG D 690 13.35 -12.89 9.55
C ARG D 690 14.72 -13.21 10.16
N ILE D 691 15.56 -12.20 10.33
CA ILE D 691 16.93 -12.46 10.78
C ILE D 691 16.98 -12.54 12.30
N TRP D 692 15.89 -12.14 12.97
CA TRP D 692 15.79 -12.39 14.41
C TRP D 692 15.58 -13.87 14.68
N ARG D 693 14.77 -14.55 13.85
CA ARG D 693 14.46 -15.94 14.10
C ARG D 693 15.65 -16.84 13.80
N LEU D 694 16.60 -16.35 12.99
CA LEU D 694 17.83 -17.10 12.77
C LEU D 694 18.80 -16.91 13.94
N GLN D 695 18.63 -15.83 14.70
CA GLN D 695 19.45 -15.64 15.89
C GLN D 695 19.00 -16.55 17.02
N ARG D 696 17.70 -16.84 17.09
CA ARG D 696 17.22 -17.81 18.07
C ARG D 696 17.55 -19.23 17.64
N ALA D 697 17.45 -19.51 16.33
CA ALA D 697 17.70 -20.85 15.81
C ALA D 697 19.16 -21.25 15.97
N ARG D 698 20.07 -20.27 15.91
CA ARG D 698 21.47 -20.55 16.23
C ARG D 698 21.66 -20.74 17.72
N THR D 699 20.88 -20.01 18.53
CA THR D 699 21.04 -20.05 19.98
C THR D 699 20.54 -21.39 20.55
N ILE D 700 19.53 -21.97 19.91
CA ILE D 700 18.98 -23.25 20.37
C ILE D 700 19.98 -24.38 20.14
N LEU D 701 20.60 -24.40 18.96
CA LEU D 701 21.49 -25.50 18.62
C LEU D 701 22.84 -25.38 19.33
N GLU D 702 23.20 -24.17 19.76
CA GLU D 702 24.44 -24.02 20.54
C GLU D 702 24.22 -24.43 21.99
N PHE D 703 22.98 -24.31 22.49
CA PHE D 703 22.68 -24.78 23.83
C PHE D 703 22.60 -26.30 23.89
N GLU D 704 22.30 -26.94 22.76
CA GLU D 704 22.20 -28.39 22.74
C GLU D 704 23.59 -29.03 22.78
N LYS D 705 24.60 -28.33 22.26
CA LYS D 705 25.96 -28.86 22.30
C LYS D 705 26.56 -28.71 23.69
N MET D 706 25.99 -27.83 24.52
CA MET D 706 26.51 -27.63 25.87
C MET D 706 26.11 -28.78 26.78
N LEU D 707 25.02 -29.47 26.45
CA LEU D 707 24.46 -30.54 27.28
C LEU D 707 25.36 -31.77 27.24
N PRO D 708 25.42 -32.54 28.33
CA PRO D 708 26.19 -33.79 28.30
C PRO D 708 25.47 -34.88 27.54
N GLU D 709 26.12 -36.05 27.49
CA GLU D 709 25.62 -37.16 26.68
C GLU D 709 24.37 -37.78 27.30
N TRP D 710 24.33 -37.85 28.64
CA TRP D 710 23.20 -38.50 29.30
C TRP D 710 21.97 -37.59 29.31
N LEU D 711 22.15 -36.29 29.11
CA LEU D 711 21.04 -35.37 29.21
C LEU D 711 20.43 -35.07 27.84
N ARG D 712 21.20 -35.26 26.76
CA ARG D 712 20.65 -35.12 25.43
C ARG D 712 19.70 -36.26 25.08
N SER D 713 19.93 -37.43 25.69
CA SER D 713 19.05 -38.57 25.44
C SER D 713 17.72 -38.41 26.16
N ARG D 714 17.69 -37.62 27.23
CA ARG D 714 16.45 -37.38 27.95
C ARG D 714 15.53 -36.43 27.19
N PHE D 715 16.09 -35.38 26.59
CA PHE D 715 15.30 -34.43 25.81
C PHE D 715 15.24 -34.77 24.33
N ARG D 716 15.36 -36.04 23.97
CA ARG D 716 15.31 -36.41 22.56
C ARG D 716 13.85 -36.56 22.11
N MET D 717 13.56 -36.03 20.92
CA MET D 717 12.22 -36.09 20.33
C MET D 717 12.10 -37.32 19.45
N GLY D 718 10.87 -37.74 19.25
CA GLY D 718 10.56 -38.88 18.40
C GLY D 718 10.06 -40.06 19.20
N GLU D 719 9.51 -41.02 18.47
CA GLU D 719 9.00 -42.25 19.07
C GLU D 719 9.04 -43.34 18.02
N LEU D 720 9.19 -44.60 18.45
CA LEU D 720 9.25 -45.70 17.51
C LEU D 720 7.87 -45.98 16.94
N CYS D 721 7.75 -45.92 15.61
CA CYS D 721 6.48 -46.13 14.94
C CYS D 721 6.69 -47.17 13.86
N LYS D 722 5.94 -48.27 13.94
CA LYS D 722 6.00 -49.31 12.92
C LYS D 722 5.29 -48.83 11.66
N VAL D 723 6.04 -48.27 10.71
CA VAL D 723 5.45 -47.73 9.49
C VAL D 723 5.31 -48.79 8.40
N ALA D 724 6.04 -49.90 8.50
CA ALA D 724 5.95 -50.98 7.53
C ALA D 724 6.42 -52.28 8.18
N GLU D 725 6.59 -53.32 7.37
CA GLU D 725 7.10 -54.59 7.88
C GLU D 725 8.59 -54.46 8.17
N ASP D 726 8.95 -54.62 9.46
CA ASP D 726 10.32 -54.47 9.97
C ASP D 726 10.92 -53.10 9.64
N ASP D 727 10.16 -52.03 9.89
CA ASP D 727 10.58 -50.66 9.60
C ASP D 727 10.16 -49.79 10.77
N PHE D 728 11.07 -49.57 11.71
CA PHE D 728 10.81 -48.74 12.89
C PHE D 728 11.60 -47.44 12.74
N ARG D 729 10.90 -46.31 12.76
CA ARG D 729 11.49 -45.01 12.53
C ARG D 729 11.12 -44.09 13.68
N LEU D 730 12.07 -43.23 14.07
CA LEU D 730 11.79 -42.21 15.08
C LEU D 730 10.96 -41.10 14.47
N CYS D 731 9.64 -41.20 14.59
CA CYS D 731 8.71 -40.26 13.98
C CYS D 731 8.19 -39.29 15.03
N LEU D 732 7.81 -38.11 14.58
CA LEU D 732 7.27 -37.06 15.44
C LEU D 732 5.85 -36.73 14.99
N ARG D 733 4.93 -36.65 15.95
CA ARG D 733 3.52 -36.51 15.65
C ARG D 733 3.11 -35.04 15.57
N ILE D 734 2.39 -34.69 14.51
CA ILE D 734 1.82 -33.36 14.33
C ILE D 734 0.37 -33.53 13.88
N ASN D 735 -0.56 -32.98 14.66
CA ASN D 735 -1.98 -33.09 14.35
C ASN D 735 -2.42 -31.96 13.41
N GLU D 736 -3.52 -32.20 12.70
CA GLU D 736 -4.01 -31.27 11.70
C GLU D 736 -5.51 -31.42 11.56
N VAL D 737 -6.21 -30.30 11.49
CA VAL D 737 -7.66 -30.26 11.31
C VAL D 737 -7.91 -29.55 9.97
N LYS D 738 -8.39 -30.30 8.99
CA LYS D 738 -8.61 -29.79 7.64
C LYS D 738 -10.07 -29.97 7.27
N TRP D 739 -10.75 -28.86 6.98
CA TRP D 739 -12.18 -28.87 6.70
C TRP D 739 -12.51 -28.81 5.21
N THR D 740 -11.59 -28.36 4.37
CA THR D 740 -11.89 -28.10 2.97
C THR D 740 -12.05 -29.34 2.12
N GLU D 741 -11.06 -30.23 2.11
CA GLU D 741 -11.10 -31.43 1.30
C GLU D 741 -11.69 -32.58 2.11
N TRP D 742 -12.67 -33.25 1.54
CA TRP D 742 -13.35 -34.36 2.20
C TRP D 742 -13.10 -35.64 1.40
N LYS D 743 -12.32 -36.55 1.98
CA LYS D 743 -12.01 -37.82 1.33
C LYS D 743 -12.21 -38.94 2.34
N THR D 744 -12.48 -40.13 1.83
CA THR D 744 -12.51 -41.34 2.65
C THR D 744 -11.06 -41.74 2.94
N HIS D 745 -10.82 -42.31 4.12
CA HIS D 745 -9.46 -42.56 4.55
C HIS D 745 -9.12 -44.04 4.39
N VAL D 746 -8.18 -44.33 3.49
CA VAL D 746 -7.70 -45.70 3.30
C VAL D 746 -6.22 -45.86 3.64
N SER D 747 -5.44 -44.78 3.72
CA SER D 747 -4.03 -44.85 4.07
C SER D 747 -3.88 -44.46 5.53
N PHE D 748 -3.66 -45.45 6.39
CA PHE D 748 -3.54 -45.22 7.83
C PHE D 748 -2.75 -46.36 8.46
N LEU D 749 -2.16 -46.07 9.62
CA LEU D 749 -1.42 -47.07 10.38
C LEU D 749 -2.26 -47.73 11.45
N ASN D 750 -3.11 -46.98 12.13
CA ASN D 750 -4.01 -47.51 13.16
C ASN D 750 -5.45 -47.25 12.74
N GLU D 751 -6.27 -48.29 12.83
CA GLU D 751 -7.69 -48.13 12.48
C GLU D 751 -8.49 -47.52 13.61
N ASP D 752 -7.93 -47.49 14.83
CA ASP D 752 -8.59 -46.90 15.98
C ASP D 752 -8.08 -45.47 16.18
N PRO D 753 -8.92 -44.46 15.94
CA PRO D 753 -8.47 -43.09 16.12
C PRO D 753 -8.39 -42.70 17.58
N GLY D 754 -7.34 -41.97 17.92
CA GLY D 754 -7.16 -41.48 19.26
C GLY D 754 -5.77 -41.70 19.80
N PRO D 755 -5.28 -40.75 20.63
CA PRO D 755 -3.96 -40.93 21.26
C PRO D 755 -3.96 -42.00 22.34
N VAL D 756 -3.94 -43.27 21.93
CA VAL D 756 -3.93 -44.37 22.87
C VAL D 756 -2.60 -45.13 22.77
#